data_7BDI
#
_entry.id   7BDI
#
_cell.length_a   99.729
_cell.length_b   118.650
_cell.length_c   187.202
_cell.angle_alpha   90.000
_cell.angle_beta   90.000
_cell.angle_gamma   90.000
#
_symmetry.space_group_name_H-M   'P 21 21 21'
#
loop_
_entity.id
_entity.type
_entity.pdbx_description
1 polymer 'U5 small nuclear ribonucleoprotein 200 kDa helicase'
2 polymer 'Pre-mRNA-processing-splicing factor 8'
3 non-polymer 'PHOSPHOTHIOPHOSPHORIC ACID-ADENYLATE ESTER'
4 non-polymer 'MAGNESIUM ION'
5 water water
#
loop_
_entity_poly.entity_id
_entity_poly.type
_entity_poly.pdbx_seq_one_letter_code
_entity_poly.pdbx_strand_id
1 'polypeptide(L)'
;GAEFMDLDQGGEALAPRQVLDLEDLVFTQGSHFMANKRCQLPDGSFRRQRKGYEEVHVPALKPKPFGSEEQLLPVEKLPK
YAQAGFEGFKTLNRIQSKLYRAALETDENLLLCAPTGAGKTNVALMCMLREIGKHINMDGTINVDDFKIIYIAPMRSLVQ
EMVGSFGKRLATYGITVAELTGDHQLCKEEISATQIIVCTPEKWDIITRKGGERTYTQLVRLIILDEIHLLHDDRGPVLE
ALVARAIRNIEMTQEDVRLIGLSATLPNYEDVATFLRVDPAKGLFYFDNSFRPVPLEQTYVGITEKKAIKRFQIMNEIVY
EKIMEHAGKNQVLVFVHSRKETGKTARAIRDMCLEKDTLGLFLREGSASTEVLRTEAEQCKNLELKDLLPYGFAIHHAGM
TRVDRTLVEDLFADKHIQVLVSTATLAWGVNLPAHTVIIKGTQVYSPEKGRWTELGALDILQMLGRAGRPQYDTKGEGIL
ITSHGELQYYLSLLNQQLPIESQMVSKLPDMLNAEIVLGNVQNAKDAVNWLGYAYLYIRMLRSPTLYGISHDDLKGDPLL
DQRRLDLVHTAALMLDKNNLVKYDKKTGNFQVTELGRIASHYYITNDTVQTYNQLLKPTLSEIELFRVFSLSSEFKNITV
REEEKLELQKLLERVPIPVKESIEEPSAKINVLLQAFISQLKLEGFALMADMVYVTQSAGRLMRAIFEIVLNRGWAQLTD
KTLNLCKMIDKRMWQSMCPLRQFRKLPEEVVKKIEKKNFPFERLYDLNHNEIGELIRMPKMGKTIHKYVHLFPKLELSVH
LQPITRSTLKVELTITPDFQWDEKVHGSSEAFWILVEDVDSEVILHHEYFLLKAKYAQDEHLITFFVPVFEPLPPQYFIR
VVSDRWLSCETQLPVSFRHLILPEKYPPPTELLDLQPLPVSALRNSAFESLYQDKFPFFNPIQTQVFNTVYNSDDNVFVG
APTGSGKTICAEFAILRMLLQSSEGRCVYITPMEALAEQVYMDWYEKFQDRLNKKVVLLTGETSTDLKLLGKGNIIISTP
EKWDILSRRWKQRKNVQNINLFVVDEVHLIGGENGPVLEVICSRMRYISSQIERPIRIVALSSSLSNAKDVAHWLGCSAT
STFNFHPNVRPVPLELHIQGFNISHTQTRLLSMAKPVYHAITKHSPKKPVIVFVPSRKQTRLTAIDILTTCAADIQRQRF
LHCTEKDLIPYLEKLSDSTLKETLLNGVGYLHEGLSPMERRLVEQLFSSGAIQVVVASRSLCWGMNVAAHLVIIMDTQYY
NGKIHAYVDYPIYDVLQMVGHANRPLQDDEGRCVIMCQGSKKDFFKKFLYEPLPVESHLDHCMHDHFNAEIVTKTIENKQ
DAVDYLTWTFLYRRMTQNPNYYNLQGISHRHLSDHLSELVEQTLSDLEQSKCISIEDEMDVAPLNLGMIAAYYYINYTTI
ELFSMSLNAKTKVRGLIEIISNAAEYENIPIRHHEDNLLRQLAQKVPHKLNNPKFNDPHVKTNLLLQAHLSRMQLSAELQ
SDTEEILSKAIRLIQACVDVLSSNGWLSPALAAMELAQMVTQAMWSKDSYLKQLPHFTSEHIKRCTDKGVESVFDIMEME
DEERNALLQLTDSQIADVARFCNRYPNIELSYEVVDKDSIRSGGPVVVLVQLEREEEVTGPVIAPLFPQKREEGWWVVIG
DAKSNSLISIKRLTLQQKAKVKLDFVAPATGAHNYTLYFMSDAYMGCDQEYKFSVDVKEAETDSDSD
;
B
2 'polypeptide(L)'
;GPLGSMTQTFSSKTEWRVRAISAANLHLRTNHIYVSSDDIKETGYTYILPKNVLKKFICISDLRAQIAGYLYGVSPPDNP
QVKEIRCIVMVPQWGTHQTVHLPGQLPQHEYLKEMEPLGWIHTQPNESPQLSPQDVTTHAKIMADNPSWDGEKTIIITCS
FTPGSCTLTAYKLTPSGYEWGRQNTDKGNNPKGYLPSHYERVQMLLSDRFLGFFMVPAQSSWNYNFMGVRHDPNMKYELQ
LANPKEFYHEVHRPSHFLNFALL
;
J
#
# COMPACT_ATOMS: atom_id res chain seq x y z
N LEU A 14 28.92 -29.87 -3.07
CA LEU A 14 27.89 -29.84 -2.04
C LEU A 14 28.19 -30.87 -0.95
N ALA A 15 28.48 -32.09 -1.40
CA ALA A 15 28.75 -33.26 -0.57
C ALA A 15 29.98 -33.02 0.32
N PRO A 16 30.24 -33.87 1.36
CA PRO A 16 31.04 -33.45 2.51
C PRO A 16 31.16 -31.95 2.78
N ARG A 17 30.18 -31.41 3.50
CA ARG A 17 30.26 -30.10 4.11
C ARG A 17 30.54 -30.23 5.60
N GLN A 18 30.75 -29.10 6.26
CA GLN A 18 30.89 -29.09 7.71
C GLN A 18 30.13 -27.90 8.29
N VAL A 19 29.77 -28.04 9.56
CA VAL A 19 29.17 -26.96 10.33
C VAL A 19 30.27 -26.31 11.16
N LEU A 20 30.54 -25.04 10.89
CA LEU A 20 31.58 -24.32 11.59
C LEU A 20 31.01 -23.60 12.81
N ASP A 21 31.90 -23.04 13.61
CA ASP A 21 31.53 -22.20 14.75
C ASP A 21 31.82 -20.76 14.36
N LEU A 22 30.75 -20.01 14.06
CA LEU A 22 30.92 -18.65 13.57
C LEU A 22 31.59 -17.76 14.61
N GLU A 23 31.13 -17.83 15.87
CA GLU A 23 31.69 -16.98 16.91
C GLU A 23 33.15 -17.30 17.22
N ASP A 24 33.63 -18.48 16.81
CA ASP A 24 35.04 -18.79 16.94
C ASP A 24 35.88 -18.09 15.88
N LEU A 25 35.27 -17.67 14.77
CA LEU A 25 35.96 -16.93 13.72
C LEU A 25 35.68 -15.43 13.78
N VAL A 26 35.09 -14.95 14.87
CA VAL A 26 34.69 -13.56 14.99
C VAL A 26 35.82 -12.76 15.63
N PHE A 27 36.14 -11.62 15.04
CA PHE A 27 37.04 -10.65 15.66
C PHE A 27 36.25 -9.93 16.75
N THR A 28 36.51 -10.29 18.00
CA THR A 28 35.71 -9.77 19.10
C THR A 28 35.96 -8.28 19.33
N GLN A 29 37.17 -7.79 19.04
CA GLN A 29 37.49 -6.39 19.28
C GLN A 29 36.78 -5.45 18.32
N GLY A 30 36.28 -5.96 17.20
CA GLY A 30 35.58 -5.09 16.26
C GLY A 30 36.54 -4.16 15.55
N SER A 31 36.25 -2.85 15.63
CA SER A 31 37.14 -1.86 15.03
C SER A 31 38.47 -1.76 15.76
N HIS A 32 38.54 -2.25 17.00
CA HIS A 32 39.78 -2.24 17.76
C HIS A 32 40.67 -3.43 17.44
N PHE A 33 40.27 -4.31 16.52
CA PHE A 33 41.08 -5.45 16.14
C PHE A 33 42.31 -4.97 15.38
N MET A 34 43.49 -5.35 15.87
CA MET A 34 44.77 -4.91 15.30
C MET A 34 45.36 -6.08 14.52
N ALA A 35 45.27 -6.01 13.19
CA ALA A 35 45.79 -7.09 12.36
C ALA A 35 47.31 -7.01 12.19
N ASN A 36 47.87 -5.81 12.14
CA ASN A 36 49.31 -5.66 12.03
C ASN A 36 49.96 -6.00 13.36
N LYS A 37 50.99 -6.85 13.31
CA LYS A 37 51.68 -7.26 14.52
C LYS A 37 52.78 -6.28 14.93
N ARG A 38 53.39 -5.61 13.97
CA ARG A 38 54.44 -4.63 14.23
C ARG A 38 54.02 -3.26 13.71
N CYS A 39 54.66 -2.22 14.24
CA CYS A 39 54.34 -0.84 13.88
C CYS A 39 55.64 -0.06 13.78
N GLN A 40 55.89 0.54 12.61
CA GLN A 40 57.07 1.35 12.36
C GLN A 40 56.64 2.80 12.18
N LEU A 41 57.21 3.70 13.00
CA LEU A 41 56.90 5.11 13.01
C LEU A 41 57.79 5.88 12.04
N PRO A 42 57.31 7.01 11.53
CA PRO A 42 58.16 7.84 10.65
C PRO A 42 59.39 8.35 11.39
N ASP A 43 60.37 8.80 10.60
CA ASP A 43 61.61 9.28 11.17
C ASP A 43 61.37 10.53 12.01
N GLY A 44 62.16 10.66 13.08
CA GLY A 44 62.00 11.75 14.01
C GLY A 44 61.10 11.45 15.19
N SER A 45 60.52 10.26 15.26
CA SER A 45 59.64 9.89 16.35
C SER A 45 60.46 9.57 17.60
N PHE A 46 60.04 10.14 18.73
CA PHE A 46 60.70 9.88 20.01
C PHE A 46 59.63 9.64 21.07
N ARG A 47 60.06 9.15 22.23
CA ARG A 47 59.14 8.86 23.32
C ARG A 47 59.87 9.02 24.65
N ARG A 48 59.21 9.69 25.60
CA ARG A 48 59.76 9.93 26.93
C ARG A 48 59.00 9.12 27.96
N GLN A 49 59.71 8.64 28.98
CA GLN A 49 59.10 8.01 30.14
C GLN A 49 58.94 9.07 31.23
N ARG A 50 57.77 9.12 31.85
CA ARG A 50 57.43 10.23 32.73
C ARG A 50 56.71 9.69 33.97
N LYS A 51 55.94 10.56 34.62
CA LYS A 51 55.29 10.30 35.89
C LYS A 51 54.35 9.10 35.84
N GLY A 52 54.90 7.89 35.87
CA GLY A 52 54.06 6.70 35.83
C GLY A 52 53.28 6.54 34.55
N TYR A 53 53.68 7.22 33.48
CA TYR A 53 53.06 7.06 32.17
C TYR A 53 54.15 7.24 31.11
N GLU A 54 53.74 7.09 29.85
CA GLU A 54 54.65 7.19 28.72
C GLU A 54 54.06 8.08 27.65
N GLU A 55 54.90 8.93 27.07
CA GLU A 55 54.51 9.84 26.00
C GLU A 55 55.25 9.46 24.73
N VAL A 56 54.52 9.36 23.62
CA VAL A 56 55.10 9.07 22.31
C VAL A 56 54.81 10.25 21.39
N HIS A 57 55.85 10.79 20.76
CA HIS A 57 55.74 11.94 19.89
C HIS A 57 56.08 11.54 18.46
N VAL A 58 55.23 11.94 17.52
CA VAL A 58 55.45 11.71 16.10
C VAL A 58 55.53 13.07 15.42
N PRO A 59 56.60 13.39 14.71
CA PRO A 59 56.73 14.72 14.11
C PRO A 59 55.80 14.88 12.91
N ALA A 60 55.63 16.14 12.50
CA ALA A 60 54.79 16.44 11.34
C ALA A 60 55.51 16.04 10.06
N LEU A 61 54.74 15.48 9.13
CA LEU A 61 55.28 15.04 7.84
C LEU A 61 55.29 16.21 6.87
N LYS A 62 56.44 16.40 6.22
CA LYS A 62 56.53 17.45 5.21
C LYS A 62 55.69 17.09 4.00
N PRO A 63 55.06 18.06 3.35
CA PRO A 63 54.28 17.76 2.14
C PRO A 63 55.18 17.19 1.05
N LYS A 64 54.63 16.24 0.29
CA LYS A 64 55.40 15.61 -0.77
C LYS A 64 55.66 16.62 -1.89
N PRO A 65 56.88 16.72 -2.40
CA PRO A 65 57.13 17.58 -3.55
C PRO A 65 56.21 17.24 -4.71
N PHE A 66 55.72 18.27 -5.39
CA PHE A 66 54.70 18.08 -6.42
C PHE A 66 55.19 17.14 -7.50
N GLY A 67 54.33 16.18 -7.86
CA GLY A 67 54.66 15.23 -8.89
C GLY A 67 54.79 15.88 -10.26
N SER A 68 55.28 15.08 -11.20
CA SER A 68 55.41 15.54 -12.58
C SER A 68 54.03 15.58 -13.23
N GLU A 69 53.73 16.70 -13.89
CA GLU A 69 52.40 16.97 -14.43
C GLU A 69 51.35 16.99 -13.31
N GLU A 70 51.60 17.84 -12.30
CA GLU A 70 50.73 17.97 -11.13
C GLU A 70 50.59 19.46 -10.82
N GLN A 71 49.74 20.14 -11.56
CA GLN A 71 49.40 21.53 -11.32
C GLN A 71 47.98 21.63 -10.77
N LEU A 72 47.75 22.61 -9.91
CA LEU A 72 46.43 22.79 -9.32
C LEU A 72 45.48 23.38 -10.35
N LEU A 73 44.41 22.65 -10.65
CA LEU A 73 43.49 23.04 -11.70
C LEU A 73 42.49 24.08 -11.19
N PRO A 74 42.39 25.24 -11.81
CA PRO A 74 41.36 26.21 -11.40
C PRO A 74 39.98 25.76 -11.87
N VAL A 75 38.96 26.29 -11.19
CA VAL A 75 37.59 25.91 -11.49
C VAL A 75 37.19 26.37 -12.89
N GLU A 76 37.84 27.41 -13.41
CA GLU A 76 37.53 27.89 -14.75
C GLU A 76 37.73 26.80 -15.80
N LYS A 77 38.70 25.91 -15.60
CA LYS A 77 38.99 24.86 -16.56
C LYS A 77 38.08 23.65 -16.43
N LEU A 78 37.21 23.63 -15.42
CA LEU A 78 36.24 22.56 -15.30
C LEU A 78 35.16 22.71 -16.38
N PRO A 79 34.42 21.63 -16.66
CA PRO A 79 33.28 21.76 -17.57
C PRO A 79 32.31 22.82 -17.07
N LYS A 80 31.75 23.58 -18.02
CA LYS A 80 30.95 24.76 -17.66
C LYS A 80 29.71 24.39 -16.85
N TYR A 81 29.13 23.20 -17.09
CA TYR A 81 27.95 22.81 -16.35
C TYR A 81 28.28 22.45 -14.89
N ALA A 82 29.54 22.17 -14.58
CA ALA A 82 29.95 21.77 -13.25
C ALA A 82 30.45 22.93 -12.39
N GLN A 83 30.68 24.10 -12.99
CA GLN A 83 31.22 25.23 -12.23
C GLN A 83 30.19 25.82 -11.27
N ALA A 84 28.89 25.63 -11.53
CA ALA A 84 27.88 26.15 -10.64
C ALA A 84 27.92 25.48 -9.27
N GLY A 85 28.25 24.19 -9.23
CA GLY A 85 28.40 23.49 -7.97
C GLY A 85 29.66 23.85 -7.20
N PHE A 86 30.63 24.50 -7.86
CA PHE A 86 31.85 24.95 -7.22
C PHE A 86 31.90 26.47 -7.10
N GLU A 87 30.75 27.14 -7.14
CA GLU A 87 30.70 28.58 -6.97
C GLU A 87 31.13 28.94 -5.55
N GLY A 88 32.24 29.65 -5.43
CA GLY A 88 32.87 29.94 -4.16
C GLY A 88 34.26 29.35 -4.02
N PHE A 89 34.59 28.36 -4.83
CA PHE A 89 35.94 27.79 -4.87
C PHE A 89 36.67 28.30 -6.11
N LYS A 90 37.99 28.41 -5.99
CA LYS A 90 38.83 28.95 -7.05
C LYS A 90 39.72 27.90 -7.69
N THR A 91 40.41 27.10 -6.89
CA THR A 91 41.32 26.07 -7.40
C THR A 91 41.14 24.80 -6.59
N LEU A 92 41.00 23.67 -7.28
CA LEU A 92 40.97 22.39 -6.61
C LEU A 92 42.33 22.10 -5.97
N ASN A 93 42.31 21.42 -4.82
CA ASN A 93 43.54 21.15 -4.11
C ASN A 93 44.34 20.03 -4.77
N ARG A 94 45.22 19.39 -4.00
CA ARG A 94 46.12 18.40 -4.58
C ARG A 94 45.36 17.16 -5.06
N ILE A 95 44.56 16.56 -4.17
CA ILE A 95 43.90 15.31 -4.51
C ILE A 95 42.73 15.53 -5.47
N GLN A 96 42.12 16.71 -5.46
CA GLN A 96 40.96 16.95 -6.30
C GLN A 96 41.35 17.18 -7.75
N SER A 97 42.48 17.84 -7.98
CA SER A 97 42.91 18.09 -9.36
C SER A 97 43.37 16.81 -10.05
N LYS A 98 43.83 15.82 -9.28
CA LYS A 98 44.17 14.52 -9.85
C LYS A 98 42.95 13.63 -10.05
N LEU A 99 41.78 14.03 -9.54
CA LEU A 99 40.58 13.22 -9.60
C LEU A 99 39.48 13.79 -10.48
N TYR A 100 39.64 15.03 -10.97
CA TYR A 100 38.55 15.68 -11.70
C TYR A 100 38.29 14.99 -13.04
N ARG A 101 39.33 14.44 -13.68
CA ARG A 101 39.12 13.75 -14.95
C ARG A 101 38.43 12.40 -14.74
N ALA A 102 38.83 11.67 -13.71
CA ALA A 102 38.22 10.37 -13.43
C ALA A 102 36.82 10.49 -12.85
N ALA A 103 36.45 11.66 -12.34
CA ALA A 103 35.15 11.86 -11.71
C ALA A 103 34.14 12.51 -12.64
N LEU A 104 34.56 13.46 -13.48
CA LEU A 104 33.63 14.18 -14.34
C LEU A 104 33.58 13.65 -15.76
N GLU A 105 34.68 13.12 -16.30
CA GLU A 105 34.73 12.63 -17.66
C GLU A 105 34.93 11.12 -17.72
N THR A 106 34.39 10.40 -16.73
CA THR A 106 34.65 8.97 -16.61
C THR A 106 33.61 8.35 -15.68
N ASP A 107 33.07 7.20 -16.09
CA ASP A 107 32.06 6.49 -15.33
C ASP A 107 32.63 5.31 -14.53
N GLU A 108 33.94 5.30 -14.28
CA GLU A 108 34.56 4.20 -13.57
C GLU A 108 34.21 4.25 -12.08
N ASN A 109 34.27 3.09 -11.44
CA ASN A 109 34.15 3.02 -9.99
C ASN A 109 35.44 3.51 -9.35
N LEU A 110 35.32 4.47 -8.44
CA LEU A 110 36.46 5.12 -7.83
C LEU A 110 36.60 4.74 -6.36
N LEU A 111 37.83 4.73 -5.89
CA LEU A 111 38.15 4.50 -4.48
C LEU A 111 39.27 5.47 -4.11
N LEU A 112 38.94 6.49 -3.30
CA LEU A 112 39.88 7.57 -2.99
C LEU A 112 40.38 7.40 -1.56
N CYS A 113 41.70 7.30 -1.39
CA CYS A 113 42.34 7.17 -0.09
C CYS A 113 43.03 8.49 0.23
N ALA A 114 42.74 9.05 1.41
CA ALA A 114 43.36 10.31 1.82
C ALA A 114 43.08 10.52 3.30
N PRO A 115 43.99 11.17 4.02
CA PRO A 115 43.72 11.49 5.42
C PRO A 115 42.56 12.46 5.57
N THR A 116 41.87 12.35 6.70
CA THR A 116 40.68 13.17 6.94
C THR A 116 41.05 14.65 6.93
N GLY A 117 40.38 15.42 6.08
CA GLY A 117 40.68 16.83 5.89
C GLY A 117 41.31 17.15 4.56
N ALA A 118 41.71 16.13 3.78
CA ALA A 118 42.33 16.36 2.48
C ALA A 118 41.35 16.88 1.43
N GLY A 119 40.06 16.80 1.69
CA GLY A 119 39.07 17.30 0.76
C GLY A 119 38.52 16.25 -0.18
N LYS A 120 38.16 15.09 0.36
CA LYS A 120 37.61 14.02 -0.45
C LYS A 120 36.15 14.25 -0.84
N THR A 121 35.44 15.13 -0.12
CA THR A 121 34.02 15.34 -0.39
C THR A 121 33.81 15.98 -1.76
N ASN A 122 34.68 16.93 -2.13
CA ASN A 122 34.52 17.60 -3.42
C ASN A 122 34.74 16.63 -4.58
N VAL A 123 35.54 15.59 -4.37
CA VAL A 123 35.69 14.57 -5.40
C VAL A 123 34.38 13.82 -5.60
N ALA A 124 33.66 13.54 -4.51
CA ALA A 124 32.34 12.94 -4.63
C ALA A 124 31.35 13.89 -5.26
N LEU A 125 31.52 15.20 -5.08
CA LEU A 125 30.66 16.17 -5.75
C LEU A 125 30.87 16.12 -7.26
N MET A 126 32.12 16.03 -7.70
CA MET A 126 32.40 15.90 -9.12
C MET A 126 31.85 14.59 -9.70
N CYS A 127 31.62 13.59 -8.85
CA CYS A 127 30.92 12.39 -9.29
C CYS A 127 29.42 12.63 -9.38
N MET A 128 28.86 13.37 -8.42
CA MET A 128 27.43 13.68 -8.46
C MET A 128 27.10 14.66 -9.58
N LEU A 129 28.06 15.53 -9.94
CA LEU A 129 27.78 16.50 -10.99
C LEU A 129 27.74 15.85 -12.37
N ARG A 130 28.60 14.85 -12.60
CA ARG A 130 28.56 14.12 -13.86
C ARG A 130 27.23 13.38 -14.01
N GLU A 131 26.69 12.85 -12.92
CA GLU A 131 25.42 12.14 -12.98
C GLU A 131 24.27 13.09 -13.26
N ILE A 132 24.27 14.26 -12.63
CA ILE A 132 23.20 15.24 -12.84
C ILE A 132 23.32 15.83 -14.25
N GLY A 133 24.54 16.01 -14.74
CA GLY A 133 24.73 16.52 -16.09
C GLY A 133 24.20 15.60 -17.17
N LYS A 134 24.01 14.31 -16.86
CA LYS A 134 23.46 13.38 -17.83
C LYS A 134 21.96 13.57 -18.03
N HIS A 135 21.27 14.16 -17.06
CA HIS A 135 19.81 14.23 -17.08
C HIS A 135 19.29 15.65 -17.21
N ILE A 136 20.17 16.63 -17.45
CA ILE A 136 19.70 17.96 -17.83
C ILE A 136 19.10 17.92 -19.23
N ASN A 137 18.23 18.86 -19.52
CA ASN A 137 17.62 18.96 -20.83
C ASN A 137 17.76 20.40 -21.32
N MET A 138 16.97 20.78 -22.33
CA MET A 138 17.19 22.07 -22.99
C MET A 138 16.64 23.22 -22.17
N ASP A 139 15.53 23.00 -21.47
CA ASP A 139 14.84 24.10 -20.81
C ASP A 139 15.68 24.77 -19.74
N GLY A 140 16.80 24.17 -19.34
CA GLY A 140 17.67 24.73 -18.34
C GLY A 140 17.59 24.08 -16.97
N THR A 141 16.69 23.11 -16.79
CA THR A 141 16.55 22.43 -15.51
C THR A 141 17.09 21.00 -15.63
N ILE A 142 16.61 20.12 -14.75
CA ILE A 142 17.01 18.72 -14.72
C ILE A 142 15.74 17.88 -14.65
N ASN A 143 15.64 16.87 -15.51
CA ASN A 143 14.55 15.91 -15.42
C ASN A 143 14.82 15.03 -14.21
N VAL A 144 14.46 15.55 -13.04
CA VAL A 144 14.80 14.95 -11.76
C VAL A 144 13.93 13.72 -11.51
N ASP A 145 13.12 13.35 -12.49
CA ASP A 145 12.39 12.09 -12.48
C ASP A 145 13.20 10.95 -13.08
N ASP A 146 14.42 11.22 -13.55
CA ASP A 146 15.19 10.25 -14.32
C ASP A 146 16.40 9.67 -13.57
N PHE A 147 16.77 10.23 -12.42
CA PHE A 147 17.95 9.74 -11.73
C PHE A 147 17.82 9.99 -10.23
N LYS A 148 18.66 9.29 -9.46
CA LYS A 148 18.75 9.46 -8.03
C LYS A 148 20.14 9.05 -7.58
N ILE A 149 20.69 9.77 -6.60
CA ILE A 149 22.02 9.51 -6.07
C ILE A 149 21.90 9.18 -4.59
N ILE A 150 22.74 8.25 -4.13
CA ILE A 150 22.76 7.81 -2.74
C ILE A 150 24.10 8.20 -2.13
N TYR A 151 24.08 9.04 -1.11
CA TYR A 151 25.26 9.38 -0.34
C TYR A 151 25.15 8.73 1.03
N ILE A 152 26.07 7.82 1.33
CA ILE A 152 26.04 7.04 2.57
C ILE A 152 27.12 7.56 3.48
N ALA A 153 26.72 8.22 4.56
CA ALA A 153 27.60 8.76 5.59
C ALA A 153 27.53 7.93 6.86
N PRO A 154 28.63 7.84 7.61
CA PRO A 154 28.64 6.96 8.79
C PRO A 154 27.73 7.41 9.92
N MET A 155 27.89 8.65 10.37
CA MET A 155 27.16 9.17 11.52
C MET A 155 25.98 10.01 11.07
N ARG A 156 24.87 9.91 11.81
CA ARG A 156 23.67 10.67 11.47
C ARG A 156 23.88 12.16 11.67
N SER A 157 24.79 12.54 12.58
CA SER A 157 25.10 13.95 12.75
C SER A 157 25.72 14.55 11.49
N LEU A 158 26.60 13.79 10.83
CA LEU A 158 27.19 14.25 9.59
C LEU A 158 26.18 14.24 8.45
N VAL A 159 25.18 13.35 8.51
CA VAL A 159 24.16 13.31 7.47
C VAL A 159 23.37 14.61 7.44
N GLN A 160 23.05 15.16 8.61
CA GLN A 160 22.31 16.41 8.67
C GLN A 160 23.12 17.56 8.08
N GLU A 161 24.41 17.61 8.40
CA GLU A 161 25.24 18.73 7.94
C GLU A 161 25.42 18.70 6.43
N MET A 162 25.68 17.53 5.86
CA MET A 162 25.96 17.46 4.42
C MET A 162 24.71 17.66 3.59
N VAL A 163 23.52 17.39 4.14
CA VAL A 163 22.29 17.72 3.42
C VAL A 163 22.19 19.21 3.20
N GLY A 164 22.53 20.00 4.22
CA GLY A 164 22.50 21.45 4.08
C GLY A 164 23.53 21.96 3.08
N SER A 165 24.76 21.47 3.18
CA SER A 165 25.81 21.94 2.30
C SER A 165 25.58 21.47 0.86
N PHE A 166 25.22 20.21 0.67
CA PHE A 166 24.90 19.74 -0.67
C PHE A 166 23.66 20.44 -1.22
N GLY A 167 22.70 20.75 -0.36
CA GLY A 167 21.51 21.46 -0.80
C GLY A 167 21.79 22.89 -1.23
N LYS A 168 22.83 23.51 -0.65
CA LYS A 168 23.20 24.87 -1.01
C LYS A 168 24.15 24.91 -2.21
N ARG A 169 25.11 23.98 -2.27
CA ARG A 169 26.04 23.96 -3.40
C ARG A 169 25.34 23.63 -4.71
N LEU A 170 24.21 22.91 -4.64
CA LEU A 170 23.45 22.54 -5.83
C LEU A 170 22.08 23.21 -5.88
N ALA A 171 21.86 24.24 -5.06
CA ALA A 171 20.59 24.96 -5.11
C ALA A 171 20.40 25.66 -6.44
N THR A 172 21.49 26.07 -7.08
CA THR A 172 21.40 26.71 -8.39
C THR A 172 20.88 25.76 -9.45
N TYR A 173 20.92 24.46 -9.21
CA TYR A 173 20.34 23.49 -10.13
C TYR A 173 18.87 23.22 -9.85
N GLY A 174 18.39 23.52 -8.64
CA GLY A 174 17.03 23.19 -8.27
C GLY A 174 16.87 21.70 -8.05
N ILE A 175 17.52 21.19 -7.01
CA ILE A 175 17.55 19.76 -6.73
C ILE A 175 17.33 19.55 -5.24
N THR A 176 16.46 18.61 -4.91
CA THR A 176 16.11 18.33 -3.51
C THR A 176 17.14 17.41 -2.90
N VAL A 177 17.78 17.86 -1.82
CA VAL A 177 18.64 17.03 -0.98
C VAL A 177 18.08 17.09 0.43
N ALA A 178 17.79 15.92 1.01
CA ALA A 178 17.13 15.89 2.30
C ALA A 178 17.52 14.64 3.07
N GLU A 179 17.60 14.78 4.39
CA GLU A 179 17.69 13.62 5.26
C GLU A 179 16.38 12.84 5.20
N LEU A 180 16.49 11.53 5.41
CA LEU A 180 15.31 10.68 5.28
C LEU A 180 14.34 10.90 6.42
N THR A 181 13.05 10.76 6.13
CA THR A 181 12.01 10.96 7.12
C THR A 181 12.17 9.98 8.28
N GLY A 182 12.53 8.73 7.97
CA GLY A 182 12.91 7.76 8.98
C GLY A 182 11.78 7.17 9.80
N ASP A 183 10.52 7.57 9.56
CA ASP A 183 9.40 7.04 10.32
C ASP A 183 8.15 7.10 9.43
N HIS A 184 8.19 6.32 8.35
CA HIS A 184 7.07 6.29 7.40
C HIS A 184 7.18 5.11 6.44
N GLN A 185 6.56 3.99 6.76
CA GLN A 185 6.33 2.97 5.75
C GLN A 185 5.07 3.24 4.96
N LEU A 186 4.16 4.02 5.52
CA LEU A 186 3.03 4.59 4.81
C LEU A 186 3.45 5.90 4.16
N CYS A 187 2.87 6.18 2.99
CA CYS A 187 3.10 7.44 2.28
C CYS A 187 4.59 7.73 2.18
N LYS A 188 5.36 6.70 1.86
CA LYS A 188 6.80 6.79 1.87
C LYS A 188 7.30 7.79 0.84
N GLU A 189 7.04 9.08 1.07
CA GLU A 189 7.68 10.11 0.27
C GLU A 189 9.13 10.22 0.68
N GLU A 190 9.76 9.07 0.95
CA GLU A 190 11.20 9.01 1.21
C GLU A 190 11.94 9.76 0.12
N ILE A 191 11.52 9.59 -1.13
CA ILE A 191 12.26 10.12 -2.26
C ILE A 191 11.28 10.85 -3.20
N SER A 192 11.14 10.35 -4.44
CA SER A 192 10.42 11.02 -5.51
C SER A 192 10.79 12.50 -5.61
N ALA A 193 10.36 13.29 -4.62
CA ALA A 193 10.72 14.71 -4.62
C ALA A 193 12.22 14.91 -4.49
N THR A 194 12.89 14.06 -3.72
CA THR A 194 14.33 14.17 -3.51
C THR A 194 15.10 13.40 -4.58
N GLN A 195 16.33 13.82 -4.82
CA GLN A 195 17.19 13.20 -5.83
C GLN A 195 18.55 12.77 -5.31
N ILE A 196 19.02 13.32 -4.18
CA ILE A 196 20.27 12.90 -3.56
C ILE A 196 19.96 12.60 -2.11
N ILE A 197 19.83 11.32 -1.78
CA ILE A 197 19.50 10.89 -0.43
C ILE A 197 20.78 10.71 0.35
N VAL A 198 20.87 11.38 1.49
CA VAL A 198 21.99 11.21 2.42
C VAL A 198 21.48 10.39 3.59
N CYS A 199 22.14 9.27 3.87
CA CYS A 199 21.65 8.31 4.85
C CYS A 199 22.84 7.67 5.55
N THR A 200 22.54 6.75 6.46
CA THR A 200 23.49 5.88 7.10
C THR A 200 23.46 4.50 6.45
N PRO A 201 24.52 3.70 6.61
CA PRO A 201 24.49 2.34 6.03
C PRO A 201 23.30 1.52 6.48
N GLU A 202 22.93 1.61 7.75
CA GLU A 202 21.78 0.84 8.24
C GLU A 202 20.47 1.37 7.68
N LYS A 203 20.41 2.67 7.35
CA LYS A 203 19.17 3.24 6.87
C LYS A 203 18.88 2.86 5.42
N TRP A 204 19.91 2.85 4.56
CA TRP A 204 19.69 2.46 3.17
C TRP A 204 19.46 0.96 3.04
N ASP A 205 20.00 0.18 3.96
CA ASP A 205 19.82 -1.27 3.89
C ASP A 205 18.43 -1.69 4.34
N ILE A 206 17.86 -1.00 5.35
CA ILE A 206 16.50 -1.29 5.77
C ILE A 206 15.49 -0.93 4.69
N ILE A 207 15.87 -0.07 3.74
CA ILE A 207 14.98 0.29 2.65
C ILE A 207 15.05 -0.75 1.53
N THR A 208 16.27 -1.08 1.10
CA THR A 208 16.44 -2.06 0.04
C THR A 208 16.04 -3.47 0.48
N ARG A 209 15.99 -3.72 1.79
CA ARG A 209 15.49 -5.01 2.27
C ARG A 209 14.00 -5.18 1.98
N LYS A 210 13.26 -4.08 1.90
CA LYS A 210 11.82 -4.16 1.64
C LYS A 210 11.57 -4.60 0.21
N GLY A 211 10.69 -5.57 0.04
CA GLY A 211 10.29 -6.02 -1.28
C GLY A 211 9.36 -5.03 -1.96
N GLY A 212 8.91 -5.42 -3.15
CA GLY A 212 8.04 -4.58 -3.95
C GLY A 212 8.79 -3.40 -4.53
N GLU A 213 9.22 -3.52 -5.79
CA GLU A 213 10.07 -2.52 -6.40
C GLU A 213 9.26 -1.38 -6.98
N ARG A 214 8.06 -1.13 -6.42
CA ARG A 214 7.43 0.16 -6.61
C ARG A 214 8.21 1.28 -5.92
N THR A 215 9.25 0.91 -5.16
CA THR A 215 10.22 1.85 -4.62
C THR A 215 10.94 2.59 -5.74
N TYR A 216 11.86 3.47 -5.39
CA TYR A 216 12.58 4.28 -6.36
C TYR A 216 14.06 3.92 -6.41
N THR A 217 14.42 2.70 -6.00
CA THR A 217 15.78 2.20 -6.15
C THR A 217 16.12 1.84 -7.58
N GLN A 218 15.13 1.76 -8.47
CA GLN A 218 15.42 1.53 -9.88
C GLN A 218 16.14 2.73 -10.49
N LEU A 219 15.96 3.91 -9.93
CA LEU A 219 16.53 5.14 -10.46
C LEU A 219 17.91 5.45 -9.87
N VAL A 220 18.43 4.59 -8.99
CA VAL A 220 19.72 4.83 -8.36
C VAL A 220 20.81 4.57 -9.39
N ARG A 221 21.52 5.64 -9.79
CA ARG A 221 22.62 5.53 -10.73
C ARG A 221 23.99 5.71 -10.09
N LEU A 222 24.07 6.30 -8.90
CA LEU A 222 25.34 6.59 -8.25
C LEU A 222 25.21 6.38 -6.75
N ILE A 223 26.19 5.71 -6.16
CA ILE A 223 26.22 5.45 -4.73
C ILE A 223 27.56 5.94 -4.19
N ILE A 224 27.52 6.83 -3.20
CA ILE A 224 28.70 7.36 -2.56
C ILE A 224 28.83 6.72 -1.18
N LEU A 225 29.89 5.95 -0.98
CA LEU A 225 30.15 5.29 0.30
C LEU A 225 31.25 6.08 1.01
N ASP A 226 30.83 7.04 1.83
CA ASP A 226 31.77 7.89 2.54
C ASP A 226 32.31 7.19 3.77
N GLU A 227 33.59 7.44 4.08
CA GLU A 227 34.28 6.81 5.21
C GLU A 227 34.14 5.29 5.14
N ILE A 228 34.42 4.73 3.96
CA ILE A 228 34.25 3.31 3.72
C ILE A 228 35.22 2.45 4.54
N HIS A 229 36.18 3.07 5.24
CA HIS A 229 36.97 2.32 6.21
C HIS A 229 36.16 1.85 7.40
N LEU A 230 34.86 2.16 7.42
CA LEU A 230 33.95 1.60 8.42
C LEU A 230 33.84 0.09 8.32
N LEU A 231 34.31 -0.50 7.21
CA LEU A 231 34.29 -1.95 7.07
C LEU A 231 35.01 -2.64 8.21
N HIS A 232 36.04 -2.00 8.78
CA HIS A 232 36.74 -2.56 9.92
C HIS A 232 35.93 -2.48 11.21
N ASP A 233 34.90 -1.64 11.23
CA ASP A 233 34.06 -1.48 12.41
C ASP A 233 33.00 -2.59 12.47
N ASP A 234 32.39 -2.73 13.65
CA ASP A 234 31.33 -3.72 13.82
C ASP A 234 30.14 -3.43 12.89
N ARG A 235 29.97 -2.17 12.50
CA ARG A 235 28.93 -1.80 11.53
C ARG A 235 29.37 -2.07 10.09
N GLY A 236 30.60 -2.56 9.89
CA GLY A 236 31.11 -2.88 8.57
C GLY A 236 30.24 -3.79 7.73
N PRO A 237 29.77 -4.90 8.30
CA PRO A 237 28.93 -5.83 7.51
C PRO A 237 27.77 -5.18 6.77
N VAL A 238 27.24 -4.07 7.30
CA VAL A 238 26.14 -3.39 6.60
C VAL A 238 26.62 -2.84 5.27
N LEU A 239 27.86 -2.34 5.21
CA LEU A 239 28.41 -1.86 3.95
C LEU A 239 28.67 -3.01 2.97
N GLU A 240 29.05 -4.17 3.49
CA GLU A 240 29.24 -5.33 2.62
C GLU A 240 27.91 -5.81 2.04
N ALA A 241 26.85 -5.80 2.87
CA ALA A 241 25.54 -6.21 2.39
C ALA A 241 24.99 -5.22 1.36
N LEU A 242 25.25 -3.93 1.57
CA LEU A 242 24.78 -2.92 0.63
C LEU A 242 25.49 -3.05 -0.72
N VAL A 243 26.80 -3.26 -0.70
CA VAL A 243 27.57 -3.30 -1.94
C VAL A 243 27.33 -4.61 -2.68
N ALA A 244 27.30 -5.73 -1.96
CA ALA A 244 27.05 -7.02 -2.59
C ALA A 244 25.65 -7.10 -3.17
N ARG A 245 24.70 -6.34 -2.61
CA ARG A 245 23.34 -6.36 -3.14
C ARG A 245 23.20 -5.52 -4.38
N ALA A 246 23.83 -4.33 -4.40
CA ALA A 246 23.73 -3.45 -5.56
C ALA A 246 24.53 -4.00 -6.74
N ILE A 247 25.70 -4.58 -6.48
CA ILE A 247 26.53 -5.10 -7.55
C ILE A 247 25.91 -6.35 -8.16
N ARG A 248 25.45 -7.27 -7.31
CA ARG A 248 24.76 -8.46 -7.82
C ARG A 248 23.46 -8.08 -8.53
N ASN A 249 22.87 -6.95 -8.17
CA ASN A 249 21.70 -6.46 -8.90
C ASN A 249 22.06 -5.97 -10.29
N ILE A 250 23.31 -5.55 -10.50
CA ILE A 250 23.74 -5.14 -11.84
C ILE A 250 23.79 -6.34 -12.77
N GLU A 251 24.17 -7.51 -12.24
CA GLU A 251 24.30 -8.70 -13.09
C GLU A 251 22.96 -9.20 -13.60
N MET A 252 21.86 -8.87 -12.93
CA MET A 252 20.53 -9.31 -13.37
C MET A 252 19.78 -8.25 -14.18
N THR A 253 20.00 -6.97 -13.89
CA THR A 253 19.36 -5.90 -14.65
C THR A 253 20.21 -5.38 -15.80
N GLN A 254 21.52 -5.57 -15.74
CA GLN A 254 22.49 -5.02 -16.67
C GLN A 254 22.46 -3.49 -16.72
N GLU A 255 21.79 -2.87 -15.74
CA GLU A 255 21.82 -1.42 -15.58
C GLU A 255 22.99 -1.05 -14.68
N ASP A 256 23.94 -0.28 -15.23
CA ASP A 256 25.16 0.02 -14.49
C ASP A 256 24.89 1.00 -13.36
N VAL A 257 25.55 0.76 -12.23
CA VAL A 257 25.50 1.65 -11.08
C VAL A 257 26.93 1.98 -10.68
N ARG A 258 27.24 3.27 -10.57
CA ARG A 258 28.59 3.72 -10.26
C ARG A 258 28.77 3.77 -8.75
N LEU A 259 29.85 3.15 -8.27
CA LEU A 259 30.17 3.08 -6.85
C LEU A 259 31.42 3.91 -6.58
N ILE A 260 31.31 4.89 -5.68
CA ILE A 260 32.41 5.77 -5.32
C ILE A 260 32.68 5.61 -3.83
N GLY A 261 33.90 5.25 -3.48
CA GLY A 261 34.29 5.02 -2.10
C GLY A 261 35.33 6.04 -1.66
N LEU A 262 35.12 6.60 -0.48
CA LEU A 262 36.05 7.54 0.14
C LEU A 262 36.54 6.92 1.45
N SER A 263 37.85 6.74 1.58
CA SER A 263 38.43 6.04 2.71
C SER A 263 39.60 6.84 3.27
N ALA A 264 40.03 6.44 4.46
CA ALA A 264 41.23 6.99 5.08
C ALA A 264 42.44 6.13 4.73
N THR A 265 43.62 6.69 4.97
CA THR A 265 44.88 6.02 4.64
C THR A 265 45.10 4.86 5.59
N LEU A 266 44.70 3.67 5.19
CA LEU A 266 44.86 2.45 5.97
C LEU A 266 45.15 1.30 5.02
N PRO A 267 45.85 0.26 5.48
CA PRO A 267 46.18 -0.85 4.59
C PRO A 267 44.95 -1.57 4.07
N ASN A 268 45.20 -2.53 3.17
CA ASN A 268 44.18 -3.33 2.51
C ASN A 268 43.26 -2.49 1.62
N TYR A 269 43.71 -1.31 1.20
CA TYR A 269 42.90 -0.49 0.31
C TYR A 269 42.75 -1.12 -1.06
N GLU A 270 43.74 -1.90 -1.50
CA GLU A 270 43.63 -2.61 -2.76
C GLU A 270 42.55 -3.69 -2.70
N ASP A 271 42.35 -4.29 -1.53
CA ASP A 271 41.26 -5.25 -1.37
C ASP A 271 39.91 -4.55 -1.39
N VAL A 272 39.84 -3.34 -0.83
CA VAL A 272 38.60 -2.56 -0.89
C VAL A 272 38.29 -2.20 -2.34
N ALA A 273 39.31 -1.94 -3.14
CA ALA A 273 39.10 -1.60 -4.54
C ALA A 273 38.51 -2.77 -5.31
N THR A 274 39.03 -3.98 -5.08
CA THR A 274 38.45 -5.17 -5.69
C THR A 274 37.01 -5.38 -5.20
N PHE A 275 36.77 -5.05 -3.93
CA PHE A 275 35.43 -5.22 -3.36
C PHE A 275 34.44 -4.24 -3.97
N LEU A 276 34.91 -3.10 -4.47
CA LEU A 276 34.05 -2.11 -5.12
C LEU A 276 34.08 -2.20 -6.64
N ARG A 277 34.71 -3.25 -7.19
CA ARG A 277 34.88 -3.40 -8.63
C ARG A 277 35.60 -2.19 -9.24
N VAL A 278 36.73 -1.83 -8.63
CA VAL A 278 37.52 -0.69 -9.04
C VAL A 278 38.75 -1.21 -9.77
N ASP A 279 38.95 -0.74 -11.00
CA ASP A 279 40.15 -1.09 -11.74
C ASP A 279 41.37 -0.48 -11.06
N PRO A 280 42.35 -1.27 -10.63
CA PRO A 280 43.50 -0.70 -9.90
C PRO A 280 44.32 0.28 -10.71
N ALA A 281 44.19 0.28 -12.04
CA ALA A 281 44.94 1.18 -12.89
C ALA A 281 44.11 2.36 -13.37
N LYS A 282 42.89 2.53 -12.87
CA LYS A 282 42.02 3.59 -13.32
C LYS A 282 41.38 4.34 -12.15
N GLY A 283 40.71 3.62 -11.26
CA GLY A 283 39.96 4.23 -10.18
C GLY A 283 40.59 4.18 -8.81
N LEU A 284 41.79 3.60 -8.67
CA LEU A 284 42.46 3.52 -7.39
C LEU A 284 43.39 4.71 -7.20
N PHE A 285 43.21 5.43 -6.09
CA PHE A 285 44.00 6.62 -5.79
C PHE A 285 44.34 6.62 -4.30
N TYR A 286 45.64 6.54 -4.00
CA TYR A 286 46.12 6.48 -2.63
C TYR A 286 47.05 7.65 -2.38
N PHE A 287 46.70 8.50 -1.41
CA PHE A 287 47.49 9.66 -1.04
C PHE A 287 47.79 9.57 0.46
N ASP A 288 49.04 9.26 0.80
CA ASP A 288 49.44 9.05 2.19
C ASP A 288 49.27 10.32 3.02
N ASN A 289 49.56 10.22 4.32
CA ASN A 289 49.33 11.34 5.24
C ASN A 289 50.15 12.58 4.90
N SER A 290 51.05 12.51 3.92
CA SER A 290 51.74 13.70 3.46
C SER A 290 50.79 14.72 2.84
N PHE A 291 49.62 14.26 2.37
CA PHE A 291 48.67 15.12 1.68
C PHE A 291 47.67 15.77 2.62
N ARG A 292 47.87 15.65 3.94
CA ARG A 292 47.06 16.41 4.87
C ARG A 292 47.33 17.90 4.69
N PRO A 293 46.31 18.72 4.45
CA PRO A 293 46.57 20.14 4.14
C PRO A 293 47.26 20.89 5.27
N VAL A 294 46.98 20.55 6.51
CA VAL A 294 47.64 21.15 7.67
C VAL A 294 48.51 20.09 8.31
N PRO A 295 49.83 20.32 8.44
CA PRO A 295 50.69 19.33 9.10
C PRO A 295 50.24 19.07 10.53
N LEU A 296 50.41 17.83 10.97
CA LEU A 296 49.91 17.38 12.26
C LEU A 296 51.07 16.83 13.09
N GLU A 297 51.28 17.42 14.26
CA GLU A 297 52.23 16.88 15.24
C GLU A 297 51.45 16.02 16.22
N GLN A 298 51.81 14.74 16.30
CA GLN A 298 51.07 13.77 17.11
C GLN A 298 51.79 13.54 18.43
N THR A 299 51.01 13.49 19.50
CA THR A 299 51.53 13.19 20.83
C THR A 299 50.59 12.18 21.49
N TYR A 300 51.11 11.00 21.81
CA TYR A 300 50.35 9.92 22.40
C TYR A 300 50.81 9.69 23.82
N VAL A 301 49.86 9.67 24.76
CA VAL A 301 50.16 9.53 26.18
C VAL A 301 49.54 8.22 26.66
N GLY A 302 50.38 7.31 27.15
CA GLY A 302 49.93 6.03 27.64
C GLY A 302 50.12 5.86 29.13
N ILE A 303 49.03 5.59 29.84
CA ILE A 303 49.05 5.51 31.30
C ILE A 303 49.37 4.07 31.70
N THR A 304 50.42 3.90 32.52
CA THR A 304 50.73 2.60 33.08
C THR A 304 50.02 2.36 34.41
N GLU A 305 49.51 3.41 35.05
CA GLU A 305 48.79 3.26 36.30
C GLU A 305 47.46 2.55 36.06
N LYS A 306 47.09 1.67 36.98
CA LYS A 306 45.89 0.85 36.83
C LYS A 306 44.88 1.03 37.96
N LYS A 307 45.17 1.85 38.96
CA LYS A 307 44.18 2.13 39.99
C LYS A 307 43.05 2.98 39.43
N ALA A 308 41.86 2.80 40.02
CA ALA A 308 40.64 3.35 39.43
C ALA A 308 40.68 4.88 39.36
N ILE A 309 40.92 5.53 40.50
CA ILE A 309 40.86 6.98 40.58
C ILE A 309 42.24 7.64 40.61
N LYS A 310 43.30 6.91 40.96
CA LYS A 310 44.63 7.47 40.81
C LYS A 310 44.95 7.77 39.35
N ARG A 311 44.53 6.86 38.46
CA ARG A 311 44.63 7.13 37.03
C ARG A 311 43.71 8.28 36.60
N PHE A 312 42.57 8.43 37.28
CA PHE A 312 41.70 9.58 37.04
C PHE A 312 42.43 10.88 37.36
N GLN A 313 43.13 10.92 38.50
CA GLN A 313 43.88 12.11 38.86
C GLN A 313 45.09 12.29 37.96
N ILE A 314 45.74 11.20 37.57
CA ILE A 314 46.89 11.28 36.67
C ILE A 314 46.46 11.83 35.31
N MET A 315 45.31 11.37 34.82
CA MET A 315 44.75 11.96 33.61
C MET A 315 44.41 13.44 33.83
N ASN A 316 43.93 13.77 35.03
CA ASN A 316 43.60 15.16 35.34
C ASN A 316 44.86 16.03 35.50
N GLU A 317 46.02 15.42 35.73
CA GLU A 317 47.25 16.18 35.78
C GLU A 317 47.83 16.38 34.37
N ILE A 318 47.75 15.35 33.53
CA ILE A 318 48.26 15.46 32.16
C ILE A 318 47.41 16.43 31.35
N VAL A 319 46.08 16.40 31.54
CA VAL A 319 45.21 17.33 30.83
C VAL A 319 45.49 18.76 31.22
N TYR A 320 46.07 19.00 32.40
CA TYR A 320 46.37 20.36 32.82
C TYR A 320 47.69 20.85 32.25
N GLU A 321 48.74 20.05 32.35
CA GLU A 321 50.07 20.48 31.93
C GLU A 321 50.17 20.63 30.41
N LYS A 322 49.30 19.97 29.64
CA LYS A 322 49.28 20.15 28.20
C LYS A 322 48.45 21.34 27.76
N ILE A 323 47.37 21.65 28.48
CA ILE A 323 46.63 22.88 28.22
C ILE A 323 47.51 24.09 28.55
N MET A 324 48.31 23.98 29.60
CA MET A 324 49.20 25.09 29.97
C MET A 324 50.27 25.32 28.92
N GLU A 325 50.64 24.30 28.16
CA GLU A 325 51.60 24.47 27.07
C GLU A 325 51.03 25.26 25.91
N HIS A 326 49.72 25.45 25.85
CA HIS A 326 49.08 26.22 24.79
C HIS A 326 48.22 27.36 25.32
N ALA A 327 48.20 27.58 26.63
CA ALA A 327 47.36 28.62 27.21
C ALA A 327 47.85 30.00 26.79
N GLY A 328 46.98 30.78 26.17
CA GLY A 328 47.29 32.11 25.74
C GLY A 328 47.81 32.23 24.31
N LYS A 329 48.29 31.14 23.74
CA LYS A 329 48.85 31.15 22.39
C LYS A 329 47.99 30.41 21.37
N ASN A 330 47.35 29.31 21.77
CA ASN A 330 46.56 28.50 20.85
C ASN A 330 45.30 28.01 21.54
N GLN A 331 44.21 27.94 20.80
CA GLN A 331 42.99 27.33 21.30
C GLN A 331 43.17 25.82 21.44
N VAL A 332 42.49 25.25 22.43
CA VAL A 332 42.53 23.81 22.68
C VAL A 332 41.10 23.28 22.71
N LEU A 333 40.89 22.15 22.04
CA LEU A 333 39.59 21.47 22.00
C LEU A 333 39.76 20.09 22.61
N VAL A 334 39.23 19.90 23.81
CA VAL A 334 39.36 18.64 24.55
C VAL A 334 38.12 17.80 24.30
N PHE A 335 38.34 16.52 23.97
CA PHE A 335 37.26 15.59 23.66
C PHE A 335 37.13 14.57 24.78
N VAL A 336 35.93 14.46 25.35
CA VAL A 336 35.58 13.41 26.29
C VAL A 336 34.32 12.71 25.79
N HIS A 337 33.99 11.60 26.44
CA HIS A 337 33.02 10.67 25.85
C HIS A 337 31.74 10.56 26.68
N SER A 338 31.16 11.70 27.07
CA SER A 338 29.87 11.74 27.74
C SER A 338 29.43 13.19 27.84
N ARG A 339 28.12 13.40 27.87
CA ARG A 339 27.55 14.74 28.00
C ARG A 339 27.58 15.25 29.44
N LYS A 340 28.17 14.51 30.36
CA LYS A 340 28.32 14.93 31.75
C LYS A 340 29.77 15.21 32.14
N GLU A 341 30.71 14.40 31.66
CA GLU A 341 32.12 14.65 31.93
C GLU A 341 32.62 15.92 31.25
N THR A 342 31.91 16.39 30.22
CA THR A 342 32.33 17.60 29.52
C THR A 342 32.33 18.80 30.47
N GLY A 343 31.38 18.85 31.39
CA GLY A 343 31.32 19.93 32.37
C GLY A 343 32.24 19.69 33.55
N LYS A 344 32.36 18.43 33.97
CA LYS A 344 33.23 18.11 35.09
C LYS A 344 34.70 18.33 34.72
N THR A 345 35.09 17.96 33.49
CA THR A 345 36.47 18.16 33.07
C THR A 345 36.76 19.64 32.84
N ALA A 346 35.84 20.36 32.19
CA ALA A 346 36.04 21.78 31.95
C ALA A 346 36.22 22.54 33.26
N ARG A 347 35.47 22.16 34.29
CA ARG A 347 35.68 22.74 35.61
C ARG A 347 36.93 22.20 36.28
N ALA A 348 37.40 21.02 35.87
CA ALA A 348 38.60 20.45 36.48
C ALA A 348 39.84 21.21 36.06
N ILE A 349 39.98 21.50 34.77
CA ILE A 349 41.12 22.28 34.27
C ILE A 349 40.77 23.76 34.33
N ARG A 350 39.99 24.14 35.34
CA ARG A 350 39.79 25.55 35.68
C ARG A 350 40.05 25.72 37.16
N ASP A 351 39.42 24.89 37.99
CA ASP A 351 39.69 24.90 39.42
C ASP A 351 41.17 24.66 39.71
N MET A 352 41.83 23.86 38.87
CA MET A 352 43.26 23.62 39.06
C MET A 352 44.09 24.86 38.74
N CYS A 353 43.56 25.75 37.89
CA CYS A 353 44.31 26.94 37.49
C CYS A 353 44.19 28.04 38.52
N LEU A 354 42.99 28.29 39.05
CA LEU A 354 42.84 29.22 40.16
C LEU A 354 43.61 28.76 41.38
N GLU A 355 43.79 27.45 41.52
CA GLU A 355 44.70 26.89 42.52
C GLU A 355 46.15 27.23 42.24
N LYS A 356 46.45 27.78 41.06
CA LYS A 356 47.80 28.19 40.70
C LYS A 356 47.86 29.59 40.11
N ASP A 357 46.72 30.29 40.03
CA ASP A 357 46.65 31.65 39.47
C ASP A 357 47.16 31.67 38.03
N THR A 358 46.70 30.72 37.22
CA THR A 358 47.14 30.57 35.83
C THR A 358 45.95 30.81 34.91
N LEU A 359 45.46 32.06 34.89
CA LEU A 359 44.36 32.45 34.02
C LEU A 359 44.59 33.76 33.29
N GLY A 360 45.49 34.62 33.74
CA GLY A 360 45.86 35.79 32.96
C GLY A 360 46.43 35.48 31.60
N LEU A 361 46.69 34.19 31.33
CA LEU A 361 47.15 33.77 30.01
C LEU A 361 46.01 33.69 29.02
N PHE A 362 44.85 33.17 29.44
CA PHE A 362 43.70 33.06 28.54
C PHE A 362 43.24 34.45 28.08
N LEU A 363 43.08 35.37 29.01
CA LEU A 363 42.55 36.70 28.73
C LEU A 363 43.58 37.76 29.12
N ARG A 364 43.68 38.80 28.29
CA ARG A 364 44.68 39.84 28.45
C ARG A 364 44.17 40.93 29.38
N GLU A 365 44.93 42.01 29.52
CA GLU A 365 44.50 43.18 30.27
C GLU A 365 43.50 43.96 29.42
N GLY A 366 42.23 43.89 29.79
CA GLY A 366 41.18 44.53 29.02
C GLY A 366 41.11 43.97 27.61
N SER A 367 41.00 42.65 27.50
CA SER A 367 40.98 42.01 26.20
C SER A 367 39.78 42.47 25.38
N ALA A 368 39.95 42.46 24.06
CA ALA A 368 38.84 42.80 23.18
C ALA A 368 37.77 41.71 23.14
N SER A 369 38.09 40.52 23.64
CA SER A 369 37.17 39.40 23.61
C SER A 369 36.49 39.13 24.95
N THR A 370 37.16 39.42 26.06
CA THR A 370 36.57 39.16 27.38
C THR A 370 35.34 40.02 27.62
N GLU A 371 35.16 41.10 26.85
CA GLU A 371 33.96 41.92 26.99
C GLU A 371 32.74 41.21 26.44
N VAL A 372 32.84 40.66 25.23
CA VAL A 372 31.71 39.95 24.65
C VAL A 372 31.58 38.53 25.17
N LEU A 373 32.64 38.00 25.79
CA LEU A 373 32.54 36.69 26.43
C LEU A 373 31.78 36.73 27.75
N ARG A 374 31.69 37.91 28.37
CA ARG A 374 30.87 38.08 29.57
C ARG A 374 29.51 38.69 29.28
N THR A 375 29.39 39.51 28.23
CA THR A 375 28.11 40.10 27.88
C THR A 375 27.16 39.07 27.25
N GLU A 376 27.69 37.98 26.71
CA GLU A 376 26.86 36.91 26.18
C GLU A 376 26.82 35.70 27.09
N ALA A 377 27.67 35.64 28.12
CA ALA A 377 27.48 34.67 29.18
C ALA A 377 26.23 34.96 29.99
N GLU A 378 25.74 36.20 29.94
CA GLU A 378 24.49 36.55 30.61
C GLU A 378 23.28 36.12 29.77
N GLN A 379 23.29 36.45 28.48
CA GLN A 379 22.23 36.02 27.59
C GLN A 379 22.28 34.53 27.29
N CYS A 380 23.28 33.81 27.82
CA CYS A 380 23.36 32.37 27.63
C CYS A 380 22.18 31.66 28.28
N LYS A 381 21.82 32.08 29.49
CA LYS A 381 20.69 31.54 30.26
C LYS A 381 20.84 30.05 30.57
N ASN A 382 21.96 29.44 30.21
CA ASN A 382 22.27 28.07 30.59
C ASN A 382 23.26 28.09 31.75
N LEU A 383 22.91 27.41 32.83
CA LEU A 383 23.67 27.56 34.07
C LEU A 383 25.04 26.91 33.97
N GLU A 384 25.15 25.76 33.30
CA GLU A 384 26.43 25.08 33.20
C GLU A 384 27.42 25.88 32.37
N LEU A 385 26.98 26.46 31.26
CA LEU A 385 27.85 27.25 30.41
C LEU A 385 28.11 28.65 30.96
N LYS A 386 27.22 29.17 31.81
CA LYS A 386 27.38 30.52 32.33
C LYS A 386 28.58 30.63 33.26
N ASP A 387 28.92 29.55 33.96
CA ASP A 387 30.05 29.60 34.88
C ASP A 387 31.38 29.67 34.13
N LEU A 388 31.52 28.89 33.06
CA LEU A 388 32.80 28.74 32.38
C LEU A 388 33.06 29.79 31.32
N LEU A 389 32.03 30.48 30.85
CA LEU A 389 32.17 31.38 29.70
C LEU A 389 33.04 32.61 29.99
N PRO A 390 32.89 33.29 31.13
CA PRO A 390 33.74 34.48 31.37
C PRO A 390 35.23 34.16 31.44
N TYR A 391 35.60 32.98 31.94
CA TYR A 391 37.01 32.61 32.06
C TYR A 391 37.63 32.21 30.73
N GLY A 392 36.85 32.13 29.66
CA GLY A 392 37.35 31.64 28.39
C GLY A 392 37.18 30.16 28.18
N PHE A 393 36.21 29.53 28.85
CA PHE A 393 35.94 28.10 28.72
C PHE A 393 34.53 27.90 28.19
N ALA A 394 34.26 26.69 27.72
CA ALA A 394 32.95 26.36 27.18
C ALA A 394 32.82 24.84 27.08
N ILE A 395 31.57 24.39 26.91
CA ILE A 395 31.25 22.99 26.67
C ILE A 395 30.28 22.91 25.51
N HIS A 396 30.06 21.69 25.03
CA HIS A 396 29.23 21.48 23.85
C HIS A 396 28.82 20.01 23.79
N HIS A 397 27.51 19.75 23.81
CA HIS A 397 27.00 18.40 23.66
C HIS A 397 25.56 18.48 23.17
N ALA A 398 25.04 17.33 22.74
CA ALA A 398 23.71 17.26 22.15
C ALA A 398 22.59 17.45 23.17
N GLY A 399 22.90 17.47 24.47
CA GLY A 399 21.86 17.61 25.47
C GLY A 399 21.36 19.02 25.65
N MET A 400 22.22 20.01 25.43
CA MET A 400 21.84 21.41 25.63
C MET A 400 21.02 21.92 24.44
N THR A 401 20.62 23.18 24.52
CA THR A 401 19.88 23.82 23.44
C THR A 401 20.73 23.84 22.17
N ARG A 402 20.10 24.24 21.06
CA ARG A 402 20.86 24.45 19.83
C ARG A 402 21.34 25.90 19.68
N VAL A 403 20.60 26.85 20.25
CA VAL A 403 21.08 28.23 20.24
C VAL A 403 22.33 28.37 21.09
N ASP A 404 22.50 27.50 22.08
CA ASP A 404 23.74 27.51 22.87
C ASP A 404 24.90 26.92 22.08
N ARG A 405 24.63 25.88 21.28
CA ARG A 405 25.71 25.22 20.54
C ARG A 405 26.29 26.16 19.48
N THR A 406 25.42 26.79 18.68
CA THR A 406 25.91 27.77 17.71
C THR A 406 26.54 28.96 18.39
N LEU A 407 26.07 29.31 19.60
CA LEU A 407 26.73 30.35 20.38
C LEU A 407 28.15 29.93 20.76
N VAL A 408 28.32 28.69 21.21
CA VAL A 408 29.66 28.19 21.53
C VAL A 408 30.49 28.07 20.26
N GLU A 409 29.87 27.67 19.15
CA GLU A 409 30.60 27.54 17.89
C GLU A 409 31.04 28.89 17.35
N ASP A 410 30.14 29.89 17.42
CA ASP A 410 30.47 31.20 16.88
C ASP A 410 31.57 31.88 17.69
N LEU A 411 31.54 31.74 19.01
CA LEU A 411 32.57 32.35 19.85
C LEU A 411 33.91 31.63 19.69
N PHE A 412 33.88 30.31 19.51
CA PHE A 412 35.12 29.57 19.30
C PHE A 412 35.70 29.85 17.92
N ALA A 413 34.84 30.03 16.91
CA ALA A 413 35.32 30.30 15.56
C ALA A 413 35.96 31.67 15.47
N ASP A 414 35.55 32.61 16.32
CA ASP A 414 36.07 33.97 16.30
C ASP A 414 37.25 34.17 17.25
N LYS A 415 37.94 33.08 17.61
CA LYS A 415 39.15 33.14 18.43
C LYS A 415 38.90 33.81 19.78
N HIS A 416 37.73 33.54 20.36
CA HIS A 416 37.35 34.17 21.63
C HIS A 416 37.42 33.22 22.82
N ILE A 417 36.96 31.99 22.68
CA ILE A 417 37.05 31.01 23.76
C ILE A 417 38.31 30.19 23.56
N GLN A 418 39.06 29.98 24.64
CA GLN A 418 40.36 29.33 24.58
C GLN A 418 40.33 27.84 24.86
N VAL A 419 39.34 27.36 25.61
CA VAL A 419 39.23 25.94 25.95
C VAL A 419 37.80 25.50 25.73
N LEU A 420 37.61 24.51 24.87
CA LEU A 420 36.30 23.93 24.59
C LEU A 420 36.36 22.44 24.86
N VAL A 421 35.46 21.96 25.73
CA VAL A 421 35.40 20.55 26.10
C VAL A 421 34.07 20.01 25.59
N SER A 422 34.11 19.22 24.53
CA SER A 422 32.93 18.67 23.89
C SER A 422 33.12 17.19 23.62
N THR A 423 32.08 16.54 23.11
CA THR A 423 32.10 15.13 22.77
C THR A 423 32.20 14.97 21.26
N ALA A 424 32.14 13.70 20.82
CA ALA A 424 32.37 13.36 19.41
C ALA A 424 31.29 13.89 18.48
N THR A 425 30.14 14.32 19.00
CA THR A 425 29.09 14.84 18.13
C THR A 425 29.54 16.11 17.42
N LEU A 426 30.32 16.95 18.11
CA LEU A 426 30.81 18.17 17.49
C LEU A 426 31.74 17.89 16.32
N ALA A 427 32.53 16.82 16.41
CA ALA A 427 33.49 16.51 15.35
C ALA A 427 32.79 16.13 14.05
N TRP A 428 31.66 15.44 14.14
CA TRP A 428 30.92 15.03 12.96
C TRP A 428 29.92 16.08 12.49
N GLY A 429 29.28 16.79 13.43
CA GLY A 429 28.19 17.67 13.06
C GLY A 429 28.66 18.97 12.43
N VAL A 430 29.62 19.64 13.07
CA VAL A 430 30.09 20.95 12.64
C VAL A 430 31.57 20.86 12.28
N ASN A 431 31.95 21.65 11.28
CA ASN A 431 33.36 21.77 10.87
C ASN A 431 34.00 22.89 11.67
N LEU A 432 34.38 22.55 12.91
CA LEU A 432 34.96 23.50 13.85
C LEU A 432 36.38 23.05 14.19
N PRO A 433 37.37 23.46 13.41
CA PRO A 433 38.75 23.05 13.70
C PRO A 433 39.36 23.84 14.84
N ALA A 434 40.41 23.27 15.42
CA ALA A 434 41.16 23.90 16.50
C ALA A 434 42.64 23.58 16.33
N HIS A 435 43.48 24.48 16.82
CA HIS A 435 44.92 24.28 16.70
C HIS A 435 45.38 23.05 17.47
N THR A 436 44.96 22.94 18.73
CA THR A 436 45.31 21.81 19.58
C THR A 436 44.05 21.04 19.92
N VAL A 437 44.10 19.72 19.77
CA VAL A 437 42.99 18.84 20.08
C VAL A 437 43.50 17.77 21.04
N ILE A 438 42.84 17.65 22.20
CA ILE A 438 43.20 16.69 23.22
C ILE A 438 42.08 15.67 23.34
N ILE A 439 42.44 14.38 23.29
CA ILE A 439 41.46 13.32 23.49
C ILE A 439 41.68 12.72 24.87
N LYS A 440 40.94 13.23 25.86
CA LYS A 440 41.09 12.81 27.25
C LYS A 440 40.44 11.44 27.42
N GLY A 441 41.28 10.40 27.44
CA GLY A 441 40.79 9.04 27.56
C GLY A 441 40.24 8.50 26.26
N THR A 442 40.37 7.20 26.06
CA THR A 442 39.85 6.53 24.86
C THR A 442 38.98 5.35 25.24
N GLN A 443 38.18 5.51 26.30
CA GLN A 443 37.30 4.45 26.79
C GLN A 443 35.88 4.99 26.89
N VAL A 444 34.92 4.22 26.38
CA VAL A 444 33.51 4.61 26.41
C VAL A 444 32.69 3.39 26.80
N TYR A 445 31.52 3.64 27.38
CA TYR A 445 30.62 2.57 27.80
C TYR A 445 29.71 2.21 26.63
N SER A 446 29.70 0.93 26.26
CA SER A 446 28.86 0.45 25.18
C SER A 446 27.74 -0.41 25.75
N PRO A 447 26.49 0.06 25.75
CA PRO A 447 25.39 -0.77 26.24
C PRO A 447 25.16 -2.02 25.40
N GLU A 448 25.53 -2.00 24.12
CA GLU A 448 25.39 -3.20 23.30
C GLU A 448 26.34 -4.30 23.77
N LYS A 449 27.59 -3.94 24.08
CA LYS A 449 28.54 -4.88 24.64
C LYS A 449 28.37 -5.04 26.15
N GLY A 450 27.61 -4.16 26.80
CA GLY A 450 27.38 -4.27 28.23
C GLY A 450 28.62 -4.06 29.07
N ARG A 451 29.59 -3.30 28.57
CA ARG A 451 30.85 -3.08 29.27
C ARG A 451 31.49 -1.82 28.70
N TRP A 452 32.71 -1.53 29.15
CA TRP A 452 33.48 -0.41 28.64
C TRP A 452 34.35 -0.86 27.48
N THR A 453 34.38 -0.05 26.42
CA THR A 453 35.07 -0.40 25.19
C THR A 453 35.86 0.82 24.70
N GLU A 454 36.99 0.55 24.06
CA GLU A 454 37.75 1.61 23.42
C GLU A 454 36.90 2.32 22.37
N LEU A 455 37.31 3.54 22.03
CA LEU A 455 36.58 4.32 21.04
C LEU A 455 36.72 3.69 19.65
N GLY A 456 35.75 3.99 18.79
CA GLY A 456 35.81 3.52 17.42
C GLY A 456 36.91 4.20 16.63
N ALA A 457 37.37 3.50 15.58
CA ALA A 457 38.42 4.05 14.74
C ALA A 457 37.97 5.30 14.00
N LEU A 458 36.70 5.36 13.62
CA LEU A 458 36.20 6.53 12.90
C LEU A 458 36.15 7.76 13.80
N ASP A 459 35.71 7.58 15.05
CA ASP A 459 35.64 8.71 15.97
C ASP A 459 37.02 9.28 16.26
N ILE A 460 38.02 8.41 16.41
CA ILE A 460 39.38 8.88 16.68
C ILE A 460 39.92 9.66 15.48
N LEU A 461 39.74 9.11 14.27
CA LEU A 461 40.24 9.77 13.07
C LEU A 461 39.52 11.08 12.80
N GLN A 462 38.26 11.19 13.20
CA GLN A 462 37.50 12.42 12.96
C GLN A 462 37.87 13.51 13.96
N MET A 463 38.05 13.15 15.23
CA MET A 463 38.38 14.15 16.24
C MET A 463 39.77 14.72 16.03
N LEU A 464 40.76 13.85 15.76
CA LEU A 464 42.11 14.33 15.49
C LEU A 464 42.21 14.97 14.11
N GLY A 465 41.24 14.74 13.23
CA GLY A 465 41.20 15.44 11.96
C GLY A 465 40.87 16.91 12.10
N ARG A 466 40.26 17.31 13.21
CA ARG A 466 39.96 18.71 13.49
C ARG A 466 41.16 19.48 14.03
N ALA A 467 42.28 18.80 14.28
CA ALA A 467 43.48 19.46 14.78
C ALA A 467 44.15 20.21 13.64
N GLY A 468 44.29 21.53 13.80
CA GLY A 468 44.92 22.35 12.78
C GLY A 468 43.91 23.05 11.89
N ARG A 469 43.77 24.36 12.05
CA ARG A 469 42.85 25.12 11.23
C ARG A 469 43.41 25.27 9.81
N PRO A 470 42.55 25.34 8.80
CA PRO A 470 43.04 25.28 7.42
C PRO A 470 44.01 26.39 7.05
N GLN A 471 43.78 27.62 7.51
CA GLN A 471 44.63 28.74 7.11
C GLN A 471 45.32 29.42 8.29
N TYR A 472 44.64 29.55 9.43
CA TYR A 472 45.21 30.31 10.54
C TYR A 472 46.43 29.62 11.14
N ASP A 473 46.45 28.30 11.15
CA ASP A 473 47.53 27.53 11.76
C ASP A 473 48.45 26.96 10.71
N THR A 474 49.76 27.07 10.94
CA THR A 474 50.74 26.43 10.08
C THR A 474 50.88 24.94 10.38
N LYS A 475 50.42 24.50 11.54
CA LYS A 475 50.48 23.09 11.91
C LYS A 475 49.46 22.84 13.03
N GLY A 476 49.06 21.58 13.15
CA GLY A 476 48.16 21.18 14.22
C GLY A 476 48.86 20.33 15.26
N GLU A 477 48.29 20.25 16.46
CA GLU A 477 48.88 19.48 17.56
C GLU A 477 47.79 18.59 18.15
N GLY A 478 47.74 17.34 17.70
CA GLY A 478 46.78 16.38 18.23
C GLY A 478 47.40 15.57 19.34
N ILE A 479 46.71 15.52 20.48
CA ILE A 479 47.19 14.85 21.68
C ILE A 479 46.22 13.72 22.01
N LEU A 480 46.77 12.52 22.20
CA LEU A 480 46.00 11.31 22.48
C LEU A 480 46.42 10.77 23.84
N ILE A 481 45.49 10.76 24.79
CA ILE A 481 45.73 10.24 26.13
C ILE A 481 44.92 8.96 26.28
N THR A 482 45.61 7.85 26.53
CA THR A 482 44.95 6.55 26.63
C THR A 482 45.75 5.68 27.61
N SER A 483 45.27 4.45 27.80
CA SER A 483 46.03 3.48 28.57
C SER A 483 47.27 3.05 27.79
N HIS A 484 48.31 2.64 28.53
CA HIS A 484 49.58 2.32 27.89
C HIS A 484 49.45 1.10 26.97
N GLY A 485 48.59 0.15 27.32
CA GLY A 485 48.42 -1.05 26.53
C GLY A 485 47.76 -0.87 25.18
N GLU A 486 47.33 0.35 24.86
CA GLU A 486 46.64 0.62 23.60
C GLU A 486 47.39 1.60 22.71
N LEU A 487 48.63 1.96 23.07
CA LEU A 487 49.37 2.91 22.25
C LEU A 487 49.71 2.33 20.89
N GLN A 488 50.07 1.04 20.84
CA GLN A 488 50.41 0.42 19.56
C GLN A 488 49.23 0.43 18.59
N TYR A 489 48.00 0.45 19.12
CA TYR A 489 46.83 0.49 18.24
C TYR A 489 46.68 1.87 17.60
N TYR A 490 46.54 2.92 18.41
CA TYR A 490 46.32 4.26 17.89
C TYR A 490 47.52 4.77 17.10
N LEU A 491 48.72 4.24 17.36
CA LEU A 491 49.85 4.55 16.49
C LEU A 491 49.63 4.01 15.09
N SER A 492 49.08 2.80 14.99
CA SER A 492 48.84 2.20 13.67
C SER A 492 47.65 2.83 12.97
N LEU A 493 46.63 3.25 13.73
CA LEU A 493 45.43 3.80 13.13
C LEU A 493 45.70 5.14 12.47
N LEU A 494 46.54 5.97 13.09
CA LEU A 494 46.80 7.32 12.61
C LEU A 494 48.05 7.43 11.76
N ASN A 495 48.79 6.33 11.57
CA ASN A 495 50.01 6.33 10.76
C ASN A 495 49.92 5.28 9.65
N GLN A 496 48.73 5.13 9.07
CA GLN A 496 48.52 4.31 7.87
C GLN A 496 48.98 2.87 8.07
N GLN A 497 48.69 2.30 9.24
CA GLN A 497 49.16 0.94 9.52
C GLN A 497 48.14 0.06 10.21
N LEU A 498 46.87 0.49 10.31
CA LEU A 498 45.83 -0.37 10.86
C LEU A 498 45.04 -0.98 9.71
N PRO A 499 45.22 -2.26 9.40
CA PRO A 499 44.54 -2.84 8.23
C PRO A 499 43.03 -2.87 8.41
N ILE A 500 42.32 -2.69 7.30
CA ILE A 500 40.87 -2.76 7.26
C ILE A 500 40.47 -4.21 6.99
N GLU A 501 39.79 -4.83 7.94
CA GLU A 501 39.42 -6.23 7.87
C GLU A 501 37.90 -6.37 7.78
N SER A 502 37.44 -7.62 7.80
CA SER A 502 36.03 -7.95 7.70
C SER A 502 35.50 -8.41 9.05
N GLN A 503 34.31 -7.90 9.41
CA GLN A 503 33.63 -8.29 10.64
C GLN A 503 32.29 -8.92 10.34
N MET A 504 32.19 -9.61 9.19
CA MET A 504 30.88 -10.02 8.68
C MET A 504 30.41 -11.34 9.28
N VAL A 505 31.31 -12.29 9.53
CA VAL A 505 30.92 -13.62 9.96
C VAL A 505 30.09 -13.60 11.23
N SER A 506 30.21 -12.54 12.04
CA SER A 506 29.35 -12.40 13.21
C SER A 506 27.91 -12.14 12.83
N LYS A 507 27.68 -11.41 11.73
CA LYS A 507 26.35 -11.06 11.27
C LYS A 507 25.97 -11.78 9.98
N LEU A 508 26.68 -12.87 9.64
CA LEU A 508 26.38 -13.60 8.41
C LEU A 508 24.98 -14.19 8.40
N PRO A 509 24.48 -14.84 9.47
CA PRO A 509 23.10 -15.37 9.40
C PRO A 509 22.05 -14.31 9.15
N ASP A 510 22.15 -13.15 9.82
CA ASP A 510 21.16 -12.09 9.62
C ASP A 510 21.25 -11.49 8.23
N MET A 511 22.45 -11.46 7.63
CA MET A 511 22.60 -10.93 6.29
C MET A 511 22.18 -11.93 5.22
N LEU A 512 22.35 -13.22 5.48
CA LEU A 512 21.92 -14.23 4.51
C LEU A 512 20.39 -14.27 4.42
N ASN A 513 19.70 -14.16 5.55
CA ASN A 513 18.25 -14.18 5.54
C ASN A 513 17.66 -12.99 4.81
N ALA A 514 18.34 -11.84 4.87
CA ALA A 514 17.86 -10.65 4.17
C ALA A 514 17.82 -10.87 2.67
N GLU A 515 18.83 -11.57 2.13
CA GLU A 515 18.83 -11.89 0.71
C GLU A 515 17.86 -13.01 0.38
N ILE A 516 17.60 -13.91 1.32
CA ILE A 516 16.59 -14.94 1.11
C ILE A 516 15.20 -14.31 0.99
N VAL A 517 14.89 -13.36 1.89
CA VAL A 517 13.60 -12.69 1.85
C VAL A 517 13.45 -11.88 0.56
N LEU A 518 14.52 -11.22 0.13
CA LEU A 518 14.48 -10.41 -1.09
C LEU A 518 14.41 -11.26 -2.36
N GLY A 519 14.52 -12.59 -2.25
CA GLY A 519 14.52 -13.44 -3.42
C GLY A 519 15.80 -13.41 -4.23
N ASN A 520 16.80 -12.63 -3.81
CA ASN A 520 18.06 -12.59 -4.56
C ASN A 520 18.79 -13.93 -4.49
N VAL A 521 18.72 -14.60 -3.34
CA VAL A 521 19.27 -15.94 -3.17
C VAL A 521 18.13 -16.89 -2.85
N GLN A 522 18.16 -18.06 -3.49
CA GLN A 522 17.14 -19.08 -3.27
C GLN A 522 17.72 -20.45 -2.97
N ASN A 523 19.03 -20.64 -3.09
CA ASN A 523 19.68 -21.89 -2.77
C ASN A 523 21.09 -21.59 -2.28
N ALA A 524 21.82 -22.66 -1.94
CA ALA A 524 23.18 -22.48 -1.44
C ALA A 524 24.11 -21.93 -2.51
N LYS A 525 23.90 -22.32 -3.77
CA LYS A 525 24.74 -21.81 -4.85
C LYS A 525 24.54 -20.32 -5.05
N ASP A 526 23.31 -19.84 -4.90
CA ASP A 526 23.06 -18.39 -4.98
C ASP A 526 23.69 -17.66 -3.81
N ALA A 527 23.83 -18.32 -2.66
CA ALA A 527 24.46 -17.69 -1.51
C ALA A 527 25.98 -17.71 -1.62
N VAL A 528 26.53 -18.78 -2.20
CA VAL A 528 27.97 -18.83 -2.44
C VAL A 528 28.36 -17.76 -3.44
N ASN A 529 27.56 -17.58 -4.49
CA ASN A 529 27.80 -16.51 -5.45
C ASN A 529 27.61 -15.14 -4.79
N TRP A 530 26.62 -15.01 -3.92
CA TRP A 530 26.41 -13.75 -3.21
C TRP A 530 27.56 -13.47 -2.26
N LEU A 531 28.07 -14.49 -1.57
CA LEU A 531 29.19 -14.30 -0.67
C LEU A 531 30.46 -13.89 -1.40
N GLY A 532 30.58 -14.20 -2.68
CA GLY A 532 31.74 -13.80 -3.45
C GLY A 532 31.87 -12.30 -3.63
N TYR A 533 30.78 -11.56 -3.48
CA TYR A 533 30.81 -10.11 -3.59
C TYR A 533 31.08 -9.41 -2.26
N ALA A 534 31.08 -10.15 -1.15
CA ALA A 534 31.34 -9.56 0.15
C ALA A 534 32.83 -9.28 0.33
N TYR A 535 33.12 -8.22 1.09
CA TYR A 535 34.51 -7.88 1.38
C TYR A 535 35.21 -8.97 2.18
N LEU A 536 34.45 -9.82 2.87
CA LEU A 536 35.06 -10.94 3.59
C LEU A 536 35.73 -11.91 2.61
N TYR A 537 35.12 -12.13 1.45
CA TYR A 537 35.67 -13.06 0.47
C TYR A 537 37.00 -12.59 -0.07
N ILE A 538 37.10 -11.30 -0.40
CA ILE A 538 38.35 -10.76 -0.93
C ILE A 538 39.45 -10.81 0.12
N ARG A 539 39.12 -10.45 1.36
CA ARG A 539 40.08 -10.59 2.45
C ARG A 539 40.47 -12.05 2.67
N MET A 540 39.50 -12.96 2.50
CA MET A 540 39.77 -14.39 2.64
C MET A 540 40.52 -14.97 1.45
N LEU A 541 40.89 -14.15 0.47
CA LEU A 541 41.68 -14.60 -0.68
C LEU A 541 43.10 -14.06 -0.66
N ARG A 542 43.27 -12.78 -0.31
CA ARG A 542 44.61 -12.22 -0.18
C ARG A 542 45.27 -12.60 1.13
N SER A 543 44.47 -12.72 2.19
CA SER A 543 44.95 -13.21 3.49
C SER A 543 43.98 -14.26 4.02
N PRO A 544 43.87 -15.41 3.34
CA PRO A 544 43.06 -16.50 3.90
C PRO A 544 43.61 -17.01 5.21
N THR A 545 44.91 -16.87 5.41
CA THR A 545 45.53 -17.31 6.66
C THR A 545 44.96 -16.54 7.86
N LEU A 546 44.71 -15.25 7.69
CA LEU A 546 44.22 -14.43 8.79
C LEU A 546 42.80 -14.81 9.22
N TYR A 547 42.02 -15.42 8.33
CA TYR A 547 40.62 -15.73 8.58
C TYR A 547 40.41 -17.21 8.85
N GLY A 548 41.31 -17.82 9.60
CA GLY A 548 41.14 -19.21 10.01
C GLY A 548 41.21 -20.23 8.90
N ILE A 549 41.82 -19.89 7.77
CA ILE A 549 41.98 -20.82 6.64
C ILE A 549 43.47 -21.04 6.44
N SER A 550 43.89 -22.31 6.49
CA SER A 550 45.29 -22.62 6.27
C SER A 550 45.64 -22.44 4.80
N HIS A 551 46.88 -22.00 4.55
CA HIS A 551 47.35 -21.90 3.18
C HIS A 551 47.47 -23.26 2.51
N ASP A 552 47.46 -24.35 3.30
CA ASP A 552 47.35 -25.69 2.72
C ASP A 552 46.00 -25.87 2.04
N ASP A 553 44.91 -25.52 2.74
CA ASP A 553 43.57 -25.70 2.21
C ASP A 553 43.18 -24.63 1.20
N LEU A 554 43.91 -23.52 1.15
CA LEU A 554 43.57 -22.46 0.20
C LEU A 554 43.79 -22.92 -1.24
N LYS A 555 44.87 -23.65 -1.49
CA LYS A 555 45.16 -24.13 -2.84
C LYS A 555 44.55 -25.50 -3.13
N GLY A 556 44.03 -26.19 -2.12
CA GLY A 556 43.14 -27.30 -2.33
C GLY A 556 41.72 -26.89 -2.61
N ASP A 557 41.48 -25.59 -2.72
CA ASP A 557 40.20 -24.95 -2.97
C ASP A 557 40.49 -23.50 -3.39
N PRO A 558 41.01 -23.28 -4.60
CA PRO A 558 41.62 -21.97 -4.91
C PRO A 558 40.69 -20.79 -4.75
N LEU A 559 39.46 -20.90 -5.26
CA LEU A 559 38.49 -19.82 -5.14
C LEU A 559 37.62 -19.94 -3.90
N LEU A 560 37.98 -20.82 -2.97
CA LEU A 560 37.26 -21.02 -1.72
C LEU A 560 35.79 -21.38 -1.97
N ASP A 561 35.58 -22.38 -2.82
CA ASP A 561 34.23 -22.85 -3.09
C ASP A 561 33.69 -23.69 -1.93
N GLN A 562 34.54 -24.53 -1.33
CA GLN A 562 34.11 -25.34 -0.21
C GLN A 562 34.00 -24.54 1.08
N ARG A 563 34.89 -23.55 1.26
CA ARG A 563 34.84 -22.75 2.48
C ARG A 563 33.59 -21.90 2.54
N ARG A 564 33.26 -21.21 1.45
CA ARG A 564 32.02 -20.43 1.40
C ARG A 564 30.80 -21.34 1.54
N LEU A 565 30.88 -22.54 0.97
CA LEU A 565 29.78 -23.49 1.08
C LEU A 565 29.55 -23.93 2.52
N ASP A 566 30.62 -24.06 3.30
CA ASP A 566 30.48 -24.41 4.70
C ASP A 566 29.93 -23.25 5.51
N LEU A 567 30.35 -22.02 5.19
CA LEU A 567 29.83 -20.85 5.88
C LEU A 567 28.35 -20.67 5.58
N VAL A 568 27.93 -20.87 4.33
CA VAL A 568 26.52 -20.79 3.99
C VAL A 568 25.75 -21.93 4.65
N HIS A 569 26.31 -23.14 4.65
CA HIS A 569 25.66 -24.27 5.29
C HIS A 569 25.50 -24.04 6.79
N THR A 570 26.51 -23.43 7.42
CA THR A 570 26.42 -23.15 8.85
C THR A 570 25.39 -22.06 9.13
N ALA A 571 25.38 -21.00 8.32
CA ALA A 571 24.41 -19.92 8.53
C ALA A 571 23.00 -20.38 8.21
N ALA A 572 22.84 -21.29 7.24
CA ALA A 572 21.51 -21.77 6.90
C ALA A 572 20.93 -22.68 7.99
N LEU A 573 21.79 -23.43 8.68
CA LEU A 573 21.29 -24.31 9.74
C LEU A 573 20.86 -23.51 10.96
N MET A 574 21.63 -22.47 11.31
CA MET A 574 21.21 -21.60 12.41
C MET A 574 19.90 -20.90 12.08
N LEU A 575 19.70 -20.52 10.81
CA LEU A 575 18.47 -19.87 10.41
C LEU A 575 17.30 -20.86 10.33
N ASP A 576 17.58 -22.11 9.94
CA ASP A 576 16.53 -23.12 9.90
C ASP A 576 16.10 -23.53 11.30
N LYS A 577 17.03 -23.57 12.25
CA LYS A 577 16.70 -23.96 13.61
C LYS A 577 15.78 -22.93 14.28
N ASN A 578 15.96 -21.65 13.96
CA ASN A 578 15.17 -20.58 14.55
C ASN A 578 13.91 -20.27 13.75
N ASN A 579 13.57 -21.11 12.76
CA ASN A 579 12.30 -21.06 12.04
C ASN A 579 12.16 -19.79 11.20
N LEU A 580 13.26 -19.26 10.68
CA LEU A 580 13.20 -18.21 9.67
C LEU A 580 13.31 -18.75 8.26
N VAL A 581 14.07 -19.82 8.06
CA VAL A 581 14.28 -20.44 6.76
C VAL A 581 13.91 -21.92 6.87
N LYS A 582 13.54 -22.51 5.74
CA LYS A 582 13.32 -23.94 5.61
C LYS A 582 14.42 -24.46 4.68
N TYR A 583 15.47 -25.03 5.27
CA TYR A 583 16.65 -25.44 4.53
C TYR A 583 16.53 -26.90 4.11
N ASP A 584 16.49 -27.15 2.80
CA ASP A 584 16.53 -28.50 2.26
C ASP A 584 17.99 -28.82 1.96
N LYS A 585 18.59 -29.63 2.83
CA LYS A 585 20.04 -29.84 2.78
C LYS A 585 20.47 -30.67 1.57
N LYS A 586 19.55 -31.42 0.95
CA LYS A 586 19.93 -32.21 -0.21
C LYS A 586 19.92 -31.38 -1.49
N THR A 587 19.00 -30.42 -1.60
CA THR A 587 18.96 -29.52 -2.74
C THR A 587 19.62 -28.18 -2.46
N GLY A 588 19.95 -27.88 -1.21
CA GLY A 588 20.46 -26.57 -0.87
C GLY A 588 19.46 -25.45 -0.94
N ASN A 589 18.19 -25.76 -1.22
CA ASN A 589 17.19 -24.73 -1.43
C ASN A 589 16.80 -24.04 -0.11
N PHE A 590 16.38 -22.79 -0.23
CA PHE A 590 15.91 -22.00 0.90
C PHE A 590 14.46 -21.62 0.65
N GLN A 591 13.61 -21.82 1.66
CA GLN A 591 12.21 -21.44 1.59
C GLN A 591 11.97 -20.27 2.55
N VAL A 592 11.42 -19.19 2.03
CA VAL A 592 11.17 -17.99 2.82
C VAL A 592 9.95 -18.22 3.71
N THR A 593 9.98 -17.60 4.89
CA THR A 593 8.87 -17.67 5.83
C THR A 593 8.47 -16.26 6.24
N GLU A 594 7.23 -16.14 6.75
CA GLU A 594 6.77 -14.86 7.25
C GLU A 594 7.58 -14.42 8.46
N LEU A 595 7.96 -15.38 9.32
CA LEU A 595 8.81 -15.06 10.46
C LEU A 595 10.17 -14.56 10.01
N GLY A 596 10.73 -15.17 8.95
CA GLY A 596 12.00 -14.72 8.42
C GLY A 596 11.92 -13.35 7.78
N ARG A 597 10.76 -13.00 7.23
CA ARG A 597 10.60 -11.68 6.63
C ARG A 597 10.49 -10.59 7.69
N ILE A 598 9.86 -10.89 8.82
CA ILE A 598 9.71 -9.91 9.89
C ILE A 598 11.08 -9.49 10.43
N ALA A 599 11.98 -10.46 10.63
CA ALA A 599 13.29 -10.16 11.19
C ALA A 599 14.10 -9.27 10.25
N SER A 600 14.01 -9.49 8.95
CA SER A 600 14.77 -8.70 8.00
C SER A 600 14.17 -7.31 7.80
N HIS A 601 12.86 -7.23 7.66
CA HIS A 601 12.22 -5.94 7.40
C HIS A 601 12.27 -5.03 8.62
N TYR A 602 12.26 -5.60 9.83
CA TYR A 602 12.28 -4.83 11.06
C TYR A 602 13.64 -4.82 11.73
N TYR A 603 14.67 -5.36 11.06
CA TYR A 603 16.05 -5.34 11.57
C TYR A 603 16.16 -6.05 12.91
N ILE A 604 15.66 -7.28 12.96
CA ILE A 604 15.69 -8.11 14.16
C ILE A 604 16.63 -9.27 13.91
N THR A 605 17.49 -9.57 14.88
CA THR A 605 18.40 -10.69 14.74
C THR A 605 17.62 -12.01 14.78
N ASN A 606 18.22 -13.05 14.20
CA ASN A 606 17.51 -14.32 14.02
C ASN A 606 17.20 -15.02 15.34
N ASP A 607 17.98 -14.75 16.39
CA ASP A 607 17.72 -15.39 17.67
C ASP A 607 16.52 -14.79 18.39
N THR A 608 16.22 -13.52 18.13
CA THR A 608 15.13 -12.85 18.84
C THR A 608 13.77 -13.32 18.33
N VAL A 609 13.64 -13.51 17.02
CA VAL A 609 12.35 -13.95 16.47
C VAL A 609 12.06 -15.39 16.87
N GLN A 610 13.10 -16.19 17.12
CA GLN A 610 12.88 -17.53 17.65
C GLN A 610 12.29 -17.48 19.04
N THR A 611 12.80 -16.57 19.88
CA THR A 611 12.20 -16.36 21.19
C THR A 611 10.77 -15.85 21.06
N TYR A 612 10.51 -15.01 20.07
CA TYR A 612 9.15 -14.53 19.83
C TYR A 612 8.24 -15.67 19.40
N ASN A 613 8.71 -16.52 18.49
CA ASN A 613 7.90 -17.64 18.03
C ASN A 613 7.63 -18.66 19.14
N GLN A 614 8.46 -18.66 20.18
CA GLN A 614 8.28 -19.63 21.27
C GLN A 614 7.27 -19.13 22.30
N LEU A 615 7.40 -17.87 22.71
CA LEU A 615 6.65 -17.35 23.86
C LEU A 615 5.37 -16.63 23.48
N LEU A 616 5.23 -16.17 22.25
CA LEU A 616 4.03 -15.43 21.86
C LEU A 616 2.83 -16.37 21.79
N LYS A 617 1.85 -16.13 22.64
CA LYS A 617 0.61 -16.87 22.68
C LYS A 617 -0.57 -15.91 22.66
N PRO A 618 -1.70 -16.32 22.10
CA PRO A 618 -2.86 -15.41 22.06
C PRO A 618 -3.39 -15.03 23.43
N THR A 619 -3.20 -15.89 24.42
CA THR A 619 -3.63 -15.60 25.79
C THR A 619 -2.54 -14.94 26.62
N LEU A 620 -1.62 -14.23 25.98
CA LEU A 620 -0.50 -13.64 26.70
C LEU A 620 -0.94 -12.42 27.50
N SER A 621 -0.34 -12.25 28.67
CA SER A 621 -0.66 -11.16 29.57
C SER A 621 0.11 -9.90 29.17
N GLU A 622 -0.22 -8.79 29.83
CA GLU A 622 0.65 -7.63 29.79
C GLU A 622 1.93 -7.88 30.59
N ILE A 623 1.84 -8.70 31.63
CA ILE A 623 3.01 -9.04 32.43
C ILE A 623 4.01 -9.83 31.59
N GLU A 624 3.55 -10.89 30.93
CA GLU A 624 4.45 -11.71 30.13
C GLU A 624 4.95 -10.95 28.89
N LEU A 625 4.11 -10.09 28.31
CA LEU A 625 4.52 -9.34 27.12
C LEU A 625 5.78 -8.53 27.38
N PHE A 626 5.84 -7.84 28.52
CA PHE A 626 7.05 -7.11 28.88
C PHE A 626 8.23 -8.06 29.10
N ARG A 627 7.96 -9.30 29.47
CA ARG A 627 9.02 -10.27 29.65
C ARG A 627 9.53 -10.82 28.32
N VAL A 628 8.64 -10.99 27.34
CA VAL A 628 9.07 -11.44 26.02
C VAL A 628 9.99 -10.40 25.39
N PHE A 629 9.69 -9.11 25.60
CA PHE A 629 10.55 -8.06 25.07
C PHE A 629 11.92 -8.06 25.75
N SER A 630 11.94 -8.27 27.07
CA SER A 630 13.20 -8.23 27.81
C SER A 630 14.12 -9.38 27.44
N LEU A 631 13.60 -10.45 26.86
CA LEU A 631 14.40 -11.60 26.45
C LEU A 631 14.94 -11.46 25.03
N SER A 632 14.85 -10.27 24.44
CA SER A 632 15.41 -10.05 23.11
C SER A 632 16.93 -10.20 23.16
N SER A 633 17.49 -10.90 22.16
CA SER A 633 18.91 -11.15 22.12
C SER A 633 19.73 -9.89 21.84
N GLU A 634 19.09 -8.78 21.47
CA GLU A 634 19.82 -7.52 21.35
C GLU A 634 20.33 -7.05 22.70
N PHE A 635 19.77 -7.55 23.80
CA PHE A 635 20.23 -7.25 25.15
C PHE A 635 20.96 -8.44 25.78
N LYS A 636 21.67 -9.22 24.97
CA LYS A 636 22.31 -10.43 25.48
C LYS A 636 23.46 -10.10 26.41
N ASN A 637 24.14 -8.97 26.21
CA ASN A 637 25.29 -8.59 27.02
C ASN A 637 24.91 -7.74 28.22
N ILE A 638 23.64 -7.36 28.35
CA ILE A 638 23.22 -6.53 29.48
C ILE A 638 23.20 -7.39 30.74
N THR A 639 23.84 -6.88 31.80
CA THR A 639 23.89 -7.54 33.09
C THR A 639 23.36 -6.59 34.17
N VAL A 640 23.34 -7.08 35.41
CA VAL A 640 22.89 -6.30 36.55
C VAL A 640 24.09 -6.11 37.47
N ARG A 641 24.56 -4.87 37.60
CA ARG A 641 25.70 -4.58 38.45
C ARG A 641 25.26 -4.46 39.90
N GLU A 642 26.20 -4.73 40.81
CA GLU A 642 25.88 -4.67 42.24
C GLU A 642 25.53 -3.26 42.69
N GLU A 643 26.14 -2.25 42.06
CA GLU A 643 25.82 -0.86 42.40
C GLU A 643 24.49 -0.41 41.82
N GLU A 644 23.84 -1.23 40.99
CA GLU A 644 22.54 -0.90 40.43
C GLU A 644 21.39 -1.61 41.13
N LYS A 645 21.67 -2.59 42.00
CA LYS A 645 20.62 -3.44 42.53
C LYS A 645 19.70 -2.71 43.49
N LEU A 646 20.23 -1.74 44.25
CA LEU A 646 19.40 -1.04 45.23
C LEU A 646 18.41 -0.10 44.55
N GLU A 647 18.90 0.72 43.61
CA GLU A 647 18.01 1.64 42.90
C GLU A 647 17.02 0.90 42.02
N LEU A 648 17.40 -0.27 41.50
CA LEU A 648 16.46 -1.09 40.74
C LEU A 648 15.47 -1.79 41.66
N GLN A 649 15.83 -2.02 42.92
CA GLN A 649 14.91 -2.62 43.87
C GLN A 649 13.80 -1.66 44.26
N LYS A 650 14.08 -0.36 44.26
CA LYS A 650 13.06 0.62 44.60
C LYS A 650 11.97 0.69 43.54
N LEU A 651 12.33 0.46 42.28
CA LEU A 651 11.35 0.52 41.20
C LEU A 651 10.66 -0.81 40.96
N LEU A 652 11.37 -1.92 41.13
CA LEU A 652 10.77 -3.24 40.94
C LEU A 652 9.57 -3.45 41.86
N GLU A 653 9.62 -2.89 43.06
CA GLU A 653 8.52 -3.01 44.01
C GLU A 653 7.44 -1.97 43.79
N ARG A 654 7.54 -1.15 42.75
CA ARG A 654 6.55 -0.11 42.47
C ARG A 654 6.11 -0.04 41.02
N VAL A 655 6.65 -0.89 40.14
CA VAL A 655 6.30 -0.83 38.72
C VAL A 655 4.83 -1.18 38.54
N PRO A 656 4.11 -0.56 37.61
CA PRO A 656 2.69 -0.89 37.44
C PRO A 656 2.47 -2.27 36.84
N ILE A 657 3.38 -2.75 36.00
CA ILE A 657 3.31 -4.10 35.44
C ILE A 657 4.20 -5.00 36.30
N PRO A 658 3.65 -6.02 36.94
CA PRO A 658 4.48 -6.87 37.81
C PRO A 658 5.55 -7.62 37.01
N VAL A 659 6.65 -7.91 37.69
CA VAL A 659 7.76 -8.68 37.13
C VAL A 659 7.90 -9.96 37.92
N LYS A 660 7.86 -11.09 37.22
CA LYS A 660 7.89 -12.39 37.90
C LYS A 660 9.31 -12.77 38.32
N GLU A 661 10.29 -12.55 37.44
CA GLU A 661 11.66 -12.95 37.74
C GLU A 661 12.29 -12.01 38.77
N SER A 662 13.38 -12.48 39.37
CA SER A 662 14.04 -11.76 40.45
C SER A 662 15.05 -10.76 39.90
N ILE A 663 15.53 -9.88 40.78
CA ILE A 663 16.47 -8.84 40.39
C ILE A 663 17.83 -9.40 39.99
N GLU A 664 18.14 -10.64 40.39
CA GLU A 664 19.43 -11.22 40.05
C GLU A 664 19.59 -11.44 38.56
N GLU A 665 18.48 -11.66 37.85
CA GLU A 665 18.54 -11.95 36.42
C GLU A 665 18.46 -10.67 35.61
N PRO A 666 19.21 -10.59 34.50
CA PRO A 666 19.19 -9.37 33.69
C PRO A 666 17.88 -9.13 32.96
N SER A 667 17.08 -10.18 32.76
CA SER A 667 15.78 -9.99 32.09
C SER A 667 14.86 -9.10 32.92
N ALA A 668 14.99 -9.14 34.25
CA ALA A 668 14.18 -8.27 35.09
C ALA A 668 14.59 -6.81 34.92
N LYS A 669 15.89 -6.54 34.90
CA LYS A 669 16.38 -5.16 34.82
C LYS A 669 15.86 -4.46 33.56
N ILE A 670 15.92 -5.15 32.42
CA ILE A 670 15.44 -4.57 31.17
C ILE A 670 13.95 -4.24 31.26
N ASN A 671 13.19 -5.05 32.00
CA ASN A 671 11.77 -4.77 32.18
C ASN A 671 11.54 -3.50 32.98
N VAL A 672 12.36 -3.28 34.02
CA VAL A 672 12.16 -2.13 34.88
C VAL A 672 12.54 -0.84 34.16
N LEU A 673 13.59 -0.88 33.35
CA LEU A 673 14.02 0.32 32.63
C LEU A 673 13.02 0.72 31.56
N LEU A 674 12.37 -0.25 30.91
CA LEU A 674 11.36 0.07 29.92
C LEU A 674 10.15 0.75 30.55
N GLN A 675 9.68 0.22 31.68
CA GLN A 675 8.53 0.82 32.36
C GLN A 675 8.88 2.20 32.91
N ALA A 676 10.13 2.42 33.34
CA ALA A 676 10.53 3.72 33.83
C ALA A 676 10.61 4.74 32.70
N PHE A 677 11.06 4.30 31.52
CA PHE A 677 11.13 5.20 30.37
C PHE A 677 9.75 5.66 29.95
N ILE A 678 8.75 4.78 30.03
CA ILE A 678 7.38 5.17 29.72
C ILE A 678 6.86 6.16 30.76
N SER A 679 7.25 5.97 32.02
CA SER A 679 6.85 6.88 33.09
C SER A 679 7.70 8.14 33.14
N GLN A 680 8.73 8.25 32.29
CA GLN A 680 9.60 9.42 32.22
C GLN A 680 10.25 9.70 33.58
N LEU A 681 10.96 8.69 34.09
CA LEU A 681 11.66 8.78 35.36
C LEU A 681 13.16 8.80 35.11
N LYS A 682 13.83 9.82 35.64
CA LYS A 682 15.27 9.96 35.51
C LYS A 682 15.97 9.03 36.50
N LEU A 683 16.80 8.13 35.99
CA LEU A 683 17.51 7.19 36.83
C LEU A 683 18.86 7.80 37.24
N GLU A 684 19.84 6.96 37.57
CA GLU A 684 21.05 7.46 38.22
C GLU A 684 22.33 6.87 37.64
N GLY A 685 22.45 5.54 37.62
CA GLY A 685 23.66 4.89 37.18
C GLY A 685 24.09 5.30 35.80
N PHE A 686 25.35 5.73 35.65
CA PHE A 686 25.84 6.17 34.35
C PHE A 686 25.70 5.07 33.30
N ALA A 687 25.83 3.81 33.72
CA ALA A 687 25.53 2.70 32.82
C ALA A 687 24.04 2.39 32.78
N LEU A 688 23.32 2.68 33.87
CA LEU A 688 21.89 2.37 33.92
C LEU A 688 21.11 3.20 32.92
N MET A 689 21.27 4.52 32.97
CA MET A 689 20.59 5.38 32.01
C MET A 689 21.07 5.11 30.59
N ALA A 690 22.35 4.79 30.42
CA ALA A 690 22.84 4.40 29.10
C ALA A 690 22.21 3.08 28.64
N ASP A 691 22.08 2.12 29.56
CA ASP A 691 21.40 0.88 29.23
C ASP A 691 19.91 1.11 28.97
N MET A 692 19.30 2.06 29.68
CA MET A 692 17.89 2.35 29.46
C MET A 692 17.66 2.99 28.09
N VAL A 693 18.54 3.90 27.68
CA VAL A 693 18.42 4.52 26.38
C VAL A 693 18.51 3.47 25.28
N TYR A 694 19.56 2.64 25.32
CA TYR A 694 19.77 1.62 24.29
C TYR A 694 18.61 0.63 24.24
N VAL A 695 17.99 0.34 25.38
CA VAL A 695 16.87 -0.59 25.40
C VAL A 695 15.66 0.02 24.70
N THR A 696 15.42 1.31 24.92
CA THR A 696 14.21 1.96 24.44
C THR A 696 14.32 2.49 23.02
N GLN A 697 15.51 2.96 22.61
CA GLN A 697 15.70 3.37 21.22
C GLN A 697 15.51 2.19 20.27
N SER A 698 15.68 0.97 20.76
CA SER A 698 15.44 -0.24 19.97
C SER A 698 14.08 -0.86 20.24
N ALA A 699 13.37 -0.42 21.28
CA ALA A 699 12.06 -0.98 21.60
C ALA A 699 11.01 -0.61 20.56
N GLY A 700 11.22 0.48 19.81
CA GLY A 700 10.23 0.88 18.82
C GLY A 700 10.08 -0.15 17.71
N ARG A 701 11.19 -0.52 17.07
CA ARG A 701 11.13 -1.50 16.00
C ARG A 701 10.95 -2.92 16.53
N LEU A 702 11.39 -3.19 17.76
CA LEU A 702 11.20 -4.51 18.35
C LEU A 702 9.72 -4.78 18.61
N MET A 703 9.05 -3.86 19.31
CA MET A 703 7.63 -4.02 19.58
C MET A 703 6.79 -3.92 18.31
N ARG A 704 7.25 -3.12 17.33
CA ARG A 704 6.54 -3.05 16.06
C ARG A 704 6.59 -4.38 15.31
N ALA A 705 7.64 -5.17 15.52
CA ALA A 705 7.71 -6.49 14.91
C ALA A 705 6.75 -7.46 15.60
N ILE A 706 6.68 -7.40 16.93
CA ILE A 706 5.74 -8.26 17.66
C ILE A 706 4.30 -7.92 17.29
N PHE A 707 4.02 -6.65 17.01
CA PHE A 707 2.67 -6.25 16.63
C PHE A 707 2.28 -6.89 15.30
N GLU A 708 3.15 -6.79 14.30
CA GLU A 708 2.83 -7.36 12.99
C GLU A 708 2.77 -8.88 13.03
N ILE A 709 3.51 -9.51 13.95
CA ILE A 709 3.47 -10.97 14.05
C ILE A 709 2.09 -11.44 14.50
N VAL A 710 1.60 -10.91 15.62
CA VAL A 710 0.33 -11.38 16.16
C VAL A 710 -0.88 -10.77 15.46
N LEU A 711 -0.70 -9.65 14.77
CA LEU A 711 -1.82 -9.08 14.00
C LEU A 711 -2.15 -9.96 12.81
N ASN A 712 -1.13 -10.42 12.09
CA ASN A 712 -1.34 -11.30 10.94
C ASN A 712 -1.77 -12.71 11.35
N ARG A 713 -1.67 -13.05 12.63
CA ARG A 713 -2.13 -14.33 13.12
C ARG A 713 -3.55 -14.28 13.66
N GLY A 714 -4.17 -13.10 13.71
CA GLY A 714 -5.55 -12.97 14.10
C GLY A 714 -5.81 -12.94 15.59
N TRP A 715 -4.80 -12.63 16.40
CA TRP A 715 -4.95 -12.59 17.85
C TRP A 715 -5.40 -11.19 18.25
N ALA A 716 -6.69 -11.05 18.56
CA ALA A 716 -7.26 -9.72 18.80
C ALA A 716 -6.79 -9.14 20.13
N GLN A 717 -6.79 -9.95 21.19
CA GLN A 717 -6.45 -9.42 22.51
C GLN A 717 -4.98 -9.01 22.59
N LEU A 718 -4.09 -9.79 21.97
CA LEU A 718 -2.68 -9.46 22.01
C LEU A 718 -2.32 -8.32 21.08
N THR A 719 -3.01 -8.20 19.94
CA THR A 719 -2.75 -7.10 19.01
C THR A 719 -3.03 -5.76 19.65
N ASP A 720 -4.11 -5.67 20.43
CA ASP A 720 -4.43 -4.42 21.12
C ASP A 720 -3.38 -4.08 22.18
N LYS A 721 -2.77 -5.10 22.79
CA LYS A 721 -1.76 -4.84 23.81
C LYS A 721 -0.45 -4.37 23.21
N THR A 722 0.01 -5.04 22.16
CA THR A 722 1.30 -4.70 21.56
C THR A 722 1.24 -3.37 20.83
N LEU A 723 0.14 -3.10 20.12
CA LEU A 723 0.00 -1.82 19.42
C LEU A 723 -0.02 -0.67 20.41
N ASN A 724 -0.65 -0.86 21.57
CA ASN A 724 -0.64 0.19 22.59
C ASN A 724 0.73 0.34 23.23
N LEU A 725 1.49 -0.76 23.34
CA LEU A 725 2.85 -0.65 23.85
C LEU A 725 3.76 0.10 22.89
N CYS A 726 3.53 -0.03 21.59
CA CYS A 726 4.26 0.76 20.62
C CYS A 726 3.98 2.25 20.80
N LYS A 727 2.73 2.59 21.08
CA LYS A 727 2.36 3.99 21.26
C LYS A 727 2.73 4.50 22.65
N MET A 728 2.71 3.62 23.66
CA MET A 728 3.15 4.03 24.99
C MET A 728 4.65 4.27 25.03
N ILE A 729 5.42 3.56 24.20
CA ILE A 729 6.86 3.79 24.12
C ILE A 729 7.15 5.04 23.29
N ASP A 730 6.37 5.26 22.22
CA ASP A 730 6.62 6.41 21.36
C ASP A 730 6.18 7.70 22.02
N LYS A 731 5.03 7.70 22.69
CA LYS A 731 4.51 8.89 23.34
C LYS A 731 5.01 9.08 24.76
N ARG A 732 5.67 8.06 25.33
CA ARG A 732 6.24 8.13 26.68
C ARG A 732 5.18 8.44 27.72
N MET A 733 4.12 7.63 27.72
CA MET A 733 3.02 7.80 28.67
C MET A 733 2.22 6.51 28.70
N TRP A 734 1.45 6.36 29.78
CA TRP A 734 0.60 5.20 29.96
C TRP A 734 -0.82 5.50 29.49
N GLN A 735 -1.61 4.44 29.29
CA GLN A 735 -3.02 4.62 28.94
C GLN A 735 -3.77 5.32 30.07
N SER A 736 -3.32 5.12 31.32
CA SER A 736 -4.05 5.68 32.46
C SER A 736 -4.10 7.20 32.41
N MET A 737 -3.15 7.83 31.72
CA MET A 737 -3.08 9.28 31.68
C MET A 737 -3.99 9.84 30.59
N CYS A 738 -4.30 11.13 30.73
CA CYS A 738 -5.20 11.78 29.79
C CYS A 738 -4.57 11.81 28.40
N PRO A 739 -5.35 11.59 27.34
CA PRO A 739 -4.78 11.64 25.98
C PRO A 739 -4.49 13.06 25.51
N LEU A 740 -4.63 14.05 26.40
CA LEU A 740 -4.34 15.43 26.05
C LEU A 740 -2.86 15.79 26.21
N ARG A 741 -2.11 15.02 26.97
CA ARG A 741 -0.67 15.26 27.10
C ARG A 741 0.08 14.92 25.81
N GLN A 742 -0.56 14.24 24.86
CA GLN A 742 0.07 14.00 23.57
C GLN A 742 0.24 15.28 22.77
N PHE A 743 -0.44 16.36 23.15
CA PHE A 743 -0.24 17.67 22.56
C PHE A 743 0.90 18.36 23.31
N ARG A 744 2.03 18.54 22.63
CA ARG A 744 3.21 19.10 23.29
C ARG A 744 3.01 20.57 23.64
N LYS A 745 2.16 21.29 22.90
CA LYS A 745 1.94 22.71 23.14
C LYS A 745 0.93 22.89 24.27
N LEU A 746 1.37 22.54 25.48
CA LEU A 746 0.50 22.55 26.65
C LEU A 746 1.31 22.38 27.93
N PRO A 747 1.02 23.16 28.98
CA PRO A 747 1.73 22.97 30.25
C PRO A 747 1.37 21.64 30.88
N GLU A 748 2.36 21.01 31.52
CA GLU A 748 2.19 19.64 31.97
C GLU A 748 1.31 19.49 33.20
N GLU A 749 1.15 20.55 34.01
CA GLU A 749 0.45 20.40 35.28
C GLU A 749 -1.06 20.62 35.20
N VAL A 750 -1.56 21.21 34.12
CA VAL A 750 -3.00 21.43 34.01
C VAL A 750 -3.72 20.11 33.71
N VAL A 751 -3.09 19.24 32.92
CA VAL A 751 -3.70 17.94 32.61
C VAL A 751 -3.65 17.03 33.83
N LYS A 752 -2.63 17.18 34.68
CA LYS A 752 -2.55 16.36 35.89
C LYS A 752 -3.73 16.64 36.81
N LYS A 753 -4.16 17.90 36.88
CA LYS A 753 -5.36 18.23 37.64
C LYS A 753 -6.62 17.77 36.93
N ILE A 754 -6.54 17.47 35.63
CA ILE A 754 -7.69 16.91 34.91
C ILE A 754 -7.79 15.42 35.16
N GLU A 755 -6.65 14.73 35.25
CA GLU A 755 -6.66 13.27 35.38
C GLU A 755 -7.12 12.83 36.76
N LYS A 756 -6.48 13.36 37.82
CA LYS A 756 -6.87 12.99 39.17
C LYS A 756 -8.32 13.35 39.46
N LYS A 757 -8.87 14.32 38.75
CA LYS A 757 -10.33 14.50 38.69
C LYS A 757 -10.88 13.34 37.88
N ASN A 758 -11.41 12.32 38.54
CA ASN A 758 -11.80 11.08 37.88
C ASN A 758 -13.08 11.30 37.09
N PHE A 759 -12.93 11.52 35.78
CA PHE A 759 -14.05 11.60 34.84
C PHE A 759 -13.51 11.21 33.47
N PRO A 760 -14.29 10.49 32.66
CA PRO A 760 -13.76 9.97 31.40
C PRO A 760 -13.50 11.08 30.39
N PHE A 761 -12.59 10.78 29.46
CA PHE A 761 -12.24 11.73 28.41
C PHE A 761 -13.28 11.79 27.30
N GLU A 762 -14.10 10.76 27.14
CA GLU A 762 -15.15 10.79 26.14
C GLU A 762 -16.31 11.70 26.52
N ARG A 763 -16.22 12.36 27.69
CA ARG A 763 -17.28 13.24 28.14
C ARG A 763 -17.15 14.63 27.53
N LEU A 764 -15.95 15.19 27.55
CA LEU A 764 -15.71 16.59 27.19
C LEU A 764 -16.21 16.97 25.80
N TYR A 765 -16.51 15.98 24.94
CA TYR A 765 -17.03 16.29 23.61
C TYR A 765 -18.42 16.91 23.66
N ASP A 766 -19.18 16.67 24.73
CA ASP A 766 -20.59 17.07 24.79
C ASP A 766 -20.80 18.43 25.44
N LEU A 767 -19.75 19.12 25.87
CA LEU A 767 -19.90 20.31 26.68
C LEU A 767 -19.23 21.51 26.02
N ASN A 768 -19.80 22.69 26.29
CA ASN A 768 -19.27 23.94 25.77
C ASN A 768 -17.94 24.28 26.45
N HIS A 769 -17.29 25.32 25.95
CA HIS A 769 -16.03 25.78 26.51
C HIS A 769 -16.20 26.57 27.81
N ASN A 770 -17.42 26.64 28.34
CA ASN A 770 -17.65 27.32 29.60
C ASN A 770 -17.60 26.35 30.78
N GLU A 771 -18.28 25.22 30.66
CA GLU A 771 -18.31 24.24 31.74
C GLU A 771 -17.01 23.45 31.85
N ILE A 772 -16.12 23.53 30.86
CA ILE A 772 -14.85 22.82 30.95
C ILE A 772 -13.98 23.43 32.04
N GLY A 773 -13.94 24.76 32.12
CA GLY A 773 -13.17 25.42 33.16
C GLY A 773 -13.79 25.29 34.54
N GLU A 774 -15.10 25.03 34.61
CA GLU A 774 -15.74 24.83 35.91
C GLU A 774 -15.54 23.42 36.44
N LEU A 775 -15.48 22.42 35.56
CA LEU A 775 -15.19 21.06 36.00
C LEU A 775 -13.76 20.96 36.51
N ILE A 776 -12.79 21.44 35.71
CA ILE A 776 -11.38 21.34 36.05
C ILE A 776 -11.04 22.41 37.08
N ARG A 777 -12.04 23.18 37.47
CA ARG A 777 -11.88 24.26 38.45
C ARG A 777 -10.88 25.31 37.97
N MET A 778 -10.79 25.50 36.65
CA MET A 778 -9.85 26.45 36.06
C MET A 778 -10.51 27.15 34.88
N PRO A 779 -11.31 28.19 35.14
CA PRO A 779 -11.87 28.99 34.04
C PRO A 779 -10.82 29.90 33.42
N LYS A 780 -9.57 29.72 33.84
CA LYS A 780 -8.46 30.52 33.31
C LYS A 780 -8.38 30.40 31.79
N MET A 781 -8.18 29.19 31.29
CA MET A 781 -8.09 28.92 29.86
C MET A 781 -9.23 27.99 29.48
N GLY A 782 -10.23 28.55 28.81
CA GLY A 782 -11.36 27.75 28.35
C GLY A 782 -11.13 27.17 26.97
N LYS A 783 -11.38 27.98 25.93
CA LYS A 783 -11.37 27.50 24.55
C LYS A 783 -10.08 26.79 24.15
N THR A 784 -9.00 26.90 24.96
CA THR A 784 -7.78 26.16 24.65
C THR A 784 -8.03 24.65 24.72
N ILE A 785 -8.61 24.19 25.83
CA ILE A 785 -8.91 22.76 25.96
C ILE A 785 -10.00 22.34 24.99
N HIS A 786 -11.02 23.20 24.81
CA HIS A 786 -12.04 22.93 23.81
C HIS A 786 -11.46 22.85 22.41
N LYS A 787 -10.38 23.60 22.15
CA LYS A 787 -9.71 23.50 20.86
C LYS A 787 -8.97 22.18 20.71
N TYR A 788 -8.23 21.77 21.75
CA TYR A 788 -7.45 20.55 21.67
C TYR A 788 -8.32 19.29 21.80
N VAL A 789 -9.52 19.42 22.34
CA VAL A 789 -10.42 18.27 22.41
C VAL A 789 -10.86 17.87 21.01
N HIS A 790 -11.17 18.84 20.16
CA HIS A 790 -11.59 18.56 18.79
C HIS A 790 -10.42 18.40 17.84
N LEU A 791 -9.22 18.81 18.23
CA LEU A 791 -8.03 18.50 17.45
C LEU A 791 -7.62 17.04 17.61
N PHE A 792 -8.03 16.40 18.70
CA PHE A 792 -7.77 14.98 18.89
C PHE A 792 -8.52 14.19 17.83
N PRO A 793 -7.88 13.23 17.18
CA PRO A 793 -8.56 12.47 16.11
C PRO A 793 -9.76 11.70 16.65
N LYS A 794 -10.80 11.65 15.83
CA LYS A 794 -12.04 10.97 16.20
C LYS A 794 -12.83 10.68 14.93
N LEU A 795 -13.33 9.45 14.81
CA LEU A 795 -14.04 9.02 13.62
C LEU A 795 -15.36 8.35 14.02
N GLU A 796 -16.40 8.61 13.24
CA GLU A 796 -17.70 8.00 13.43
C GLU A 796 -17.91 6.94 12.35
N LEU A 797 -18.47 5.79 12.75
CA LEU A 797 -18.54 4.62 11.90
C LEU A 797 -19.99 4.29 11.58
N SER A 798 -20.36 4.41 10.31
CA SER A 798 -21.58 3.85 9.79
C SER A 798 -21.32 2.47 9.22
N VAL A 799 -22.39 1.75 8.88
CA VAL A 799 -22.22 0.44 8.24
C VAL A 799 -23.53 0.06 7.55
N HIS A 800 -23.41 -0.73 6.49
CA HIS A 800 -24.54 -1.22 5.71
C HIS A 800 -24.23 -2.68 5.37
N LEU A 801 -24.90 -3.60 6.04
CA LEU A 801 -24.63 -5.02 5.86
C LEU A 801 -25.34 -5.55 4.62
N GLN A 802 -24.58 -6.20 3.75
CA GLN A 802 -25.08 -6.74 2.48
C GLN A 802 -24.84 -8.25 2.48
N PRO A 803 -25.81 -9.05 2.88
CA PRO A 803 -25.62 -10.51 2.91
C PRO A 803 -25.52 -11.09 1.50
N ILE A 804 -24.41 -11.76 1.23
CA ILE A 804 -24.23 -12.45 -0.05
C ILE A 804 -24.76 -13.87 0.02
N THR A 805 -24.59 -14.53 1.17
CA THR A 805 -24.94 -15.93 1.35
C THR A 805 -25.32 -16.14 2.80
N ARG A 806 -26.00 -17.25 3.08
CA ARG A 806 -26.19 -17.67 4.47
C ARG A 806 -24.87 -17.95 5.16
N SER A 807 -23.77 -18.02 4.42
CA SER A 807 -22.43 -18.21 4.97
C SER A 807 -21.51 -17.02 4.77
N THR A 808 -21.73 -16.21 3.73
CA THR A 808 -20.87 -15.10 3.40
C THR A 808 -21.63 -13.78 3.51
N LEU A 809 -20.97 -12.76 4.05
CA LEU A 809 -21.59 -11.47 4.26
C LEU A 809 -20.65 -10.36 3.82
N LYS A 810 -21.15 -9.48 2.96
CA LYS A 810 -20.39 -8.30 2.54
C LYS A 810 -20.77 -7.10 3.42
N VAL A 811 -19.76 -6.31 3.77
CA VAL A 811 -19.92 -5.21 4.70
C VAL A 811 -19.37 -3.95 4.05
N GLU A 812 -20.16 -2.87 4.09
CA GLU A 812 -19.73 -1.56 3.60
C GLU A 812 -19.58 -0.64 4.81
N LEU A 813 -18.33 -0.30 5.14
CA LEU A 813 -18.03 0.54 6.30
C LEU A 813 -17.84 1.98 5.84
N THR A 814 -18.63 2.88 6.41
CA THR A 814 -18.52 4.31 6.13
C THR A 814 -17.81 4.99 7.29
N ILE A 815 -16.69 5.64 6.99
CA ILE A 815 -15.87 6.32 7.99
C ILE A 815 -16.05 7.82 7.81
N THR A 816 -16.62 8.47 8.83
CA THR A 816 -16.83 9.91 8.80
C THR A 816 -15.94 10.58 9.81
N PRO A 817 -14.97 11.40 9.40
CA PRO A 817 -14.08 12.06 10.37
C PRO A 817 -14.85 13.07 11.22
N ASP A 818 -14.64 12.99 12.54
CA ASP A 818 -15.32 13.90 13.46
C ASP A 818 -14.30 14.68 14.28
N PHE A 819 -13.41 15.41 13.59
CA PHE A 819 -12.41 16.22 14.26
C PHE A 819 -11.89 17.26 13.27
N GLN A 820 -11.39 18.36 13.82
CA GLN A 820 -10.84 19.44 13.01
C GLN A 820 -9.37 19.18 12.73
N TRP A 821 -8.98 19.30 11.46
CA TRP A 821 -7.61 19.01 11.06
C TRP A 821 -6.70 20.22 11.30
N ASP A 822 -5.45 19.92 11.60
CA ASP A 822 -4.43 20.95 11.79
C ASP A 822 -3.08 20.35 11.39
N GLU A 823 -2.49 20.88 10.32
CA GLU A 823 -1.23 20.34 9.83
C GLU A 823 -0.12 20.41 10.87
N LYS A 824 -0.20 21.39 11.77
CA LYS A 824 0.79 21.51 12.84
C LYS A 824 0.75 20.32 13.80
N VAL A 825 -0.38 19.62 13.89
CA VAL A 825 -0.56 18.52 14.82
C VAL A 825 -0.66 17.19 14.10
N HIS A 826 -1.46 17.11 13.04
CA HIS A 826 -1.70 15.85 12.35
C HIS A 826 -0.75 15.62 11.18
N GLY A 827 -0.21 16.68 10.59
CA GLY A 827 0.73 16.52 9.49
C GLY A 827 0.03 16.34 8.15
N SER A 828 0.68 15.57 7.28
CA SER A 828 0.15 15.35 5.94
C SER A 828 -0.87 14.20 5.89
N SER A 829 -0.88 13.34 6.90
CA SER A 829 -1.80 12.20 6.90
C SER A 829 -1.96 11.70 8.33
N GLU A 830 -2.97 10.86 8.53
CA GLU A 830 -3.22 10.22 9.81
C GLU A 830 -3.58 8.77 9.56
N ALA A 831 -2.94 7.85 10.29
CA ALA A 831 -3.07 6.43 10.04
C ALA A 831 -3.98 5.77 11.08
N PHE A 832 -4.73 4.76 10.62
CA PHE A 832 -5.64 4.01 11.48
C PHE A 832 -5.62 2.55 11.06
N TRP A 833 -6.11 1.69 11.96
CA TRP A 833 -6.19 0.26 11.72
C TRP A 833 -7.65 -0.17 11.81
N ILE A 834 -8.15 -0.77 10.73
CA ILE A 834 -9.50 -1.31 10.70
C ILE A 834 -9.44 -2.75 11.17
N LEU A 835 -10.13 -3.06 12.27
CA LEU A 835 -10.10 -4.38 12.87
C LEU A 835 -11.52 -4.90 13.04
N VAL A 836 -11.82 -6.03 12.42
CA VAL A 836 -13.12 -6.67 12.51
C VAL A 836 -12.96 -7.92 13.37
N GLU A 837 -13.47 -7.85 14.61
CA GLU A 837 -13.34 -8.92 15.57
C GLU A 837 -14.66 -9.65 15.75
N ASP A 838 -14.57 -10.87 16.27
CA ASP A 838 -15.74 -11.75 16.38
C ASP A 838 -16.56 -11.44 17.63
N VAL A 839 -17.28 -12.44 18.14
CA VAL A 839 -18.19 -12.23 19.25
C VAL A 839 -17.41 -11.99 20.54
N ASP A 840 -16.41 -12.84 20.81
CA ASP A 840 -15.68 -12.79 22.07
C ASP A 840 -14.50 -11.84 22.04
N SER A 841 -14.35 -11.03 20.98
CA SER A 841 -13.19 -10.17 20.80
C SER A 841 -11.90 -10.97 20.93
N GLU A 842 -11.87 -12.11 20.24
CA GLU A 842 -10.79 -13.08 20.33
C GLU A 842 -10.10 -13.33 19.01
N VAL A 843 -10.83 -13.33 17.90
CA VAL A 843 -10.29 -13.60 16.58
C VAL A 843 -10.55 -12.39 15.69
N ILE A 844 -9.54 -11.98 14.94
CA ILE A 844 -9.67 -10.89 13.97
C ILE A 844 -10.12 -11.53 12.65
N LEU A 845 -11.42 -11.46 12.38
CA LEU A 845 -11.95 -12.05 11.15
C LEU A 845 -11.43 -11.34 9.91
N HIS A 846 -11.21 -10.03 9.99
CA HIS A 846 -10.66 -9.28 8.88
C HIS A 846 -9.98 -8.03 9.43
N HIS A 847 -8.78 -7.75 8.91
CA HIS A 847 -8.09 -6.51 9.23
C HIS A 847 -7.46 -5.97 7.96
N GLU A 848 -7.72 -4.70 7.68
CA GLU A 848 -7.06 -3.99 6.59
C GLU A 848 -6.57 -2.65 7.14
N TYR A 849 -5.87 -1.91 6.29
CA TYR A 849 -5.15 -0.72 6.70
C TYR A 849 -5.80 0.52 6.07
N PHE A 850 -6.23 1.45 6.91
CA PHE A 850 -6.87 2.68 6.48
C PHE A 850 -5.94 3.86 6.74
N LEU A 851 -5.93 4.82 5.83
CA LEU A 851 -5.07 5.99 5.95
C LEU A 851 -5.84 7.22 5.53
N LEU A 852 -6.02 8.16 6.46
CA LEU A 852 -6.74 9.41 6.21
C LEU A 852 -5.74 10.51 5.93
N LYS A 853 -5.67 10.94 4.69
CA LYS A 853 -4.80 12.03 4.28
C LYS A 853 -5.49 13.38 4.46
N ALA A 854 -4.70 14.40 4.76
CA ALA A 854 -5.24 15.74 5.00
C ALA A 854 -6.02 16.27 3.80
N LYS A 855 -5.77 15.72 2.61
CA LYS A 855 -6.42 16.22 1.40
C LYS A 855 -7.91 15.91 1.40
N TYR A 856 -8.30 14.76 1.96
CA TYR A 856 -9.71 14.38 2.11
C TYR A 856 -10.10 14.31 3.59
N ALA A 857 -9.60 15.26 4.40
CA ALA A 857 -9.81 15.21 5.84
C ALA A 857 -11.25 15.51 6.25
N GLN A 858 -12.12 15.91 5.31
CA GLN A 858 -13.51 16.24 5.63
C GLN A 858 -14.50 15.45 4.79
N ASP A 859 -14.08 14.32 4.22
CA ASP A 859 -14.94 13.52 3.37
C ASP A 859 -15.16 12.15 3.99
N GLU A 860 -16.32 11.56 3.69
CA GLU A 860 -16.63 10.21 4.14
C GLU A 860 -15.88 9.19 3.30
N HIS A 861 -15.40 8.14 3.94
CA HIS A 861 -14.64 7.08 3.28
C HIS A 861 -15.44 5.79 3.33
N LEU A 862 -15.52 5.09 2.19
CA LEU A 862 -16.26 3.84 2.07
C LEU A 862 -15.28 2.69 1.94
N ILE A 863 -15.45 1.68 2.81
CA ILE A 863 -14.60 0.49 2.82
C ILE A 863 -15.48 -0.73 2.69
N THR A 864 -15.05 -1.71 1.89
CA THR A 864 -15.79 -2.93 1.65
C THR A 864 -14.92 -4.14 1.92
N PHE A 865 -15.50 -5.16 2.55
CA PHE A 865 -14.79 -6.39 2.85
C PHE A 865 -15.81 -7.50 3.10
N PHE A 866 -15.31 -8.74 3.08
CA PHE A 866 -16.13 -9.92 3.34
C PHE A 866 -15.71 -10.58 4.64
N VAL A 867 -16.69 -11.08 5.38
CA VAL A 867 -16.43 -11.85 6.61
C VAL A 867 -17.35 -13.06 6.65
N PRO A 868 -16.86 -14.16 7.21
CA PRO A 868 -17.69 -15.38 7.27
C PRO A 868 -18.76 -15.29 8.33
N VAL A 869 -19.77 -16.15 8.17
CA VAL A 869 -20.94 -16.18 9.05
C VAL A 869 -21.44 -17.61 9.14
N PHE A 870 -21.68 -18.08 10.37
CA PHE A 870 -22.32 -19.37 10.60
C PHE A 870 -23.80 -19.16 10.91
N GLU A 871 -24.58 -20.22 10.66
CA GLU A 871 -26.04 -20.12 10.72
C GLU A 871 -26.58 -19.88 12.13
N PRO A 872 -26.05 -20.53 13.19
CA PRO A 872 -26.42 -20.09 14.54
C PRO A 872 -26.00 -18.65 14.74
N LEU A 873 -26.76 -17.72 14.14
CA LEU A 873 -26.37 -16.33 13.92
C LEU A 873 -25.81 -15.72 15.19
N PRO A 874 -24.51 -15.43 15.20
CA PRO A 874 -23.86 -14.94 16.42
C PRO A 874 -24.49 -13.63 16.88
N PRO A 875 -24.36 -13.30 18.17
CA PRO A 875 -24.98 -12.05 18.65
C PRO A 875 -24.53 -10.82 17.89
N GLN A 876 -23.23 -10.64 17.70
CA GLN A 876 -22.71 -9.47 17.01
C GLN A 876 -21.24 -9.67 16.70
N TYR A 877 -20.75 -8.90 15.74
CA TYR A 877 -19.32 -8.72 15.49
C TYR A 877 -18.93 -7.33 15.97
N PHE A 878 -17.63 -7.03 15.89
CA PHE A 878 -17.11 -5.75 16.34
C PHE A 878 -16.15 -5.19 15.30
N ILE A 879 -16.31 -3.90 15.02
CA ILE A 879 -15.44 -3.19 14.08
C ILE A 879 -14.74 -2.09 14.87
N ARG A 880 -13.42 -2.23 15.04
CA ARG A 880 -12.62 -1.25 15.76
C ARG A 880 -11.74 -0.49 14.77
N VAL A 881 -11.64 0.82 14.97
CA VAL A 881 -10.77 1.67 14.17
C VAL A 881 -9.81 2.34 15.14
N VAL A 882 -8.67 1.71 15.36
CA VAL A 882 -7.66 2.19 16.29
C VAL A 882 -6.67 3.07 15.54
N SER A 883 -6.28 4.18 16.16
CA SER A 883 -5.25 5.03 15.58
C SER A 883 -3.89 4.35 15.67
N ASP A 884 -3.06 4.60 14.66
CA ASP A 884 -1.74 3.99 14.61
C ASP A 884 -0.70 4.72 15.46
N ARG A 885 -0.93 6.00 15.74
CA ARG A 885 0.01 6.82 16.51
C ARG A 885 -0.56 7.31 17.83
N TRP A 886 -1.80 7.78 17.83
CA TRP A 886 -2.37 8.41 19.02
C TRP A 886 -2.81 7.37 20.05
N LEU A 887 -2.51 7.65 21.31
CA LEU A 887 -2.92 6.78 22.40
C LEU A 887 -4.36 7.09 22.82
N SER A 888 -5.09 6.04 23.19
CA SER A 888 -6.48 6.16 23.65
C SER A 888 -7.35 6.84 22.60
N CYS A 889 -7.11 6.52 21.33
CA CYS A 889 -7.86 7.08 20.20
C CYS A 889 -8.45 5.90 19.44
N GLU A 890 -9.69 5.53 19.79
CA GLU A 890 -10.31 4.33 19.26
C GLU A 890 -11.81 4.54 19.16
N THR A 891 -12.42 3.89 18.16
CA THR A 891 -13.86 3.89 17.99
C THR A 891 -14.28 2.47 17.60
N GLN A 892 -15.11 1.85 18.45
CA GLN A 892 -15.61 0.51 18.21
C GLN A 892 -17.10 0.57 17.89
N LEU A 893 -17.49 -0.04 16.77
CA LEU A 893 -18.89 -0.06 16.34
C LEU A 893 -19.44 -1.47 16.46
N PRO A 894 -20.36 -1.74 17.39
CA PRO A 894 -20.95 -3.08 17.48
C PRO A 894 -21.83 -3.35 16.26
N VAL A 895 -21.59 -4.50 15.63
CA VAL A 895 -22.34 -4.90 14.44
C VAL A 895 -23.25 -6.07 14.79
N SER A 896 -24.46 -5.77 15.27
CA SER A 896 -25.39 -6.78 15.71
C SER A 896 -26.09 -7.44 14.52
N PHE A 897 -26.41 -8.72 14.67
CA PHE A 897 -27.06 -9.50 13.63
C PHE A 897 -28.48 -9.94 14.03
N ARG A 898 -29.12 -9.22 14.95
CA ARG A 898 -30.45 -9.59 15.40
C ARG A 898 -31.54 -9.22 14.41
N HIS A 899 -31.28 -8.26 13.53
CA HIS A 899 -32.27 -7.83 12.55
C HIS A 899 -31.87 -8.12 11.11
N LEU A 900 -30.72 -8.76 10.89
CA LEU A 900 -30.26 -9.02 9.53
C LEU A 900 -31.10 -10.13 8.90
N ILE A 901 -31.54 -9.89 7.67
CA ILE A 901 -32.35 -10.83 6.92
C ILE A 901 -31.44 -11.56 5.94
N LEU A 902 -31.18 -12.84 6.19
CA LEU A 902 -30.35 -13.63 5.31
C LEU A 902 -31.16 -14.10 4.10
N PRO A 903 -30.52 -14.24 2.94
CA PRO A 903 -31.22 -14.79 1.78
C PRO A 903 -31.52 -16.27 1.97
N GLU A 904 -32.43 -16.77 1.13
CA GLU A 904 -32.82 -18.17 1.20
C GLU A 904 -31.76 -19.06 0.59
N LYS A 905 -31.71 -20.31 1.05
CA LYS A 905 -30.80 -21.29 0.47
C LYS A 905 -31.14 -21.51 -1.00
N TYR A 906 -30.12 -21.48 -1.85
CA TYR A 906 -30.35 -21.59 -3.28
C TYR A 906 -30.92 -22.97 -3.62
N PRO A 907 -31.88 -23.04 -4.54
CA PRO A 907 -32.53 -24.31 -4.86
C PRO A 907 -31.54 -25.29 -5.46
N PRO A 908 -31.84 -26.59 -5.43
CA PRO A 908 -30.96 -27.58 -6.04
C PRO A 908 -30.86 -27.38 -7.54
N PRO A 909 -29.77 -27.79 -8.16
CA PRO A 909 -29.60 -27.58 -9.60
C PRO A 909 -30.49 -28.48 -10.42
N THR A 910 -30.53 -28.19 -11.72
CA THR A 910 -31.20 -29.07 -12.67
C THR A 910 -30.43 -30.37 -12.80
N GLU A 911 -31.09 -31.48 -12.49
CA GLU A 911 -30.44 -32.79 -12.57
C GLU A 911 -30.03 -33.09 -14.00
N LEU A 912 -28.73 -33.27 -14.23
CA LEU A 912 -28.24 -33.65 -15.55
C LEU A 912 -28.71 -35.06 -15.86
N LEU A 913 -29.70 -35.18 -16.75
CA LEU A 913 -30.24 -36.48 -17.11
C LEU A 913 -29.18 -37.31 -17.82
N ASP A 914 -29.10 -38.59 -17.46
CA ASP A 914 -28.23 -39.53 -18.16
C ASP A 914 -28.78 -39.78 -19.55
N LEU A 915 -28.79 -38.75 -20.39
CA LEU A 915 -29.37 -38.85 -21.71
C LEU A 915 -28.41 -39.56 -22.67
N GLN A 916 -29.00 -40.11 -23.70
CA GLN A 916 -28.22 -40.76 -24.74
C GLN A 916 -27.45 -39.71 -25.53
N PRO A 917 -26.14 -39.92 -25.78
CA PRO A 917 -25.33 -38.87 -26.43
C PRO A 917 -25.85 -38.48 -27.81
N LEU A 918 -26.31 -37.24 -27.93
CA LEU A 918 -26.94 -36.78 -29.17
C LEU A 918 -25.87 -36.47 -30.21
N PRO A 919 -25.91 -37.08 -31.38
CA PRO A 919 -25.00 -36.71 -32.47
C PRO A 919 -25.56 -35.53 -33.24
N VAL A 920 -24.83 -35.12 -34.28
CA VAL A 920 -25.27 -34.04 -35.14
C VAL A 920 -26.31 -34.58 -36.11
N SER A 921 -26.68 -35.85 -35.91
CA SER A 921 -27.72 -36.44 -36.73
C SER A 921 -29.06 -35.75 -36.54
N ALA A 922 -29.31 -35.22 -35.34
CA ALA A 922 -30.61 -34.63 -35.04
C ALA A 922 -30.82 -33.29 -35.71
N LEU A 923 -29.76 -32.64 -36.20
CA LEU A 923 -29.93 -31.37 -36.91
C LEU A 923 -30.76 -31.56 -38.17
N ARG A 924 -30.59 -32.70 -38.85
CA ARG A 924 -31.35 -33.04 -40.05
C ARG A 924 -31.23 -31.94 -41.11
N ASN A 925 -29.99 -31.50 -41.33
CA ASN A 925 -29.71 -30.48 -42.33
C ASN A 925 -28.23 -30.61 -42.69
N SER A 926 -27.94 -31.10 -43.89
CA SER A 926 -26.55 -31.35 -44.28
C SER A 926 -25.74 -30.07 -44.30
N ALA A 927 -26.35 -28.95 -44.69
CA ALA A 927 -25.63 -27.68 -44.68
C ALA A 927 -25.24 -27.28 -43.27
N PHE A 928 -26.12 -27.52 -42.30
CA PHE A 928 -25.80 -27.22 -40.91
C PHE A 928 -24.86 -28.27 -40.31
N GLU A 929 -25.01 -29.53 -40.72
CA GLU A 929 -24.18 -30.60 -40.16
C GLU A 929 -22.72 -30.45 -40.55
N SER A 930 -22.44 -29.79 -41.68
CA SER A 930 -21.07 -29.58 -42.12
C SER A 930 -20.28 -28.66 -41.19
N LEU A 931 -20.96 -27.97 -40.27
CA LEU A 931 -20.28 -27.07 -39.34
C LEU A 931 -19.74 -27.78 -38.11
N TYR A 932 -20.08 -29.05 -37.90
CA TYR A 932 -19.67 -29.76 -36.68
C TYR A 932 -19.18 -31.18 -36.90
N GLN A 933 -19.60 -31.88 -37.96
CA GLN A 933 -19.36 -33.32 -38.05
C GLN A 933 -17.89 -33.68 -38.08
N ASP A 934 -17.01 -32.75 -38.43
CA ASP A 934 -15.58 -33.01 -38.45
C ASP A 934 -14.84 -32.42 -37.25
N LYS A 935 -15.51 -31.59 -36.44
CA LYS A 935 -14.89 -31.10 -35.22
C LYS A 935 -15.05 -32.09 -34.08
N PHE A 936 -16.21 -32.73 -33.99
CA PHE A 936 -16.49 -33.71 -32.95
C PHE A 936 -17.63 -34.60 -33.43
N PRO A 937 -17.74 -35.83 -32.93
CA PRO A 937 -18.80 -36.73 -33.40
C PRO A 937 -20.15 -36.52 -32.69
N PHE A 938 -20.13 -36.27 -31.39
CA PHE A 938 -21.36 -36.10 -30.62
C PHE A 938 -21.22 -34.90 -29.69
N PHE A 939 -22.37 -34.38 -29.26
CA PHE A 939 -22.40 -33.25 -28.35
C PHE A 939 -22.21 -33.71 -26.90
N ASN A 940 -21.76 -32.79 -26.05
CA ASN A 940 -21.60 -33.09 -24.64
C ASN A 940 -22.97 -33.19 -23.96
N PRO A 941 -23.05 -33.88 -22.83
CA PRO A 941 -24.36 -34.07 -22.17
C PRO A 941 -25.13 -32.79 -21.90
N ILE A 942 -24.45 -31.65 -21.75
CA ILE A 942 -25.16 -30.40 -21.54
C ILE A 942 -25.78 -29.91 -22.83
N GLN A 943 -25.08 -30.05 -23.95
CA GLN A 943 -25.59 -29.59 -25.23
C GLN A 943 -26.76 -30.42 -25.74
N THR A 944 -26.94 -31.64 -25.21
CA THR A 944 -28.01 -32.52 -25.67
C THR A 944 -29.31 -32.31 -24.92
N GLN A 945 -29.25 -31.95 -23.64
CA GLN A 945 -30.47 -31.74 -22.87
C GLN A 945 -31.24 -30.53 -23.40
N VAL A 946 -30.53 -29.46 -23.78
CA VAL A 946 -31.20 -28.25 -24.23
C VAL A 946 -31.61 -28.32 -25.70
N PHE A 947 -31.00 -29.22 -26.48
CA PHE A 947 -31.19 -29.24 -27.93
C PHE A 947 -32.66 -29.18 -28.32
N ASN A 948 -33.51 -29.95 -27.63
CA ASN A 948 -34.93 -29.93 -27.96
C ASN A 948 -35.54 -28.57 -27.69
N THR A 949 -35.17 -27.94 -26.58
CA THR A 949 -35.73 -26.65 -26.22
C THR A 949 -35.11 -25.49 -27.01
N VAL A 950 -33.90 -25.64 -27.52
CA VAL A 950 -33.26 -24.56 -28.26
C VAL A 950 -33.50 -24.68 -29.76
N TYR A 951 -33.48 -25.91 -30.30
CA TYR A 951 -33.57 -26.11 -31.74
C TYR A 951 -35.01 -26.34 -32.21
N ASN A 952 -35.83 -27.02 -31.41
CA ASN A 952 -37.19 -27.37 -31.79
C ASN A 952 -38.24 -26.49 -31.14
N SER A 953 -37.85 -25.53 -30.31
CA SER A 953 -38.78 -24.66 -29.62
C SER A 953 -38.46 -23.20 -29.89
N ASP A 954 -39.42 -22.34 -29.59
CA ASP A 954 -39.25 -20.90 -29.73
C ASP A 954 -39.35 -20.18 -28.39
N ASP A 955 -39.44 -20.91 -27.29
CA ASP A 955 -39.54 -20.30 -25.97
C ASP A 955 -38.19 -19.71 -25.55
N ASN A 956 -38.24 -18.80 -24.59
CA ASN A 956 -37.02 -18.21 -24.06
C ASN A 956 -36.28 -19.24 -23.21
N VAL A 957 -34.97 -19.38 -23.48
CA VAL A 957 -34.16 -20.41 -22.84
C VAL A 957 -33.11 -19.75 -21.95
N PHE A 958 -32.80 -20.41 -20.84
CA PHE A 958 -31.69 -20.03 -19.97
C PHE A 958 -30.85 -21.26 -19.69
N VAL A 959 -29.58 -21.22 -20.05
CA VAL A 959 -28.64 -22.31 -19.84
C VAL A 959 -27.53 -21.82 -18.94
N GLY A 960 -27.51 -22.33 -17.70
CA GLY A 960 -26.45 -22.00 -16.77
C GLY A 960 -25.51 -23.16 -16.53
N ALA A 961 -24.29 -23.05 -17.03
CA ALA A 961 -23.31 -24.12 -16.99
C ALA A 961 -21.94 -23.53 -16.68
N PRO A 962 -21.02 -24.33 -16.17
CA PRO A 962 -19.67 -23.81 -15.87
C PRO A 962 -18.97 -23.32 -17.12
N THR A 963 -17.93 -22.51 -16.90
CA THR A 963 -17.13 -21.99 -18.00
C THR A 963 -16.37 -23.13 -18.66
N GLY A 964 -16.65 -23.37 -19.93
CA GLY A 964 -16.08 -24.48 -20.66
C GLY A 964 -17.02 -25.64 -20.94
N SER A 965 -18.34 -25.44 -20.80
CA SER A 965 -19.32 -26.48 -21.02
C SER A 965 -19.90 -26.45 -22.44
N GLY A 966 -19.25 -25.73 -23.36
CA GLY A 966 -19.76 -25.66 -24.73
C GLY A 966 -21.06 -24.90 -24.86
N LYS A 967 -21.21 -23.80 -24.12
CA LYS A 967 -22.47 -23.06 -24.18
C LYS A 967 -22.61 -22.27 -25.48
N THR A 968 -21.48 -21.87 -26.08
CA THR A 968 -21.55 -21.12 -27.33
C THR A 968 -22.25 -21.91 -28.43
N ILE A 969 -22.09 -23.23 -28.44
CA ILE A 969 -22.79 -24.06 -29.42
C ILE A 969 -24.29 -24.05 -29.15
N CYS A 970 -24.68 -24.04 -27.87
CA CYS A 970 -26.10 -23.93 -27.53
C CYS A 970 -26.70 -22.64 -28.07
N ALA A 971 -25.93 -21.55 -28.05
CA ALA A 971 -26.38 -20.32 -28.68
C ALA A 971 -26.50 -20.49 -30.20
N GLU A 972 -25.62 -21.31 -30.80
CA GLU A 972 -25.72 -21.57 -32.23
C GLU A 972 -26.95 -22.40 -32.58
N PHE A 973 -27.47 -23.18 -31.63
CA PHE A 973 -28.70 -23.94 -31.89
C PHE A 973 -29.86 -22.98 -32.14
N ALA A 974 -30.01 -21.95 -31.30
CA ALA A 974 -31.07 -20.98 -31.49
C ALA A 974 -30.86 -20.14 -32.75
N ILE A 975 -29.60 -19.99 -33.17
CA ILE A 975 -29.31 -19.21 -34.37
C ILE A 975 -29.63 -20.03 -35.62
N LEU A 976 -29.28 -21.32 -35.61
CA LEU A 976 -29.57 -22.17 -36.75
C LEU A 976 -31.07 -22.33 -36.98
N ARG A 977 -31.87 -22.27 -35.91
CA ARG A 977 -33.31 -22.34 -36.06
C ARG A 977 -33.86 -21.08 -36.71
N MET A 978 -33.27 -19.93 -36.40
CA MET A 978 -33.74 -18.67 -36.98
C MET A 978 -33.58 -18.66 -38.49
N LEU A 979 -32.51 -19.26 -39.00
CA LEU A 979 -32.26 -19.25 -40.44
C LEU A 979 -33.19 -20.18 -41.21
N LEU A 980 -33.79 -21.17 -40.54
CA LEU A 980 -34.72 -22.06 -41.19
C LEU A 980 -36.13 -21.48 -41.26
N GLN A 981 -36.58 -20.83 -40.19
CA GLN A 981 -37.90 -20.19 -40.20
C GLN A 981 -37.91 -18.93 -41.04
N SER A 982 -36.76 -18.28 -41.19
CA SER A 982 -36.65 -17.08 -42.03
C SER A 982 -35.17 -16.90 -42.38
N SER A 983 -34.82 -17.16 -43.64
CA SER A 983 -33.42 -17.08 -44.05
C SER A 983 -32.87 -15.67 -43.90
N GLU A 984 -33.73 -14.66 -43.98
CA GLU A 984 -33.32 -13.27 -43.83
C GLU A 984 -33.44 -12.77 -42.40
N GLY A 985 -33.52 -13.68 -41.43
CA GLY A 985 -33.65 -13.27 -40.05
C GLY A 985 -32.40 -12.57 -39.53
N ARG A 986 -32.59 -11.81 -38.46
CA ARG A 986 -31.52 -11.03 -37.84
C ARG A 986 -31.45 -11.36 -36.36
N CYS A 987 -30.25 -11.62 -35.87
CA CYS A 987 -30.01 -11.91 -34.46
C CYS A 987 -28.86 -11.06 -33.95
N VAL A 988 -28.96 -10.61 -32.71
CA VAL A 988 -27.95 -9.78 -32.07
C VAL A 988 -27.39 -10.55 -30.88
N TYR A 989 -26.09 -10.82 -30.92
CA TYR A 989 -25.41 -11.56 -29.86
C TYR A 989 -24.64 -10.58 -28.98
N ILE A 990 -24.87 -10.67 -27.67
CA ILE A 990 -24.27 -9.76 -26.70
C ILE A 990 -23.31 -10.56 -25.82
N THR A 991 -22.09 -10.04 -25.64
CA THR A 991 -21.10 -10.61 -24.76
C THR A 991 -20.46 -9.46 -23.98
N PRO A 992 -20.16 -9.65 -22.69
CA PRO A 992 -19.75 -8.50 -21.87
C PRO A 992 -18.40 -7.91 -22.24
N MET A 993 -17.46 -8.71 -22.73
CA MET A 993 -16.10 -8.25 -22.98
C MET A 993 -15.84 -8.12 -24.48
N GLU A 994 -15.13 -7.05 -24.85
CA GLU A 994 -14.76 -6.85 -26.25
C GLU A 994 -13.75 -7.91 -26.71
N ALA A 995 -12.97 -8.47 -25.79
CA ALA A 995 -12.05 -9.54 -26.14
C ALA A 995 -12.80 -10.81 -26.52
N LEU A 996 -13.94 -11.08 -25.86
CA LEU A 996 -14.75 -12.22 -26.22
C LEU A 996 -15.49 -11.99 -27.54
N ALA A 997 -15.84 -10.74 -27.84
CA ALA A 997 -16.62 -10.45 -29.04
C ALA A 997 -15.84 -10.74 -30.30
N GLU A 998 -14.53 -10.47 -30.29
CA GLU A 998 -13.74 -10.63 -31.51
C GLU A 998 -13.48 -12.10 -31.82
N GLN A 999 -13.21 -12.92 -30.81
CA GLN A 999 -13.01 -14.33 -31.05
C GLN A 999 -14.30 -15.02 -31.45
N VAL A 1000 -15.43 -14.62 -30.85
CA VAL A 1000 -16.73 -15.12 -31.29
C VAL A 1000 -17.01 -14.65 -32.70
N TYR A 1001 -16.60 -13.43 -33.03
CA TYR A 1001 -16.75 -12.93 -34.40
C TYR A 1001 -15.87 -13.73 -35.36
N MET A 1002 -14.67 -14.11 -34.92
CA MET A 1002 -13.79 -14.92 -35.76
C MET A 1002 -14.36 -16.32 -35.95
N ASP A 1003 -14.94 -16.89 -34.89
CA ASP A 1003 -15.48 -18.24 -34.99
C ASP A 1003 -16.75 -18.27 -35.83
N TRP A 1004 -17.66 -17.32 -35.59
CA TRP A 1004 -18.94 -17.31 -36.29
C TRP A 1004 -18.85 -16.77 -37.71
N TYR A 1005 -17.74 -16.15 -38.09
CA TYR A 1005 -17.58 -15.68 -39.47
C TYR A 1005 -17.38 -16.86 -40.42
N GLU A 1006 -16.50 -17.79 -40.04
CA GLU A 1006 -16.23 -18.94 -40.90
C GLU A 1006 -17.43 -19.87 -40.98
N LYS A 1007 -18.15 -20.04 -39.86
CA LYS A 1007 -19.24 -21.01 -39.82
C LYS A 1007 -20.50 -20.49 -40.50
N PHE A 1008 -20.83 -19.22 -40.29
CA PHE A 1008 -22.10 -18.69 -40.78
C PHE A 1008 -21.98 -17.90 -42.06
N GLN A 1009 -20.80 -17.38 -42.40
CA GLN A 1009 -20.60 -16.60 -43.61
C GLN A 1009 -19.73 -17.29 -44.65
N ASP A 1010 -18.69 -18.01 -44.24
CA ASP A 1010 -17.84 -18.72 -45.18
C ASP A 1010 -18.37 -20.09 -45.54
N ARG A 1011 -19.39 -20.59 -44.83
CA ARG A 1011 -19.99 -21.88 -45.12
C ARG A 1011 -21.49 -21.80 -45.37
N LEU A 1012 -22.20 -20.94 -44.64
CA LEU A 1012 -23.63 -20.72 -44.87
C LEU A 1012 -23.92 -19.44 -45.64
N ASN A 1013 -22.90 -18.61 -45.88
CA ASN A 1013 -23.04 -17.35 -46.61
C ASN A 1013 -24.12 -16.45 -46.01
N LYS A 1014 -24.28 -16.50 -44.70
CA LYS A 1014 -25.11 -15.55 -43.97
C LYS A 1014 -24.20 -14.51 -43.33
N LYS A 1015 -24.51 -13.24 -43.56
CA LYS A 1015 -23.59 -12.16 -43.20
C LYS A 1015 -23.57 -11.96 -41.69
N VAL A 1016 -22.37 -12.05 -41.10
CA VAL A 1016 -22.16 -11.74 -39.69
C VAL A 1016 -21.29 -10.49 -39.61
N VAL A 1017 -21.49 -9.72 -38.53
CA VAL A 1017 -20.81 -8.45 -38.35
C VAL A 1017 -20.41 -8.28 -36.89
N LEU A 1018 -19.48 -7.36 -36.66
CA LEU A 1018 -19.01 -7.02 -35.33
C LEU A 1018 -19.13 -5.50 -35.15
N LEU A 1019 -19.86 -5.09 -34.12
CA LEU A 1019 -20.07 -3.67 -33.89
C LEU A 1019 -18.77 -3.00 -33.47
N THR A 1020 -18.64 -1.73 -33.85
CA THR A 1020 -17.39 -0.99 -33.68
C THR A 1020 -17.39 -0.07 -32.47
N GLY A 1021 -18.54 0.14 -31.82
CA GLY A 1021 -18.64 1.19 -30.84
C GLY A 1021 -18.72 2.58 -31.43
N GLU A 1022 -18.63 2.70 -32.75
CA GLU A 1022 -18.74 3.97 -33.46
C GLU A 1022 -20.11 3.99 -34.13
N THR A 1023 -20.98 4.90 -33.68
CA THR A 1023 -22.33 4.98 -34.22
C THR A 1023 -22.36 5.32 -35.70
N SER A 1024 -21.21 5.64 -36.31
CA SER A 1024 -21.18 5.92 -37.74
C SER A 1024 -21.34 4.67 -38.59
N THR A 1025 -21.10 3.48 -38.03
CA THR A 1025 -21.15 2.24 -38.80
C THR A 1025 -22.01 1.15 -38.20
N ASP A 1026 -22.35 1.21 -36.90
CA ASP A 1026 -23.06 0.09 -36.27
C ASP A 1026 -24.48 -0.05 -36.81
N LEU A 1027 -25.15 1.07 -37.11
CA LEU A 1027 -26.49 1.02 -37.67
C LEU A 1027 -26.51 0.43 -39.08
N LYS A 1028 -25.37 0.43 -39.77
CA LYS A 1028 -25.30 -0.04 -41.15
C LYS A 1028 -25.03 -1.54 -41.23
N LEU A 1029 -24.17 -2.06 -40.35
CA LEU A 1029 -24.01 -3.50 -40.22
C LEU A 1029 -25.27 -4.16 -39.69
N LEU A 1030 -26.15 -3.41 -39.04
CA LEU A 1030 -27.39 -3.97 -38.53
C LEU A 1030 -28.33 -4.38 -39.67
N GLY A 1031 -28.55 -3.48 -40.62
CA GLY A 1031 -29.51 -3.75 -41.67
C GLY A 1031 -29.09 -4.90 -42.58
N LYS A 1032 -27.81 -4.95 -42.95
CA LYS A 1032 -27.32 -5.96 -43.87
C LYS A 1032 -26.95 -7.27 -43.18
N GLY A 1033 -26.53 -7.20 -41.91
CA GLY A 1033 -26.03 -8.39 -41.24
C GLY A 1033 -27.17 -9.23 -40.67
N ASN A 1034 -27.00 -10.55 -40.74
CA ASN A 1034 -27.93 -11.48 -40.10
C ASN A 1034 -27.52 -11.79 -38.67
N ILE A 1035 -26.22 -11.81 -38.38
CA ILE A 1035 -25.70 -12.05 -37.04
C ILE A 1035 -24.91 -10.82 -36.63
N ILE A 1036 -25.39 -10.14 -35.59
CA ILE A 1036 -24.74 -8.93 -35.07
C ILE A 1036 -24.12 -9.28 -33.72
N ILE A 1037 -22.82 -9.04 -33.59
CA ILE A 1037 -22.07 -9.31 -32.37
C ILE A 1037 -21.65 -7.98 -31.78
N SER A 1038 -21.94 -7.78 -30.49
CA SER A 1038 -21.72 -6.51 -29.83
C SER A 1038 -21.50 -6.73 -28.35
N THR A 1039 -21.04 -5.68 -27.68
CA THR A 1039 -20.92 -5.60 -26.23
C THR A 1039 -21.98 -4.65 -25.68
N PRO A 1040 -22.30 -4.74 -24.38
CA PRO A 1040 -23.43 -3.96 -23.84
C PRO A 1040 -23.43 -2.48 -24.19
N GLU A 1041 -22.27 -1.82 -24.19
CA GLU A 1041 -22.24 -0.39 -24.48
C GLU A 1041 -22.59 -0.12 -25.94
N LYS A 1042 -22.05 -0.92 -26.87
CA LYS A 1042 -22.30 -0.71 -28.28
C LYS A 1042 -23.74 -1.00 -28.67
N TRP A 1043 -24.47 -1.77 -27.86
CA TRP A 1043 -25.88 -2.05 -28.13
C TRP A 1043 -26.82 -1.14 -27.36
N ASP A 1044 -26.38 -0.61 -26.22
CA ASP A 1044 -27.22 0.32 -25.46
C ASP A 1044 -27.43 1.62 -26.23
N ILE A 1045 -26.41 2.07 -26.97
CA ILE A 1045 -26.54 3.31 -27.72
C ILE A 1045 -27.53 3.14 -28.87
N LEU A 1046 -27.56 1.97 -29.49
CA LEU A 1046 -28.43 1.76 -30.64
C LEU A 1046 -29.88 1.50 -30.22
N SER A 1047 -30.08 0.61 -29.24
CA SER A 1047 -31.43 0.26 -28.82
C SER A 1047 -32.09 1.37 -28.01
N ARG A 1048 -31.37 2.44 -27.67
CA ARG A 1048 -32.00 3.57 -27.00
C ARG A 1048 -33.06 4.23 -27.87
N ARG A 1049 -32.90 4.15 -29.18
CA ARG A 1049 -33.84 4.72 -30.14
C ARG A 1049 -34.66 3.64 -30.83
N TRP A 1050 -35.11 2.65 -30.05
CA TRP A 1050 -35.78 1.48 -30.64
C TRP A 1050 -37.11 1.86 -31.28
N LYS A 1051 -37.87 2.76 -30.65
CA LYS A 1051 -39.18 3.11 -31.18
C LYS A 1051 -39.10 3.98 -32.43
N GLN A 1052 -37.90 4.36 -32.86
CA GLN A 1052 -37.71 5.07 -34.12
C GLN A 1052 -36.72 4.40 -35.06
N ARG A 1053 -35.88 3.47 -34.57
CA ARG A 1053 -35.03 2.68 -35.43
C ARG A 1053 -35.76 1.38 -35.77
N LYS A 1054 -36.00 1.15 -37.06
CA LYS A 1054 -36.80 0.01 -37.48
C LYS A 1054 -36.07 -1.31 -37.26
N ASN A 1055 -34.75 -1.31 -37.42
CA ASN A 1055 -33.97 -2.54 -37.41
C ASN A 1055 -33.67 -3.06 -36.01
N VAL A 1056 -34.07 -2.35 -34.96
CA VAL A 1056 -33.79 -2.80 -33.60
C VAL A 1056 -34.93 -3.63 -33.04
N GLN A 1057 -36.17 -3.20 -33.24
CA GLN A 1057 -37.33 -3.88 -32.67
C GLN A 1057 -37.82 -5.06 -33.51
N ASN A 1058 -37.13 -5.39 -34.61
CA ASN A 1058 -37.58 -6.44 -35.50
C ASN A 1058 -36.69 -7.67 -35.48
N ILE A 1059 -35.62 -7.68 -34.67
CA ILE A 1059 -34.72 -8.82 -34.67
C ILE A 1059 -35.44 -10.06 -34.17
N ASN A 1060 -35.12 -11.20 -34.78
CA ASN A 1060 -35.82 -12.44 -34.47
C ASN A 1060 -35.25 -13.15 -33.25
N LEU A 1061 -33.99 -12.91 -32.90
CA LEU A 1061 -33.34 -13.60 -31.80
C LEU A 1061 -32.41 -12.63 -31.07
N PHE A 1062 -32.33 -12.78 -29.76
CA PHE A 1062 -31.46 -11.96 -28.92
C PHE A 1062 -30.76 -12.87 -27.93
N VAL A 1063 -29.45 -13.03 -28.08
CA VAL A 1063 -28.66 -13.93 -27.24
C VAL A 1063 -27.69 -13.08 -26.42
N VAL A 1064 -27.80 -13.18 -25.10
CA VAL A 1064 -26.87 -12.52 -24.18
C VAL A 1064 -26.01 -13.61 -23.55
N ASP A 1065 -24.70 -13.41 -23.60
CA ASP A 1065 -23.73 -14.40 -23.12
C ASP A 1065 -23.05 -13.90 -21.86
N GLU A 1066 -22.63 -14.85 -21.02
CA GLU A 1066 -21.95 -14.56 -19.76
C GLU A 1066 -22.73 -13.55 -18.93
N VAL A 1067 -24.06 -13.71 -18.92
CA VAL A 1067 -24.93 -12.77 -18.23
C VAL A 1067 -24.75 -12.80 -16.72
N HIS A 1068 -23.98 -13.76 -16.20
CA HIS A 1068 -23.67 -13.75 -14.77
C HIS A 1068 -22.80 -12.56 -14.37
N LEU A 1069 -22.30 -11.78 -15.33
CA LEU A 1069 -21.53 -10.59 -15.06
C LEU A 1069 -22.41 -9.37 -14.80
N ILE A 1070 -23.71 -9.56 -14.57
CA ILE A 1070 -24.57 -8.44 -14.22
C ILE A 1070 -24.20 -7.86 -12.86
N GLY A 1071 -23.58 -8.66 -11.99
CA GLY A 1071 -23.09 -8.19 -10.72
C GLY A 1071 -21.69 -7.62 -10.75
N GLY A 1072 -21.06 -7.59 -11.92
CA GLY A 1072 -19.72 -7.05 -12.06
C GLY A 1072 -19.73 -5.54 -12.11
N GLU A 1073 -18.60 -4.98 -12.59
CA GLU A 1073 -18.44 -3.53 -12.63
C GLU A 1073 -19.44 -2.89 -13.58
N ASN A 1074 -19.38 -3.25 -14.86
CA ASN A 1074 -20.28 -2.70 -15.88
C ASN A 1074 -21.48 -3.59 -16.12
N GLY A 1075 -21.91 -4.36 -15.09
CA GLY A 1075 -23.12 -5.14 -15.14
C GLY A 1075 -24.40 -4.37 -15.36
N PRO A 1076 -24.58 -3.20 -14.73
CA PRO A 1076 -25.82 -2.44 -14.96
C PRO A 1076 -26.16 -2.20 -16.43
N VAL A 1077 -25.17 -1.88 -17.27
CA VAL A 1077 -25.45 -1.66 -18.68
C VAL A 1077 -25.93 -2.94 -19.34
N LEU A 1078 -25.39 -4.09 -18.92
CA LEU A 1078 -25.89 -5.36 -19.41
C LEU A 1078 -27.32 -5.63 -18.93
N GLU A 1079 -27.68 -5.12 -17.75
CA GLU A 1079 -29.03 -5.32 -17.24
C GLU A 1079 -30.03 -4.42 -17.95
N VAL A 1080 -29.60 -3.27 -18.45
CA VAL A 1080 -30.52 -2.33 -19.09
C VAL A 1080 -30.96 -2.85 -20.45
N ILE A 1081 -30.02 -3.39 -21.23
CA ILE A 1081 -30.33 -3.76 -22.61
C ILE A 1081 -31.29 -4.94 -22.65
N CYS A 1082 -31.03 -5.97 -21.85
CA CYS A 1082 -31.91 -7.14 -21.84
C CYS A 1082 -33.28 -6.81 -21.26
N SER A 1083 -33.32 -5.98 -20.22
CA SER A 1083 -34.60 -5.49 -19.73
C SER A 1083 -35.31 -4.65 -20.77
N ARG A 1084 -34.55 -3.98 -21.65
CA ARG A 1084 -35.16 -3.21 -22.72
C ARG A 1084 -35.72 -4.10 -23.81
N MET A 1085 -34.99 -5.17 -24.17
CA MET A 1085 -35.49 -6.10 -25.18
C MET A 1085 -36.77 -6.78 -24.74
N ARG A 1086 -36.91 -7.07 -23.44
CA ARG A 1086 -38.14 -7.65 -22.93
C ARG A 1086 -39.29 -6.65 -23.02
N TYR A 1087 -39.01 -5.36 -22.78
CA TYR A 1087 -40.06 -4.35 -22.82
C TYR A 1087 -40.47 -4.05 -24.27
N ILE A 1088 -39.51 -4.07 -25.19
CA ILE A 1088 -39.84 -3.81 -26.60
C ILE A 1088 -40.70 -4.95 -27.15
N SER A 1089 -40.30 -6.19 -26.89
CA SER A 1089 -41.12 -7.33 -27.29
C SER A 1089 -42.48 -7.30 -26.61
N SER A 1090 -42.56 -6.67 -25.43
CA SER A 1090 -43.85 -6.50 -24.77
C SER A 1090 -44.70 -5.45 -25.48
N GLN A 1091 -44.09 -4.33 -25.86
CA GLN A 1091 -44.78 -3.24 -26.57
C GLN A 1091 -44.83 -3.47 -28.08
N ILE A 1092 -45.05 -4.71 -28.51
CA ILE A 1092 -45.05 -5.04 -29.93
C ILE A 1092 -45.70 -6.40 -30.14
N GLU A 1093 -46.03 -6.72 -31.39
CA GLU A 1093 -46.53 -8.04 -31.75
C GLU A 1093 -45.37 -8.91 -32.22
N ARG A 1094 -45.54 -10.23 -32.07
CA ARG A 1094 -44.53 -11.24 -32.35
C ARG A 1094 -43.33 -11.04 -31.42
N PRO A 1095 -43.23 -11.80 -30.34
CA PRO A 1095 -42.16 -11.58 -29.37
C PRO A 1095 -40.80 -11.93 -29.92
N ILE A 1096 -39.78 -11.28 -29.35
CA ILE A 1096 -38.39 -11.55 -29.71
C ILE A 1096 -37.86 -12.63 -28.78
N ARG A 1097 -37.35 -13.71 -29.37
CA ARG A 1097 -36.81 -14.81 -28.56
C ARG A 1097 -35.52 -14.39 -27.88
N ILE A 1098 -35.39 -14.73 -26.60
CA ILE A 1098 -34.23 -14.38 -25.80
C ILE A 1098 -33.62 -15.66 -25.24
N VAL A 1099 -32.32 -15.83 -25.45
CA VAL A 1099 -31.57 -16.97 -24.94
C VAL A 1099 -30.45 -16.42 -24.06
N ALA A 1100 -30.46 -16.82 -22.79
CA ALA A 1100 -29.48 -16.36 -21.81
C ALA A 1100 -28.52 -17.49 -21.47
N LEU A 1101 -27.22 -17.23 -21.61
CA LEU A 1101 -26.17 -18.17 -21.24
C LEU A 1101 -25.33 -17.53 -20.14
N SER A 1102 -25.05 -18.31 -19.10
CA SER A 1102 -24.34 -17.80 -17.94
C SER A 1102 -23.59 -18.93 -17.25
N SER A 1103 -22.62 -18.55 -16.43
CA SER A 1103 -22.04 -19.51 -15.51
C SER A 1103 -23.09 -19.90 -14.46
N SER A 1104 -22.90 -21.08 -13.89
CA SER A 1104 -23.88 -21.67 -12.97
C SER A 1104 -24.22 -20.73 -11.82
N LEU A 1105 -25.46 -20.26 -11.78
CA LEU A 1105 -25.91 -19.27 -10.81
C LEU A 1105 -26.66 -19.92 -9.65
N SER A 1106 -26.49 -19.36 -8.46
CA SER A 1106 -27.25 -19.82 -7.31
C SER A 1106 -28.70 -19.35 -7.40
N ASN A 1107 -28.92 -18.12 -7.83
CA ASN A 1107 -30.25 -17.56 -8.03
C ASN A 1107 -30.62 -17.52 -9.50
N ALA A 1108 -30.44 -18.65 -10.18
CA ALA A 1108 -30.60 -18.70 -11.64
C ALA A 1108 -32.05 -18.49 -12.07
N LYS A 1109 -33.01 -18.83 -11.20
CA LYS A 1109 -34.41 -18.73 -11.57
C LYS A 1109 -34.90 -17.29 -11.48
N ASP A 1110 -34.25 -16.47 -10.67
CA ASP A 1110 -34.48 -15.02 -10.72
C ASP A 1110 -34.12 -14.46 -12.09
N VAL A 1111 -32.99 -14.90 -12.65
CA VAL A 1111 -32.62 -14.46 -13.99
C VAL A 1111 -33.57 -15.04 -15.03
N ALA A 1112 -34.00 -16.30 -14.83
CA ALA A 1112 -34.96 -16.90 -15.75
C ALA A 1112 -36.30 -16.18 -15.68
N HIS A 1113 -36.74 -15.81 -14.48
CA HIS A 1113 -37.98 -15.04 -14.36
C HIS A 1113 -37.83 -13.65 -14.95
N TRP A 1114 -36.68 -13.01 -14.74
CA TRP A 1114 -36.44 -11.68 -15.27
C TRP A 1114 -36.40 -11.65 -16.81
N LEU A 1115 -36.10 -12.78 -17.44
CA LEU A 1115 -36.02 -12.86 -18.90
C LEU A 1115 -37.15 -13.69 -19.50
N GLY A 1116 -38.21 -13.95 -18.72
CA GLY A 1116 -39.36 -14.67 -19.22
C GLY A 1116 -39.10 -16.09 -19.64
N CYS A 1117 -38.28 -16.82 -18.90
CA CYS A 1117 -37.95 -18.21 -19.20
C CYS A 1117 -38.79 -19.12 -18.30
N SER A 1118 -39.54 -20.03 -18.91
CA SER A 1118 -40.33 -20.98 -18.14
C SER A 1118 -39.42 -21.91 -17.34
N ALA A 1119 -39.99 -22.52 -16.29
CA ALA A 1119 -39.24 -23.50 -15.52
C ALA A 1119 -38.84 -24.69 -16.38
N THR A 1120 -39.65 -25.02 -17.39
CA THR A 1120 -39.26 -26.05 -18.34
C THR A 1120 -38.04 -25.63 -19.15
N SER A 1121 -37.94 -24.33 -19.46
CA SER A 1121 -36.84 -23.81 -20.26
C SER A 1121 -35.67 -23.34 -19.41
N THR A 1122 -35.74 -23.47 -18.10
CA THR A 1122 -34.68 -23.06 -17.21
C THR A 1122 -33.74 -24.23 -16.95
N PHE A 1123 -32.50 -24.10 -17.41
CA PHE A 1123 -31.48 -25.14 -17.26
C PHE A 1123 -30.38 -24.60 -16.35
N ASN A 1124 -30.59 -24.74 -15.04
CA ASN A 1124 -29.64 -24.26 -14.03
C ASN A 1124 -28.80 -25.44 -13.57
N PHE A 1125 -27.65 -25.61 -14.22
CA PHE A 1125 -26.68 -26.60 -13.78
C PHE A 1125 -25.75 -25.97 -12.74
N HIS A 1126 -24.84 -26.78 -12.21
CA HIS A 1126 -23.89 -26.35 -11.19
C HIS A 1126 -22.52 -26.90 -11.56
N PRO A 1127 -21.44 -26.36 -10.95
CA PRO A 1127 -20.09 -26.75 -11.36
C PRO A 1127 -19.76 -28.24 -11.28
N ASN A 1128 -20.68 -29.06 -10.77
CA ASN A 1128 -20.44 -30.49 -10.64
C ASN A 1128 -20.76 -31.28 -11.90
N VAL A 1129 -21.18 -30.61 -12.98
CA VAL A 1129 -21.56 -31.32 -14.20
C VAL A 1129 -20.78 -30.80 -15.39
N ARG A 1130 -19.57 -30.32 -15.16
CA ARG A 1130 -18.73 -29.89 -16.27
C ARG A 1130 -18.37 -31.11 -17.13
N PRO A 1131 -18.43 -30.97 -18.46
CA PRO A 1131 -18.15 -32.14 -19.32
C PRO A 1131 -16.79 -32.77 -19.06
N VAL A 1132 -15.75 -31.96 -18.90
CA VAL A 1132 -14.42 -32.43 -18.51
C VAL A 1132 -14.29 -32.22 -17.01
N PRO A 1133 -14.04 -33.28 -16.23
CA PRO A 1133 -13.96 -33.11 -14.77
C PRO A 1133 -12.87 -32.11 -14.38
N LEU A 1134 -13.18 -31.31 -13.36
CA LEU A 1134 -12.31 -30.23 -12.92
C LEU A 1134 -11.77 -30.56 -11.52
N GLU A 1135 -10.48 -30.80 -11.42
CA GLU A 1135 -9.81 -31.05 -10.16
C GLU A 1135 -9.21 -29.74 -9.67
N LEU A 1136 -9.83 -29.14 -8.67
CA LEU A 1136 -9.46 -27.81 -8.17
C LEU A 1136 -8.71 -27.95 -6.85
N HIS A 1137 -7.54 -27.33 -6.77
CA HIS A 1137 -6.74 -27.27 -5.56
C HIS A 1137 -6.52 -25.83 -5.17
N ILE A 1138 -6.72 -25.50 -3.90
CA ILE A 1138 -6.57 -24.14 -3.38
C ILE A 1138 -5.48 -24.17 -2.32
N GLN A 1139 -4.34 -23.57 -2.63
CA GLN A 1139 -3.20 -23.52 -1.71
C GLN A 1139 -3.16 -22.14 -1.05
N GLY A 1140 -3.19 -22.14 0.28
CA GLY A 1140 -3.05 -20.90 1.03
C GLY A 1140 -1.60 -20.58 1.35
N PHE A 1141 -1.29 -19.29 1.39
CA PHE A 1141 0.06 -18.82 1.68
C PHE A 1141 0.00 -17.78 2.78
N ASN A 1142 0.90 -17.91 3.76
CA ASN A 1142 0.82 -17.16 5.00
C ASN A 1142 1.43 -15.77 4.90
N ILE A 1143 2.33 -15.54 3.94
CA ILE A 1143 3.06 -14.27 3.90
C ILE A 1143 2.11 -13.14 3.54
N SER A 1144 2.10 -12.09 4.38
CA SER A 1144 1.25 -10.93 4.15
C SER A 1144 1.86 -9.93 3.18
N HIS A 1145 3.16 -10.02 2.93
CA HIS A 1145 3.83 -9.13 1.98
C HIS A 1145 3.67 -9.67 0.56
N THR A 1146 3.20 -8.81 -0.34
CA THR A 1146 2.86 -9.26 -1.69
C THR A 1146 4.08 -9.78 -2.44
N GLN A 1147 5.14 -8.97 -2.52
CA GLN A 1147 6.32 -9.38 -3.26
C GLN A 1147 7.00 -10.59 -2.63
N THR A 1148 6.93 -10.70 -1.30
CA THR A 1148 7.50 -11.87 -0.63
C THR A 1148 6.62 -13.10 -0.79
N ARG A 1149 5.30 -12.91 -0.83
CA ARG A 1149 4.41 -14.04 -1.06
C ARG A 1149 4.57 -14.61 -2.46
N LEU A 1150 4.78 -13.74 -3.46
CA LEU A 1150 5.02 -14.21 -4.82
C LEU A 1150 6.28 -15.06 -4.89
N LEU A 1151 7.30 -14.70 -4.09
CA LEU A 1151 8.50 -15.51 -4.04
C LEU A 1151 8.24 -16.86 -3.39
N SER A 1152 7.40 -16.89 -2.36
CA SER A 1152 7.14 -18.14 -1.65
C SER A 1152 6.37 -19.14 -2.50
N MET A 1153 5.75 -18.71 -3.60
CA MET A 1153 5.00 -19.60 -4.47
C MET A 1153 5.71 -19.81 -5.81
N ALA A 1154 6.96 -19.37 -5.94
CA ALA A 1154 7.68 -19.57 -7.20
C ALA A 1154 8.02 -21.04 -7.41
N LYS A 1155 8.62 -21.67 -6.40
CA LYS A 1155 8.97 -23.08 -6.48
C LYS A 1155 7.73 -23.98 -6.50
N PRO A 1156 6.70 -23.70 -5.68
CA PRO A 1156 5.46 -24.49 -5.82
C PRO A 1156 4.84 -24.42 -7.20
N VAL A 1157 5.08 -23.35 -7.96
CA VAL A 1157 4.59 -23.29 -9.33
C VAL A 1157 5.23 -24.39 -10.16
N TYR A 1158 6.55 -24.55 -10.03
CA TYR A 1158 7.24 -25.62 -10.75
C TYR A 1158 6.85 -26.98 -10.20
N HIS A 1159 6.69 -27.09 -8.87
CA HIS A 1159 6.36 -28.38 -8.27
C HIS A 1159 4.95 -28.82 -8.63
N ALA A 1160 4.03 -27.88 -8.86
CA ALA A 1160 2.69 -28.25 -9.29
C ALA A 1160 2.68 -28.69 -10.76
N ILE A 1161 3.61 -28.18 -11.56
CA ILE A 1161 3.68 -28.58 -12.96
C ILE A 1161 4.11 -30.04 -13.07
N THR A 1162 5.18 -30.41 -12.36
CA THR A 1162 5.66 -31.79 -12.40
C THR A 1162 4.71 -32.76 -11.70
N LYS A 1163 3.81 -32.27 -10.85
CA LYS A 1163 2.93 -33.14 -10.09
C LYS A 1163 1.60 -33.37 -10.80
N HIS A 1164 1.05 -32.35 -11.46
CA HIS A 1164 -0.28 -32.43 -12.06
C HIS A 1164 -0.28 -32.55 -13.56
N SER A 1165 0.77 -32.06 -14.23
CA SER A 1165 0.82 -32.13 -15.69
C SER A 1165 2.27 -32.12 -16.17
N PRO A 1166 3.00 -33.24 -16.04
CA PRO A 1166 4.41 -33.23 -16.44
C PRO A 1166 4.62 -33.10 -17.94
N LYS A 1167 3.71 -33.63 -18.75
CA LYS A 1167 3.88 -33.65 -20.21
C LYS A 1167 2.86 -32.82 -20.97
N LYS A 1168 1.73 -32.48 -20.37
CA LYS A 1168 0.67 -31.76 -21.04
C LYS A 1168 0.79 -30.26 -20.80
N PRO A 1169 0.23 -29.43 -21.68
CA PRO A 1169 0.46 -27.98 -21.59
C PRO A 1169 -0.01 -27.39 -20.27
N VAL A 1170 0.58 -26.24 -19.93
CA VAL A 1170 0.34 -25.55 -18.66
C VAL A 1170 0.24 -24.05 -18.92
N ILE A 1171 -0.74 -23.41 -18.30
CA ILE A 1171 -0.91 -21.96 -18.35
C ILE A 1171 -0.77 -21.43 -16.92
N VAL A 1172 0.07 -20.41 -16.75
CA VAL A 1172 0.28 -19.78 -15.45
C VAL A 1172 -0.17 -18.33 -15.54
N PHE A 1173 -1.09 -17.94 -14.66
CA PHE A 1173 -1.58 -16.57 -14.60
C PHE A 1173 -0.85 -15.80 -13.51
N VAL A 1174 -0.48 -14.56 -13.82
CA VAL A 1174 0.31 -13.74 -12.89
C VAL A 1174 -0.36 -12.37 -12.78
N PRO A 1175 -0.14 -11.67 -11.66
CA PRO A 1175 -0.85 -10.40 -11.46
C PRO A 1175 -0.37 -9.25 -12.33
N SER A 1176 0.90 -9.25 -12.75
CA SER A 1176 1.47 -8.09 -13.45
C SER A 1176 2.12 -8.52 -14.75
N ARG A 1177 2.43 -7.54 -15.58
CA ARG A 1177 3.15 -7.80 -16.82
C ARG A 1177 4.60 -8.15 -16.55
N LYS A 1178 5.26 -7.41 -15.65
CA LYS A 1178 6.65 -7.71 -15.32
C LYS A 1178 6.79 -9.10 -14.72
N GLN A 1179 5.75 -9.60 -14.04
CA GLN A 1179 5.80 -10.93 -13.48
C GLN A 1179 5.73 -12.02 -14.53
N THR A 1180 5.20 -11.71 -15.73
CA THR A 1180 5.14 -12.70 -16.80
C THR A 1180 6.53 -13.22 -17.14
N ARG A 1181 7.49 -12.30 -17.28
CA ARG A 1181 8.85 -12.69 -17.67
C ARG A 1181 9.63 -13.22 -16.48
N LEU A 1182 9.47 -12.62 -15.30
CA LEU A 1182 10.20 -13.06 -14.12
C LEU A 1182 9.84 -14.50 -13.76
N THR A 1183 8.55 -14.84 -13.83
CA THR A 1183 8.13 -16.21 -13.53
C THR A 1183 8.58 -17.18 -14.62
N ALA A 1184 8.51 -16.76 -15.89
CA ALA A 1184 8.98 -17.61 -16.98
C ALA A 1184 10.47 -17.93 -16.84
N ILE A 1185 11.25 -16.97 -16.35
CA ILE A 1185 12.65 -17.23 -16.06
C ILE A 1185 12.79 -18.04 -14.79
N ASP A 1186 11.96 -17.76 -13.78
CA ASP A 1186 12.02 -18.50 -12.53
C ASP A 1186 11.71 -19.98 -12.74
N ILE A 1187 10.80 -20.29 -13.67
CA ILE A 1187 10.47 -21.68 -13.93
C ILE A 1187 11.63 -22.39 -14.62
N LEU A 1188 12.31 -21.69 -15.54
CA LEU A 1188 13.34 -22.33 -16.35
C LEU A 1188 14.58 -22.69 -15.53
N THR A 1189 15.08 -21.73 -14.74
CA THR A 1189 16.24 -22.02 -13.90
C THR A 1189 15.93 -23.07 -12.85
N THR A 1190 14.67 -23.14 -12.41
CA THR A 1190 14.25 -24.24 -11.55
C THR A 1190 14.26 -25.56 -12.30
N CYS A 1191 13.89 -25.53 -13.59
CA CYS A 1191 13.97 -26.73 -14.41
C CYS A 1191 15.43 -27.13 -14.66
N ALA A 1192 16.32 -26.16 -14.79
CA ALA A 1192 17.74 -26.44 -14.97
C ALA A 1192 18.42 -26.82 -13.65
N ALA A 1193 17.85 -26.41 -12.51
CA ALA A 1193 18.42 -26.81 -11.23
C ALA A 1193 18.31 -28.32 -11.01
N ASP A 1194 17.26 -28.94 -11.53
CA ASP A 1194 17.14 -30.38 -11.54
C ASP A 1194 17.86 -31.04 -12.70
N ILE A 1195 18.55 -30.24 -13.53
CA ILE A 1195 19.19 -30.71 -14.75
C ILE A 1195 18.15 -31.44 -15.58
N GLN A 1196 17.14 -30.69 -16.03
CA GLN A 1196 16.12 -31.17 -16.96
C GLN A 1196 15.83 -30.05 -17.94
N ARG A 1197 16.89 -29.45 -18.48
CA ARG A 1197 16.75 -28.28 -19.32
C ARG A 1197 16.00 -28.61 -20.60
N GLN A 1198 15.18 -27.65 -21.05
CA GLN A 1198 14.35 -27.79 -22.26
C GLN A 1198 13.40 -28.98 -22.15
N ARG A 1199 12.94 -29.28 -20.94
CA ARG A 1199 11.94 -30.33 -20.77
C ARG A 1199 10.59 -29.91 -21.33
N PHE A 1200 10.28 -28.62 -21.28
CA PHE A 1200 9.02 -28.08 -21.76
C PHE A 1200 9.04 -27.78 -23.25
N LEU A 1201 10.06 -28.22 -23.96
CA LEU A 1201 10.20 -28.00 -25.40
C LEU A 1201 10.04 -29.35 -26.10
N HIS A 1202 8.78 -29.71 -26.39
CA HIS A 1202 8.48 -30.95 -27.08
C HIS A 1202 8.71 -30.87 -28.58
N CYS A 1203 9.35 -29.80 -29.06
CA CYS A 1203 9.72 -29.66 -30.44
C CYS A 1203 11.23 -29.54 -30.56
N THR A 1204 11.74 -29.79 -31.77
CA THR A 1204 13.17 -29.78 -32.00
C THR A 1204 13.66 -28.36 -32.19
N GLU A 1205 14.81 -28.09 -31.61
CA GLU A 1205 15.31 -26.74 -31.38
C GLU A 1205 15.22 -25.81 -32.60
N LYS A 1206 15.31 -26.36 -33.81
CA LYS A 1206 15.34 -25.53 -35.02
C LYS A 1206 14.01 -25.47 -35.76
N ASP A 1207 13.03 -26.29 -35.41
CA ASP A 1207 11.72 -26.18 -36.03
C ASP A 1207 10.90 -25.02 -35.46
N LEU A 1208 11.54 -24.10 -34.74
CA LEU A 1208 10.89 -22.92 -34.19
C LEU A 1208 11.49 -21.61 -34.66
N ILE A 1209 12.66 -21.62 -35.29
CA ILE A 1209 13.29 -20.38 -35.74
C ILE A 1209 12.64 -19.78 -36.98
N PRO A 1210 11.70 -20.43 -37.68
CA PRO A 1210 10.80 -19.67 -38.55
C PRO A 1210 9.66 -19.00 -37.80
N TYR A 1211 9.57 -19.25 -36.49
CA TYR A 1211 8.66 -18.55 -35.59
C TYR A 1211 9.38 -17.73 -34.54
N LEU A 1212 10.56 -18.18 -34.10
CA LEU A 1212 11.17 -17.64 -32.89
C LEU A 1212 11.73 -16.24 -33.10
N GLU A 1213 12.50 -16.04 -34.17
CA GLU A 1213 13.25 -14.80 -34.31
C GLU A 1213 12.43 -13.70 -34.98
N LYS A 1214 11.11 -13.73 -34.80
CA LYS A 1214 10.24 -12.72 -35.38
C LYS A 1214 9.78 -11.70 -34.35
N LEU A 1215 10.17 -11.86 -33.09
CA LEU A 1215 9.70 -11.02 -32.00
C LEU A 1215 10.76 -10.01 -31.60
N SER A 1216 10.33 -8.97 -30.88
CA SER A 1216 11.19 -7.86 -30.52
C SER A 1216 11.77 -7.96 -29.11
N ASP A 1217 11.26 -8.88 -28.29
CA ASP A 1217 11.72 -9.00 -26.91
C ASP A 1217 13.04 -9.77 -26.85
N SER A 1218 13.82 -9.48 -25.80
CA SER A 1218 15.11 -10.14 -25.64
C SER A 1218 14.97 -11.49 -24.95
N THR A 1219 14.21 -11.53 -23.85
CA THR A 1219 14.12 -12.76 -23.06
C THR A 1219 13.08 -13.74 -23.61
N LEU A 1220 12.05 -13.23 -24.28
CA LEU A 1220 11.00 -14.10 -24.81
C LEU A 1220 11.58 -15.15 -25.75
N LYS A 1221 12.61 -14.77 -26.52
CA LYS A 1221 13.24 -15.71 -27.43
C LYS A 1221 14.15 -16.70 -26.70
N GLU A 1222 14.75 -16.27 -25.59
CA GLU A 1222 15.58 -17.19 -24.81
C GLU A 1222 14.72 -18.17 -24.03
N THR A 1223 13.55 -17.72 -23.54
CA THR A 1223 12.68 -18.60 -22.79
C THR A 1223 11.92 -19.55 -23.72
N LEU A 1224 11.52 -19.08 -24.90
CA LEU A 1224 10.83 -19.95 -25.85
C LEU A 1224 11.76 -21.04 -26.38
N LEU A 1225 13.07 -20.76 -26.42
CA LEU A 1225 14.02 -21.79 -26.84
C LEU A 1225 13.99 -22.99 -25.91
N ASN A 1226 13.68 -22.77 -24.63
CA ASN A 1226 13.61 -23.83 -23.65
C ASN A 1226 12.18 -24.30 -23.39
N GLY A 1227 11.22 -23.84 -24.20
CA GLY A 1227 9.88 -24.36 -24.14
C GLY A 1227 8.92 -23.64 -23.22
N VAL A 1228 9.19 -22.38 -22.89
CA VAL A 1228 8.31 -21.60 -22.01
C VAL A 1228 8.15 -20.22 -22.61
N GLY A 1229 6.91 -19.87 -22.99
CA GLY A 1229 6.60 -18.54 -23.46
C GLY A 1229 5.88 -17.72 -22.40
N TYR A 1230 5.53 -16.49 -22.79
CA TYR A 1230 4.74 -15.63 -21.92
C TYR A 1230 4.00 -14.61 -22.76
N LEU A 1231 2.86 -14.17 -22.25
CA LEU A 1231 1.99 -13.22 -22.93
C LEU A 1231 1.65 -12.07 -21.99
N HIS A 1232 1.72 -10.85 -22.49
CA HIS A 1232 1.31 -9.68 -21.72
C HIS A 1232 0.95 -8.55 -22.69
N GLU A 1233 0.28 -7.53 -22.15
CA GLU A 1233 -0.23 -6.45 -22.98
C GLU A 1233 0.91 -5.64 -23.59
N GLY A 1234 2.06 -5.56 -22.92
CA GLY A 1234 3.19 -4.84 -23.47
C GLY A 1234 3.74 -5.49 -24.73
N LEU A 1235 3.52 -6.79 -24.90
CA LEU A 1235 3.97 -7.47 -26.11
C LEU A 1235 3.18 -6.96 -27.32
N SER A 1236 3.60 -7.41 -28.50
CA SER A 1236 2.95 -6.99 -29.72
C SER A 1236 1.58 -7.64 -29.84
N PRO A 1237 0.82 -7.32 -30.88
CA PRO A 1237 -0.08 -8.34 -31.47
C PRO A 1237 0.68 -9.23 -32.43
N MET A 1238 1.78 -8.73 -32.99
CA MET A 1238 2.75 -9.55 -33.71
C MET A 1238 3.27 -10.70 -32.86
N GLU A 1239 3.45 -10.49 -31.56
CA GLU A 1239 4.12 -11.47 -30.72
C GLU A 1239 3.17 -12.46 -30.04
N ARG A 1240 1.95 -12.04 -29.72
CA ARG A 1240 1.05 -12.90 -28.95
C ARG A 1240 0.51 -14.04 -29.80
N ARG A 1241 0.05 -13.74 -31.02
CA ARG A 1241 -0.49 -14.78 -31.89
C ARG A 1241 0.55 -15.83 -32.26
N LEU A 1242 1.84 -15.49 -32.16
CA LEU A 1242 2.89 -16.46 -32.44
C LEU A 1242 3.14 -17.38 -31.26
N VAL A 1243 3.12 -16.83 -30.04
CA VAL A 1243 3.30 -17.65 -28.85
C VAL A 1243 2.08 -18.54 -28.63
N GLU A 1244 0.88 -18.02 -28.94
CA GLU A 1244 -0.33 -18.81 -28.81
C GLU A 1244 -0.33 -19.99 -29.79
N GLN A 1245 0.16 -19.76 -31.01
CA GLN A 1245 0.22 -20.84 -31.99
C GLN A 1245 1.19 -21.93 -31.55
N LEU A 1246 2.35 -21.53 -31.02
CA LEU A 1246 3.32 -22.52 -30.55
C LEU A 1246 2.82 -23.28 -29.33
N PHE A 1247 1.93 -22.67 -28.54
CA PHE A 1247 1.39 -23.34 -27.37
C PHE A 1247 0.42 -24.45 -27.78
N SER A 1248 -0.51 -24.14 -28.68
CA SER A 1248 -1.43 -25.15 -29.18
C SER A 1248 -0.74 -26.16 -30.08
N SER A 1249 0.45 -25.83 -30.60
CA SER A 1249 1.22 -26.77 -31.41
C SER A 1249 1.93 -27.82 -30.58
N GLY A 1250 1.88 -27.73 -29.25
CA GLY A 1250 2.64 -28.61 -28.40
C GLY A 1250 4.13 -28.34 -28.38
N ALA A 1251 4.61 -27.35 -29.14
CA ALA A 1251 6.03 -27.06 -29.17
C ALA A 1251 6.52 -26.56 -27.81
N ILE A 1252 5.76 -25.69 -27.17
CA ILE A 1252 6.07 -25.21 -25.83
C ILE A 1252 5.00 -25.72 -24.87
N GLN A 1253 5.42 -26.10 -23.67
CA GLN A 1253 4.53 -26.70 -22.68
C GLN A 1253 3.99 -25.70 -21.67
N VAL A 1254 4.71 -24.61 -21.40
CA VAL A 1254 4.33 -23.63 -20.39
C VAL A 1254 4.25 -22.26 -21.04
N VAL A 1255 3.22 -21.50 -20.68
CA VAL A 1255 3.10 -20.09 -21.05
C VAL A 1255 2.68 -19.32 -19.80
N VAL A 1256 3.20 -18.11 -19.67
CA VAL A 1256 2.97 -17.29 -18.48
C VAL A 1256 2.22 -16.04 -18.93
N ALA A 1257 0.90 -16.08 -18.83
CA ALA A 1257 0.06 -14.95 -19.21
C ALA A 1257 -0.33 -14.14 -17.99
N SER A 1258 -0.47 -12.83 -18.19
CA SER A 1258 -0.89 -11.96 -17.12
C SER A 1258 -2.40 -12.04 -16.91
N ARG A 1259 -2.87 -11.45 -15.82
CA ARG A 1259 -4.29 -11.42 -15.53
C ARG A 1259 -5.07 -10.57 -16.54
N SER A 1260 -4.39 -9.70 -17.28
CA SER A 1260 -5.06 -8.84 -18.24
C SER A 1260 -5.56 -9.60 -19.46
N LEU A 1261 -4.96 -10.75 -19.79
CA LEU A 1261 -5.23 -11.46 -21.03
C LEU A 1261 -6.11 -12.68 -20.85
N CYS A 1262 -6.67 -12.90 -19.65
CA CYS A 1262 -7.48 -14.09 -19.43
C CYS A 1262 -8.80 -14.05 -20.20
N TRP A 1263 -9.22 -12.87 -20.64
CA TRP A 1263 -10.45 -12.75 -21.44
C TRP A 1263 -10.18 -12.79 -22.94
N GLY A 1264 -8.96 -12.49 -23.38
CA GLY A 1264 -8.63 -12.52 -24.79
C GLY A 1264 -7.50 -13.46 -25.12
N MET A 1265 -7.71 -14.75 -24.85
CA MET A 1265 -6.71 -15.78 -25.13
C MET A 1265 -7.38 -16.93 -25.85
N ASN A 1266 -6.85 -17.29 -27.03
CA ASN A 1266 -7.37 -18.39 -27.83
C ASN A 1266 -6.54 -19.65 -27.66
N VAL A 1267 -6.17 -19.98 -26.42
CA VAL A 1267 -5.40 -21.19 -26.13
C VAL A 1267 -5.96 -21.82 -24.86
N ALA A 1268 -5.97 -23.15 -24.83
CA ALA A 1268 -6.41 -23.91 -23.68
C ALA A 1268 -5.32 -24.88 -23.26
N ALA A 1269 -5.28 -25.20 -21.97
CA ALA A 1269 -4.25 -26.06 -21.43
C ALA A 1269 -4.86 -27.08 -20.48
N HIS A 1270 -4.06 -28.08 -20.13
CA HIS A 1270 -4.51 -29.13 -19.22
C HIS A 1270 -4.38 -28.71 -17.76
N LEU A 1271 -3.47 -27.78 -17.45
CA LEU A 1271 -3.22 -27.36 -16.08
C LEU A 1271 -3.10 -25.83 -16.06
N VAL A 1272 -3.83 -25.21 -15.15
CA VAL A 1272 -3.82 -23.75 -14.99
C VAL A 1272 -3.45 -23.41 -13.56
N ILE A 1273 -2.36 -22.67 -13.39
CA ILE A 1273 -1.90 -22.22 -12.08
C ILE A 1273 -2.20 -20.72 -11.97
N ILE A 1274 -2.96 -20.36 -10.95
CA ILE A 1274 -3.28 -18.95 -10.67
C ILE A 1274 -2.35 -18.51 -9.55
N MET A 1275 -1.24 -17.89 -9.92
CA MET A 1275 -0.27 -17.40 -8.95
C MET A 1275 -0.77 -16.08 -8.37
N ASP A 1276 -1.18 -16.12 -7.10
CA ASP A 1276 -1.77 -14.98 -6.38
C ASP A 1276 -3.10 -14.56 -6.99
N THR A 1277 -3.94 -13.89 -6.20
CA THR A 1277 -5.29 -13.53 -6.61
C THR A 1277 -5.56 -12.05 -6.36
N GLN A 1278 -4.55 -11.21 -6.56
CA GLN A 1278 -4.74 -9.77 -6.41
C GLN A 1278 -3.64 -9.04 -7.19
N TYR A 1279 -3.95 -7.82 -7.60
CA TYR A 1279 -3.03 -6.99 -8.36
C TYR A 1279 -2.95 -5.60 -7.74
N TYR A 1280 -1.97 -4.83 -8.19
CA TYR A 1280 -1.74 -3.48 -7.68
C TYR A 1280 -2.35 -2.45 -8.63
N ASN A 1281 -3.16 -1.55 -8.08
CA ASN A 1281 -3.79 -0.49 -8.84
C ASN A 1281 -2.97 0.79 -8.67
N GLY A 1282 -2.55 1.39 -9.79
CA GLY A 1282 -1.67 2.53 -9.72
C GLY A 1282 -2.37 3.80 -9.25
N LYS A 1283 -3.68 3.89 -9.44
CA LYS A 1283 -4.41 5.09 -9.06
C LYS A 1283 -4.58 5.18 -7.54
N ILE A 1284 -5.31 4.23 -6.95
CA ILE A 1284 -5.50 4.21 -5.51
C ILE A 1284 -4.25 3.79 -4.76
N HIS A 1285 -3.24 3.27 -5.47
CA HIS A 1285 -1.98 2.82 -4.87
C HIS A 1285 -2.23 1.81 -3.77
N ALA A 1286 -3.13 0.86 -4.03
CA ALA A 1286 -3.42 -0.23 -3.12
C ALA A 1286 -3.70 -1.48 -3.93
N TYR A 1287 -3.66 -2.63 -3.26
CA TYR A 1287 -3.89 -3.89 -3.94
C TYR A 1287 -5.37 -4.19 -4.06
N VAL A 1288 -5.77 -4.67 -5.23
CA VAL A 1288 -7.17 -4.98 -5.54
C VAL A 1288 -7.29 -6.48 -5.77
N ASP A 1289 -8.26 -7.11 -5.12
CA ASP A 1289 -8.48 -8.53 -5.29
C ASP A 1289 -8.99 -8.84 -6.69
N TYR A 1290 -8.69 -10.04 -7.16
CA TYR A 1290 -9.22 -10.49 -8.43
C TYR A 1290 -10.74 -10.55 -8.36
N PRO A 1291 -11.45 -10.00 -9.34
CA PRO A 1291 -12.91 -10.22 -9.39
C PRO A 1291 -13.21 -11.70 -9.56
N ILE A 1292 -14.26 -12.16 -8.88
CA ILE A 1292 -14.64 -13.57 -8.95
C ILE A 1292 -14.95 -13.97 -10.38
N TYR A 1293 -15.43 -13.03 -11.19
CA TYR A 1293 -15.70 -13.33 -12.59
C TYR A 1293 -14.41 -13.57 -13.38
N ASP A 1294 -13.32 -12.92 -12.98
CA ASP A 1294 -12.04 -13.17 -13.64
C ASP A 1294 -11.46 -14.51 -13.22
N VAL A 1295 -11.63 -14.89 -11.95
CA VAL A 1295 -11.12 -16.18 -11.49
C VAL A 1295 -11.86 -17.32 -12.17
N LEU A 1296 -13.18 -17.22 -12.30
CA LEU A 1296 -13.95 -18.24 -13.00
C LEU A 1296 -13.52 -18.36 -14.45
N GLN A 1297 -13.11 -17.25 -15.07
CA GLN A 1297 -12.66 -17.30 -16.47
C GLN A 1297 -11.30 -17.97 -16.58
N MET A 1298 -10.40 -17.70 -15.63
CA MET A 1298 -9.07 -18.29 -15.68
C MET A 1298 -9.12 -19.80 -15.45
N VAL A 1299 -9.98 -20.26 -14.54
CA VAL A 1299 -10.13 -21.69 -14.31
C VAL A 1299 -10.74 -22.36 -15.54
N GLY A 1300 -11.60 -21.65 -16.28
CA GLY A 1300 -12.22 -22.21 -17.46
C GLY A 1300 -11.26 -22.57 -18.57
N HIS A 1301 -10.05 -21.99 -18.55
CA HIS A 1301 -9.06 -22.33 -19.58
C HIS A 1301 -8.48 -23.72 -19.39
N ALA A 1302 -8.67 -24.33 -18.21
CA ALA A 1302 -8.22 -25.70 -17.97
C ALA A 1302 -9.30 -26.66 -18.46
N ASN A 1303 -9.43 -26.73 -19.78
CA ASN A 1303 -10.49 -27.53 -20.39
C ASN A 1303 -10.05 -27.91 -21.80
N ARG A 1304 -9.79 -29.20 -22.02
CA ARG A 1304 -9.48 -29.74 -23.34
C ARG A 1304 -10.34 -30.97 -23.54
N PRO A 1305 -11.52 -30.81 -24.17
CA PRO A 1305 -12.45 -31.95 -24.27
C PRO A 1305 -11.90 -33.12 -25.06
N LEU A 1306 -11.39 -32.87 -26.27
CA LEU A 1306 -10.89 -33.94 -27.14
C LEU A 1306 -9.40 -34.17 -26.98
N GLN A 1307 -8.87 -34.06 -25.75
CA GLN A 1307 -7.44 -34.22 -25.55
C GLN A 1307 -7.13 -34.84 -24.19
N ASP A 1308 -7.83 -34.42 -23.15
CA ASP A 1308 -7.57 -34.89 -21.80
C ASP A 1308 -8.82 -35.50 -21.19
N ASP A 1309 -8.62 -36.42 -20.24
CA ASP A 1309 -9.72 -37.00 -19.48
C ASP A 1309 -10.15 -36.14 -18.31
N GLU A 1310 -9.39 -35.10 -17.98
CA GLU A 1310 -9.66 -34.28 -16.80
C GLU A 1310 -9.00 -32.92 -16.98
N GLY A 1311 -9.39 -31.99 -16.12
CA GLY A 1311 -8.77 -30.68 -16.08
C GLY A 1311 -8.41 -30.32 -14.66
N ARG A 1312 -7.20 -29.80 -14.50
CA ARG A 1312 -6.66 -29.48 -13.18
C ARG A 1312 -6.35 -28.00 -13.07
N CYS A 1313 -6.53 -27.46 -11.87
CA CYS A 1313 -6.28 -26.05 -11.61
C CYS A 1313 -5.83 -25.88 -10.17
N VAL A 1314 -4.68 -25.23 -9.98
CA VAL A 1314 -4.14 -24.94 -8.66
C VAL A 1314 -4.18 -23.43 -8.46
N ILE A 1315 -4.84 -22.99 -7.39
CA ILE A 1315 -5.01 -21.58 -7.09
C ILE A 1315 -4.21 -21.27 -5.83
N MET A 1316 -3.09 -20.58 -6.00
CA MET A 1316 -2.27 -20.13 -4.88
C MET A 1316 -2.74 -18.74 -4.46
N CYS A 1317 -3.16 -18.61 -3.20
CA CYS A 1317 -3.74 -17.37 -2.71
C CYS A 1317 -3.26 -17.11 -1.28
N GLN A 1318 -3.56 -15.92 -0.78
CA GLN A 1318 -3.32 -15.62 0.61
C GLN A 1318 -4.23 -16.46 1.49
N GLY A 1319 -3.74 -16.77 2.69
CA GLY A 1319 -4.50 -17.63 3.59
C GLY A 1319 -5.85 -17.08 3.97
N SER A 1320 -6.00 -15.75 3.96
CA SER A 1320 -7.27 -15.15 4.33
C SER A 1320 -8.33 -15.37 3.25
N LYS A 1321 -7.92 -15.45 1.99
CA LYS A 1321 -8.85 -15.62 0.88
C LYS A 1321 -9.10 -17.09 0.54
N LYS A 1322 -8.57 -18.02 1.33
CA LYS A 1322 -8.71 -19.44 1.01
C LYS A 1322 -10.16 -19.90 1.13
N ASP A 1323 -10.80 -19.62 2.26
CA ASP A 1323 -12.19 -20.04 2.47
C ASP A 1323 -13.15 -19.30 1.55
N PHE A 1324 -12.77 -18.13 1.03
CA PHE A 1324 -13.65 -17.40 0.13
C PHE A 1324 -13.78 -18.13 -1.20
N PHE A 1325 -12.66 -18.53 -1.80
CA PHE A 1325 -12.70 -19.21 -3.08
C PHE A 1325 -13.34 -20.59 -2.98
N LYS A 1326 -13.22 -21.23 -1.82
CA LYS A 1326 -13.82 -22.55 -1.65
C LYS A 1326 -15.34 -22.48 -1.70
N LYS A 1327 -15.93 -21.36 -1.29
CA LYS A 1327 -17.38 -21.20 -1.27
C LYS A 1327 -17.94 -20.62 -2.55
N PHE A 1328 -17.10 -20.08 -3.44
CA PHE A 1328 -17.57 -19.47 -4.68
C PHE A 1328 -16.97 -20.11 -5.92
N LEU A 1329 -16.30 -21.25 -5.77
CA LEU A 1329 -15.82 -22.02 -6.91
C LEU A 1329 -16.38 -23.42 -6.99
N TYR A 1330 -16.74 -24.01 -5.85
CA TYR A 1330 -17.36 -25.34 -5.82
C TYR A 1330 -18.88 -25.28 -5.89
N GLU A 1331 -19.46 -24.11 -5.71
CA GLU A 1331 -20.90 -23.92 -5.68
C GLU A 1331 -21.28 -22.83 -6.67
N PRO A 1332 -22.55 -22.77 -7.08
CA PRO A 1332 -22.98 -21.73 -8.03
C PRO A 1332 -22.76 -20.33 -7.47
N LEU A 1333 -22.64 -19.39 -8.38
CA LEU A 1333 -22.31 -18.01 -8.01
C LEU A 1333 -23.57 -17.21 -7.78
N PRO A 1334 -23.74 -16.58 -6.62
CA PRO A 1334 -24.89 -15.67 -6.42
C PRO A 1334 -24.56 -14.29 -6.98
N VAL A 1335 -25.47 -13.77 -7.81
CA VAL A 1335 -25.27 -12.49 -8.46
C VAL A 1335 -26.37 -11.53 -8.06
N GLU A 1336 -26.02 -10.26 -7.89
CA GLU A 1336 -26.96 -9.21 -7.52
C GLU A 1336 -26.88 -8.09 -8.56
N SER A 1337 -27.82 -7.15 -8.46
CA SER A 1337 -27.87 -6.01 -9.34
C SER A 1337 -27.25 -4.79 -8.66
N HIS A 1338 -26.62 -3.93 -9.47
CA HIS A 1338 -26.10 -2.66 -8.99
C HIS A 1338 -26.61 -1.51 -9.85
N LEU A 1339 -27.75 -1.70 -10.52
CA LEU A 1339 -28.34 -0.65 -11.32
C LEU A 1339 -28.76 0.55 -10.47
N ASP A 1340 -29.07 0.32 -9.20
CA ASP A 1340 -29.47 1.41 -8.31
C ASP A 1340 -28.36 2.42 -8.08
N HIS A 1341 -27.13 2.11 -8.48
CA HIS A 1341 -26.03 3.06 -8.42
C HIS A 1341 -25.66 3.63 -9.79
N CYS A 1342 -26.39 3.24 -10.84
CA CYS A 1342 -26.15 3.71 -12.21
C CYS A 1342 -27.47 4.06 -12.87
N MET A 1343 -28.31 4.83 -12.15
CA MET A 1343 -29.68 5.07 -12.58
C MET A 1343 -29.84 6.31 -13.45
N HIS A 1344 -28.96 7.29 -13.31
CA HIS A 1344 -29.20 8.60 -13.92
C HIS A 1344 -29.14 8.53 -15.45
N ASP A 1345 -28.10 7.92 -15.99
CA ASP A 1345 -27.90 7.93 -17.44
C ASP A 1345 -29.01 7.19 -18.17
N HIS A 1346 -29.50 6.09 -17.58
CA HIS A 1346 -30.54 5.32 -18.24
C HIS A 1346 -31.91 5.95 -18.07
N PHE A 1347 -32.17 6.56 -16.91
CA PHE A 1347 -33.43 7.27 -16.72
C PHE A 1347 -33.56 8.43 -17.69
N ASN A 1348 -32.46 9.15 -17.93
CA ASN A 1348 -32.49 10.25 -18.88
C ASN A 1348 -32.78 9.76 -20.29
N ALA A 1349 -32.22 8.61 -20.67
CA ALA A 1349 -32.48 8.06 -22.00
C ALA A 1349 -33.95 7.67 -22.16
N GLU A 1350 -34.53 7.07 -21.12
CA GLU A 1350 -35.94 6.70 -21.18
C GLU A 1350 -36.86 7.92 -21.11
N ILE A 1351 -36.34 9.07 -20.68
CA ILE A 1351 -37.15 10.29 -20.69
C ILE A 1351 -37.11 10.95 -22.05
N VAL A 1352 -35.95 10.94 -22.73
CA VAL A 1352 -35.84 11.51 -24.06
C VAL A 1352 -36.73 10.74 -25.03
N THR A 1353 -36.66 9.41 -25.00
CA THR A 1353 -37.49 8.57 -25.84
C THR A 1353 -38.94 8.50 -25.37
N LYS A 1354 -39.28 9.20 -24.28
CA LYS A 1354 -40.65 9.32 -23.79
C LYS A 1354 -41.24 7.97 -23.36
N THR A 1355 -40.38 7.06 -22.92
CA THR A 1355 -40.87 5.87 -22.23
C THR A 1355 -41.26 6.20 -20.80
N ILE A 1356 -40.53 7.09 -20.15
CA ILE A 1356 -40.83 7.59 -18.82
C ILE A 1356 -41.31 9.03 -18.99
N GLU A 1357 -42.62 9.23 -18.89
CA GLU A 1357 -43.20 10.56 -19.01
C GLU A 1357 -43.64 11.15 -17.68
N ASN A 1358 -43.71 10.35 -16.62
CA ASN A 1358 -44.09 10.82 -15.30
C ASN A 1358 -43.33 10.02 -14.26
N LYS A 1359 -43.48 10.41 -12.99
CA LYS A 1359 -42.81 9.71 -11.91
C LYS A 1359 -43.38 8.30 -11.71
N GLN A 1360 -44.67 8.11 -12.02
CA GLN A 1360 -45.24 6.77 -11.96
C GLN A 1360 -44.65 5.87 -13.05
N ASP A 1361 -44.26 6.45 -14.19
CA ASP A 1361 -43.64 5.67 -15.25
C ASP A 1361 -42.27 5.16 -14.83
N ALA A 1362 -41.50 5.99 -14.10
CA ALA A 1362 -40.18 5.57 -13.65
C ALA A 1362 -40.27 4.38 -12.71
N VAL A 1363 -41.31 4.32 -11.88
CA VAL A 1363 -41.50 3.17 -11.01
C VAL A 1363 -41.92 1.95 -11.82
N ASP A 1364 -42.73 2.17 -12.87
CA ASP A 1364 -43.13 1.06 -13.73
C ASP A 1364 -41.93 0.53 -14.51
N TYR A 1365 -41.02 1.42 -14.92
CA TYR A 1365 -39.84 0.99 -15.68
C TYR A 1365 -38.90 0.16 -14.82
N LEU A 1366 -38.88 0.39 -13.50
CA LEU A 1366 -37.98 -0.35 -12.64
C LEU A 1366 -38.43 -1.79 -12.43
N THR A 1367 -39.73 -2.05 -12.55
CA THR A 1367 -40.25 -3.41 -12.40
C THR A 1367 -39.84 -4.33 -13.54
N TRP A 1368 -39.26 -3.79 -14.61
CA TRP A 1368 -38.76 -4.57 -15.72
C TRP A 1368 -37.32 -5.02 -15.53
N THR A 1369 -36.70 -4.69 -14.41
CA THR A 1369 -35.28 -4.90 -14.18
C THR A 1369 -35.04 -6.14 -13.32
N PHE A 1370 -33.79 -6.63 -13.38
CA PHE A 1370 -33.35 -7.65 -12.45
C PHE A 1370 -33.17 -7.09 -11.04
N LEU A 1371 -33.01 -5.77 -10.92
CA LEU A 1371 -32.90 -5.14 -9.61
C LEU A 1371 -34.19 -5.25 -8.81
N TYR A 1372 -35.34 -5.22 -9.50
CA TYR A 1372 -36.62 -5.25 -8.81
C TYR A 1372 -36.90 -6.61 -8.17
N ARG A 1373 -36.37 -7.69 -8.76
CA ARG A 1373 -36.65 -9.03 -8.27
C ARG A 1373 -35.68 -9.48 -7.19
N ARG A 1374 -34.48 -8.89 -7.12
CA ARG A 1374 -33.56 -9.20 -6.03
C ARG A 1374 -33.88 -8.42 -4.77
N MET A 1375 -34.69 -7.36 -4.87
CA MET A 1375 -35.08 -6.59 -3.69
C MET A 1375 -35.96 -7.39 -2.74
N THR A 1376 -36.66 -8.41 -3.24
CA THR A 1376 -37.47 -9.28 -2.39
C THR A 1376 -36.74 -10.55 -1.97
N GLN A 1377 -35.79 -11.02 -2.77
CA GLN A 1377 -35.00 -12.19 -2.39
C GLN A 1377 -33.86 -11.83 -1.45
N ASN A 1378 -33.38 -10.59 -1.51
CA ASN A 1378 -32.28 -10.14 -0.66
C ASN A 1378 -32.49 -8.66 -0.35
N PRO A 1379 -33.38 -8.35 0.60
CA PRO A 1379 -33.68 -6.94 0.88
C PRO A 1379 -32.53 -6.19 1.53
N ASN A 1380 -31.81 -6.83 2.45
CA ASN A 1380 -30.73 -6.14 3.15
C ASN A 1380 -29.57 -5.77 2.24
N TYR A 1381 -29.40 -6.46 1.11
CA TYR A 1381 -28.35 -6.10 0.17
C TYR A 1381 -28.59 -4.72 -0.42
N TYR A 1382 -29.85 -4.33 -0.58
CA TYR A 1382 -30.21 -3.01 -1.10
C TYR A 1382 -30.72 -2.08 0.00
N ASN A 1383 -30.33 -2.34 1.24
CA ASN A 1383 -30.70 -1.52 2.40
C ASN A 1383 -32.21 -1.44 2.57
N LEU A 1384 -32.89 -2.54 2.31
CA LEU A 1384 -34.30 -2.70 2.67
C LEU A 1384 -34.40 -3.44 4.00
N GLN A 1385 -35.48 -3.15 4.74
CA GLN A 1385 -35.73 -3.84 5.99
C GLN A 1385 -36.98 -4.69 5.96
N GLY A 1386 -37.65 -4.80 4.81
CA GLY A 1386 -38.83 -5.63 4.67
C GLY A 1386 -39.22 -5.84 3.21
N ILE A 1387 -39.75 -7.02 2.89
CA ILE A 1387 -40.11 -7.35 1.52
C ILE A 1387 -41.60 -7.13 1.32
N SER A 1388 -42.23 -6.43 2.26
CA SER A 1388 -43.65 -6.13 2.14
C SER A 1388 -43.89 -5.26 0.91
N HIS A 1389 -45.14 -5.25 0.45
CA HIS A 1389 -45.46 -4.68 -0.86
C HIS A 1389 -45.10 -3.20 -0.93
N ARG A 1390 -45.52 -2.43 0.08
CA ARG A 1390 -45.25 -0.99 0.08
C ARG A 1390 -43.93 -0.64 0.75
N HIS A 1391 -43.20 -1.63 1.27
CA HIS A 1391 -41.79 -1.41 1.56
C HIS A 1391 -40.99 -1.25 0.27
N LEU A 1392 -41.41 -1.94 -0.79
CA LEU A 1392 -40.74 -1.80 -2.08
C LEU A 1392 -41.03 -0.44 -2.71
N SER A 1393 -42.28 0.03 -2.63
CA SER A 1393 -42.65 1.28 -3.27
C SER A 1393 -41.89 2.45 -2.67
N ASP A 1394 -41.88 2.56 -1.34
CA ASP A 1394 -41.18 3.65 -0.68
C ASP A 1394 -39.68 3.60 -0.96
N HIS A 1395 -39.13 2.41 -1.14
CA HIS A 1395 -37.73 2.31 -1.54
C HIS A 1395 -37.55 2.60 -3.02
N LEU A 1396 -38.50 2.17 -3.86
CA LEU A 1396 -38.43 2.47 -5.28
C LEU A 1396 -38.74 3.93 -5.56
N SER A 1397 -39.64 4.54 -4.78
CA SER A 1397 -40.02 5.93 -5.04
C SER A 1397 -38.89 6.88 -4.68
N GLU A 1398 -38.19 6.64 -3.58
CA GLU A 1398 -37.06 7.50 -3.24
C GLU A 1398 -35.93 7.34 -4.23
N LEU A 1399 -35.81 6.17 -4.86
CA LEU A 1399 -34.80 5.99 -5.89
C LEU A 1399 -35.14 6.79 -7.14
N VAL A 1400 -36.42 6.88 -7.50
CA VAL A 1400 -36.81 7.67 -8.66
C VAL A 1400 -36.90 9.15 -8.29
N GLU A 1401 -37.18 9.47 -7.03
CA GLU A 1401 -37.26 10.87 -6.63
C GLU A 1401 -35.89 11.52 -6.62
N GLN A 1402 -34.88 10.79 -6.13
CA GLN A 1402 -33.53 11.34 -6.08
C GLN A 1402 -32.86 11.34 -7.46
N THR A 1403 -33.18 10.35 -8.30
CA THR A 1403 -32.58 10.30 -9.63
C THR A 1403 -33.13 11.40 -10.53
N LEU A 1404 -34.44 11.65 -10.45
CA LEU A 1404 -35.04 12.69 -11.28
C LEU A 1404 -34.64 14.09 -10.82
N SER A 1405 -34.47 14.29 -9.51
CA SER A 1405 -34.04 15.60 -9.01
C SER A 1405 -32.60 15.90 -9.37
N ASP A 1406 -31.75 14.87 -9.46
CA ASP A 1406 -30.37 15.09 -9.89
C ASP A 1406 -30.32 15.52 -11.35
N LEU A 1407 -31.12 14.89 -12.21
CA LEU A 1407 -31.16 15.29 -13.61
C LEU A 1407 -31.80 16.68 -13.76
N GLU A 1408 -32.78 16.99 -12.92
CA GLU A 1408 -33.41 18.31 -12.98
C GLU A 1408 -32.46 19.40 -12.51
N GLN A 1409 -31.56 19.09 -11.59
CA GLN A 1409 -30.58 20.08 -11.14
C GLN A 1409 -29.53 20.35 -12.22
N SER A 1410 -29.17 19.34 -13.00
CA SER A 1410 -28.20 19.49 -14.08
C SER A 1410 -28.82 20.00 -15.38
N LYS A 1411 -30.08 20.43 -15.33
CA LYS A 1411 -30.76 21.03 -16.49
C LYS A 1411 -30.84 20.06 -17.66
N CYS A 1412 -31.14 18.80 -17.36
CA CYS A 1412 -31.33 17.78 -18.40
C CYS A 1412 -32.79 17.42 -18.61
N ILE A 1413 -33.59 17.42 -17.54
CA ILE A 1413 -35.01 17.12 -17.62
C ILE A 1413 -35.78 18.23 -16.91
N SER A 1414 -37.08 18.27 -17.17
CA SER A 1414 -37.97 19.25 -16.56
C SER A 1414 -39.00 18.54 -15.70
N ILE A 1415 -39.13 18.97 -14.46
CA ILE A 1415 -40.10 18.43 -13.52
C ILE A 1415 -41.22 19.44 -13.36
N GLU A 1416 -42.45 19.02 -13.68
CA GLU A 1416 -43.62 19.89 -13.60
C GLU A 1416 -44.61 19.32 -12.60
N ASP A 1417 -44.93 20.11 -11.58
CA ASP A 1417 -45.86 19.74 -10.52
C ASP A 1417 -45.41 18.48 -9.77
N GLU A 1418 -44.10 18.21 -9.76
CA GLU A 1418 -43.52 17.07 -9.06
C GLU A 1418 -44.16 15.75 -9.47
N MET A 1419 -44.58 15.64 -10.74
CA MET A 1419 -45.22 14.44 -11.23
C MET A 1419 -44.84 14.16 -12.68
N ASP A 1420 -44.87 15.19 -13.51
CA ASP A 1420 -44.58 15.05 -14.94
C ASP A 1420 -43.11 15.40 -15.21
N VAL A 1421 -42.48 14.61 -16.08
CA VAL A 1421 -41.11 14.84 -16.48
C VAL A 1421 -41.06 15.00 -18.00
N ALA A 1422 -40.13 15.84 -18.46
CA ALA A 1422 -39.96 16.12 -19.87
C ALA A 1422 -38.49 16.37 -20.13
N PRO A 1423 -37.95 15.88 -21.25
CA PRO A 1423 -36.52 16.06 -21.51
C PRO A 1423 -36.21 17.42 -22.13
N LEU A 1424 -35.09 17.99 -21.70
CA LEU A 1424 -34.57 19.20 -22.32
C LEU A 1424 -33.57 18.83 -23.41
N ASN A 1425 -33.23 19.81 -24.25
CA ASN A 1425 -32.28 19.57 -25.33
C ASN A 1425 -30.92 19.13 -24.79
N LEU A 1426 -30.57 19.58 -23.58
CA LEU A 1426 -29.32 19.14 -22.97
C LEU A 1426 -29.33 17.65 -22.70
N GLY A 1427 -30.49 17.12 -22.26
CA GLY A 1427 -30.59 15.69 -22.04
C GLY A 1427 -30.71 14.89 -23.32
N MET A 1428 -31.32 15.47 -24.36
CA MET A 1428 -31.43 14.79 -25.64
C MET A 1428 -30.06 14.60 -26.29
N ILE A 1429 -29.11 15.47 -25.99
CA ILE A 1429 -27.76 15.32 -26.52
C ILE A 1429 -27.00 14.21 -25.80
N ALA A 1430 -27.15 14.15 -24.47
CA ALA A 1430 -26.46 13.11 -23.70
C ALA A 1430 -26.97 11.72 -24.04
N ALA A 1431 -28.29 11.59 -24.26
CA ALA A 1431 -28.85 10.29 -24.59
C ALA A 1431 -28.55 9.90 -26.03
N TYR A 1432 -28.45 10.87 -26.94
CA TYR A 1432 -28.19 10.56 -28.34
C TYR A 1432 -26.75 10.10 -28.56
N TYR A 1433 -25.81 10.62 -27.79
CA TYR A 1433 -24.39 10.30 -27.96
C TYR A 1433 -23.83 9.43 -26.85
N TYR A 1434 -24.69 8.89 -25.98
CA TYR A 1434 -24.28 7.98 -24.92
C TYR A 1434 -23.20 8.60 -24.05
N ILE A 1435 -23.52 9.74 -23.46
CA ILE A 1435 -22.60 10.50 -22.62
C ILE A 1435 -23.20 10.68 -21.24
N ASN A 1436 -22.35 10.62 -20.21
CA ASN A 1436 -22.82 10.78 -18.84
C ASN A 1436 -23.41 12.17 -18.64
N TYR A 1437 -24.46 12.24 -17.82
CA TYR A 1437 -25.08 13.54 -17.54
C TYR A 1437 -24.14 14.45 -16.76
N THR A 1438 -23.20 13.87 -16.01
CA THR A 1438 -22.18 14.68 -15.36
C THR A 1438 -21.28 15.36 -16.38
N THR A 1439 -21.03 14.71 -17.51
CA THR A 1439 -20.16 15.29 -18.53
C THR A 1439 -20.84 16.42 -19.27
N ILE A 1440 -22.10 16.23 -19.66
CA ILE A 1440 -22.80 17.25 -20.44
C ILE A 1440 -23.11 18.47 -19.60
N GLU A 1441 -23.38 18.28 -18.30
CA GLU A 1441 -23.63 19.42 -17.43
C GLU A 1441 -22.41 20.34 -17.34
N LEU A 1442 -21.22 19.75 -17.19
CA LEU A 1442 -20.01 20.56 -17.16
C LEU A 1442 -19.73 21.19 -18.53
N PHE A 1443 -20.17 20.54 -19.61
CA PHE A 1443 -19.95 21.08 -20.94
C PHE A 1443 -20.72 22.38 -21.15
N SER A 1444 -21.89 22.52 -20.52
CA SER A 1444 -22.72 23.70 -20.73
C SER A 1444 -22.19 24.93 -19.98
N MET A 1445 -21.46 24.71 -18.89
CA MET A 1445 -20.97 25.84 -18.09
C MET A 1445 -19.65 26.39 -18.61
N SER A 1446 -18.94 25.65 -19.45
CA SER A 1446 -17.64 26.07 -19.94
C SER A 1446 -17.62 26.47 -21.41
N LEU A 1447 -18.53 25.94 -22.22
CA LEU A 1447 -18.60 26.32 -23.62
C LEU A 1447 -19.12 27.76 -23.74
N ASN A 1448 -18.30 28.64 -24.29
CA ASN A 1448 -18.62 30.06 -24.42
C ASN A 1448 -18.85 30.43 -25.87
N ALA A 1449 -19.17 31.71 -26.09
CA ALA A 1449 -19.41 32.21 -27.44
C ALA A 1449 -18.12 32.45 -28.21
N LYS A 1450 -17.00 32.65 -27.52
CA LYS A 1450 -15.70 32.84 -28.16
C LYS A 1450 -14.79 31.64 -27.98
N THR A 1451 -15.36 30.45 -27.76
CA THR A 1451 -14.56 29.24 -27.64
C THR A 1451 -13.98 28.86 -28.99
N LYS A 1452 -12.75 28.35 -28.98
CA LYS A 1452 -12.09 27.92 -30.20
C LYS A 1452 -11.52 26.52 -29.98
N VAL A 1453 -10.62 26.10 -30.89
CA VAL A 1453 -10.06 24.75 -30.86
C VAL A 1453 -9.25 24.51 -29.60
N ARG A 1454 -8.79 25.58 -28.93
CA ARG A 1454 -8.01 25.41 -27.70
C ARG A 1454 -8.93 25.25 -26.50
N GLY A 1455 -9.91 26.15 -26.34
CA GLY A 1455 -10.87 26.00 -25.27
C GLY A 1455 -11.73 24.76 -25.38
N LEU A 1456 -11.82 24.17 -26.58
CA LEU A 1456 -12.63 22.97 -26.75
C LEU A 1456 -11.93 21.74 -26.20
N ILE A 1457 -10.60 21.66 -26.37
CA ILE A 1457 -9.89 20.45 -25.98
C ILE A 1457 -9.73 20.34 -24.47
N GLU A 1458 -9.78 21.44 -23.72
CA GLU A 1458 -9.83 21.35 -22.27
C GLU A 1458 -11.26 21.31 -21.73
N ILE A 1459 -12.23 21.12 -22.59
CA ILE A 1459 -13.59 20.79 -22.19
C ILE A 1459 -13.87 19.31 -22.40
N ILE A 1460 -13.50 18.78 -23.56
CA ILE A 1460 -13.53 17.34 -23.80
C ILE A 1460 -12.58 16.63 -22.84
N SER A 1461 -11.58 17.33 -22.31
CA SER A 1461 -10.62 16.72 -21.39
C SER A 1461 -11.30 16.25 -20.11
N ASN A 1462 -11.94 17.17 -19.39
CA ASN A 1462 -12.56 16.92 -18.09
C ASN A 1462 -13.73 15.96 -18.14
N ALA A 1463 -13.96 15.23 -19.24
CA ALA A 1463 -15.08 14.32 -19.31
C ALA A 1463 -14.95 13.21 -18.28
N ALA A 1464 -16.09 12.79 -17.73
CA ALA A 1464 -16.09 11.69 -16.78
C ALA A 1464 -15.65 10.37 -17.42
N GLU A 1465 -15.68 10.29 -18.75
CA GLU A 1465 -15.22 9.11 -19.47
C GLU A 1465 -13.71 9.06 -19.61
N TYR A 1466 -12.99 10.05 -19.10
CA TYR A 1466 -11.53 10.06 -19.14
C TYR A 1466 -10.89 10.04 -17.76
N GLU A 1467 -11.70 10.07 -16.69
CA GLU A 1467 -11.22 9.94 -15.32
C GLU A 1467 -10.71 8.54 -14.98
N ASN A 1468 -10.77 7.61 -15.94
CA ASN A 1468 -10.65 6.19 -15.66
C ASN A 1468 -9.36 5.55 -16.16
N ILE A 1469 -8.42 6.33 -16.68
CA ILE A 1469 -7.18 5.75 -17.19
C ILE A 1469 -5.99 6.32 -16.42
N PRO A 1470 -4.96 5.50 -16.14
CA PRO A 1470 -4.04 5.81 -15.05
C PRO A 1470 -3.21 7.07 -15.27
N ILE A 1471 -2.76 7.63 -14.15
CA ILE A 1471 -1.73 8.65 -14.10
C ILE A 1471 -0.44 7.97 -13.69
N ARG A 1472 0.53 7.92 -14.59
CA ARG A 1472 1.79 7.22 -14.34
C ARG A 1472 2.86 8.26 -14.04
N HIS A 1473 3.26 8.35 -12.77
CA HIS A 1473 4.29 9.28 -12.35
C HIS A 1473 5.70 8.75 -12.62
N HIS A 1474 5.83 7.59 -13.27
CA HIS A 1474 7.07 7.23 -13.93
C HIS A 1474 7.32 8.07 -15.16
N GLU A 1475 6.42 8.99 -15.47
CA GLU A 1475 6.39 9.68 -16.75
C GLU A 1475 6.17 11.18 -16.65
N ASP A 1476 5.88 11.72 -15.46
CA ASP A 1476 5.36 13.09 -15.34
C ASP A 1476 6.24 14.11 -16.05
N ASN A 1477 7.57 13.98 -15.92
CA ASN A 1477 8.45 14.92 -16.60
C ASN A 1477 8.51 14.66 -18.10
N LEU A 1478 8.09 13.47 -18.55
CA LEU A 1478 7.94 13.26 -19.99
C LEU A 1478 6.69 13.96 -20.52
N LEU A 1479 5.69 14.17 -19.66
CA LEU A 1479 4.55 15.00 -20.01
C LEU A 1479 4.80 16.48 -19.73
N ARG A 1480 5.62 16.78 -18.71
CA ARG A 1480 5.93 18.17 -18.40
C ARG A 1480 6.65 18.85 -19.56
N GLN A 1481 7.49 18.12 -20.29
CA GLN A 1481 8.16 18.66 -21.46
C GLN A 1481 7.29 18.60 -22.71
N LEU A 1482 6.29 17.72 -22.74
CA LEU A 1482 5.31 17.75 -23.83
C LEU A 1482 4.37 18.93 -23.70
N ALA A 1483 4.14 19.40 -22.47
CA ALA A 1483 3.44 20.67 -22.28
C ALA A 1483 4.18 21.80 -22.98
N GLN A 1484 5.50 21.68 -23.11
CA GLN A 1484 6.30 22.61 -23.90
C GLN A 1484 6.41 22.20 -25.36
N LYS A 1485 5.94 21.01 -25.72
CA LYS A 1485 6.02 20.54 -27.10
C LYS A 1485 4.79 20.93 -27.92
N VAL A 1486 3.62 21.00 -27.30
CA VAL A 1486 2.37 21.25 -28.01
C VAL A 1486 2.30 22.71 -28.43
N PRO A 1487 1.56 23.05 -29.50
CA PRO A 1487 1.47 24.45 -29.92
C PRO A 1487 0.63 25.32 -29.01
N HIS A 1488 -0.07 24.75 -28.03
CA HIS A 1488 -1.01 25.48 -27.18
C HIS A 1488 -0.64 25.27 -25.73
N LYS A 1489 -0.20 26.34 -25.06
CA LYS A 1489 0.19 26.23 -23.66
C LYS A 1489 -1.02 25.97 -22.76
N LEU A 1490 -0.73 25.65 -21.51
CA LEU A 1490 -1.75 25.41 -20.49
C LEU A 1490 -1.73 26.52 -19.46
N ASN A 1491 -2.81 26.61 -18.68
CA ASN A 1491 -2.95 27.61 -17.64
C ASN A 1491 -3.00 26.91 -16.29
N ASN A 1492 -2.04 27.24 -15.42
CA ASN A 1492 -1.87 26.63 -14.11
C ASN A 1492 -1.80 25.11 -14.22
N PRO A 1493 -0.73 24.57 -14.82
CA PRO A 1493 -0.68 23.12 -15.04
C PRO A 1493 0.12 22.36 -13.99
N LYS A 1494 -0.56 21.50 -13.23
CA LYS A 1494 0.09 20.51 -12.38
C LYS A 1494 -0.49 19.14 -12.73
N PHE A 1495 0.39 18.15 -12.78
CA PHE A 1495 0.17 16.99 -13.63
C PHE A 1495 -0.16 15.72 -12.86
N ASN A 1496 -1.13 15.79 -11.95
CA ASN A 1496 -1.65 14.63 -11.25
C ASN A 1496 -3.17 14.55 -11.40
N ASP A 1497 -3.66 14.90 -12.59
CA ASP A 1497 -5.08 14.90 -12.91
C ASP A 1497 -5.28 14.19 -14.25
N PRO A 1498 -6.14 13.17 -14.31
CA PRO A 1498 -6.31 12.45 -15.58
C PRO A 1498 -6.86 13.30 -16.70
N HIS A 1499 -7.48 14.43 -16.39
CA HIS A 1499 -8.01 15.33 -17.41
C HIS A 1499 -6.93 16.21 -18.02
N VAL A 1500 -5.82 16.42 -17.32
CA VAL A 1500 -4.70 17.15 -17.91
C VAL A 1500 -3.84 16.22 -18.75
N LYS A 1501 -3.75 14.94 -18.39
CA LYS A 1501 -3.00 13.99 -19.18
C LYS A 1501 -3.64 13.78 -20.55
N THR A 1502 -4.97 13.72 -20.60
CA THR A 1502 -5.66 13.54 -21.87
C THR A 1502 -5.45 14.74 -22.79
N ASN A 1503 -5.41 15.95 -22.22
CA ASN A 1503 -5.16 17.14 -23.04
C ASN A 1503 -3.80 17.08 -23.71
N LEU A 1504 -2.77 16.70 -22.95
CA LEU A 1504 -1.45 16.54 -23.55
C LEU A 1504 -1.41 15.33 -24.48
N LEU A 1505 -2.17 14.28 -24.17
CA LEU A 1505 -2.19 13.11 -25.03
C LEU A 1505 -2.97 13.37 -26.32
N LEU A 1506 -3.99 14.22 -26.27
CA LEU A 1506 -4.73 14.56 -27.47
C LEU A 1506 -3.90 15.42 -28.42
N GLN A 1507 -3.19 16.41 -27.87
CA GLN A 1507 -2.33 17.25 -28.70
C GLN A 1507 -1.15 16.46 -29.25
N ALA A 1508 -0.67 15.46 -28.50
CA ALA A 1508 0.40 14.60 -29.01
C ALA A 1508 -0.08 13.78 -30.20
N HIS A 1509 -1.36 13.43 -30.23
CA HIS A 1509 -1.91 12.69 -31.36
C HIS A 1509 -2.18 13.61 -32.55
N LEU A 1510 -2.64 14.84 -32.28
CA LEU A 1510 -2.90 15.78 -33.36
C LEU A 1510 -1.62 16.17 -34.09
N SER A 1511 -0.50 16.21 -33.37
CA SER A 1511 0.79 16.53 -33.97
C SER A 1511 1.54 15.30 -34.45
N ARG A 1512 0.90 14.13 -34.43
CA ARG A 1512 1.49 12.86 -34.87
C ARG A 1512 2.75 12.52 -34.09
N MET A 1513 2.81 12.94 -32.82
CA MET A 1513 3.96 12.65 -31.97
C MET A 1513 3.85 11.21 -31.48
N GLN A 1514 4.69 10.32 -32.03
CA GLN A 1514 4.70 8.94 -31.58
C GLN A 1514 5.37 8.85 -30.22
N LEU A 1515 4.76 8.09 -29.33
CA LEU A 1515 5.21 8.07 -27.94
C LEU A 1515 5.48 6.63 -27.47
N SER A 1516 4.99 6.28 -26.28
CA SER A 1516 5.12 4.93 -25.74
C SER A 1516 4.34 3.91 -26.57
N ALA A 1517 4.42 2.64 -26.19
CA ALA A 1517 3.56 1.62 -26.78
C ALA A 1517 2.24 1.51 -26.03
N GLU A 1518 2.21 1.87 -24.76
CA GLU A 1518 0.99 1.83 -23.96
C GLU A 1518 0.23 3.15 -23.98
N LEU A 1519 0.94 4.26 -24.15
CA LEU A 1519 0.28 5.54 -24.31
C LEU A 1519 -0.17 5.78 -25.74
N GLN A 1520 0.35 5.01 -26.70
CA GLN A 1520 -0.26 4.96 -28.03
C GLN A 1520 -1.59 4.22 -27.99
N SER A 1521 -1.62 3.08 -27.31
CA SER A 1521 -2.87 2.36 -27.09
C SER A 1521 -3.74 3.02 -26.03
N ASP A 1522 -3.20 3.92 -25.21
CA ASP A 1522 -4.04 4.69 -24.30
C ASP A 1522 -4.86 5.72 -25.06
N THR A 1523 -4.31 6.29 -26.13
CA THR A 1523 -5.08 7.21 -26.96
C THR A 1523 -6.13 6.48 -27.78
N GLU A 1524 -5.91 5.20 -28.07
CA GLU A 1524 -6.84 4.44 -28.91
C GLU A 1524 -8.22 4.36 -28.25
N GLU A 1525 -8.25 4.23 -26.92
CA GLU A 1525 -9.51 4.28 -26.19
C GLU A 1525 -9.90 5.69 -25.78
N ILE A 1526 -8.98 6.65 -25.88
CA ILE A 1526 -9.34 8.05 -25.73
C ILE A 1526 -10.05 8.56 -26.97
N LEU A 1527 -9.49 8.26 -28.14
CA LEU A 1527 -10.13 8.63 -29.40
C LEU A 1527 -11.37 7.80 -29.69
N SER A 1528 -11.51 6.64 -29.04
CA SER A 1528 -12.71 5.82 -29.22
C SER A 1528 -13.97 6.51 -28.70
N LYS A 1529 -13.81 7.53 -27.86
CA LYS A 1529 -14.92 8.30 -27.34
C LYS A 1529 -14.83 9.78 -27.68
N ALA A 1530 -13.76 10.23 -28.32
CA ALA A 1530 -13.56 11.65 -28.55
C ALA A 1530 -14.52 12.20 -29.61
N ILE A 1531 -14.95 11.36 -30.56
CA ILE A 1531 -15.82 11.84 -31.62
C ILE A 1531 -17.19 12.21 -31.06
N ARG A 1532 -17.76 11.37 -30.20
CA ARG A 1532 -19.05 11.68 -29.60
C ARG A 1532 -18.98 12.90 -28.69
N LEU A 1533 -17.85 13.10 -28.02
CA LEU A 1533 -17.69 14.27 -27.16
C LEU A 1533 -17.62 15.55 -27.98
N ILE A 1534 -17.01 15.50 -29.16
CA ILE A 1534 -16.93 16.69 -30.01
C ILE A 1534 -18.30 17.02 -30.60
N GLN A 1535 -19.02 15.99 -31.07
CA GLN A 1535 -20.35 16.22 -31.63
C GLN A 1535 -21.32 16.76 -30.59
N ALA A 1536 -21.14 16.38 -29.32
CA ALA A 1536 -22.00 16.91 -28.27
C ALA A 1536 -21.80 18.41 -28.11
N CYS A 1537 -20.55 18.88 -28.18
CA CYS A 1537 -20.30 20.31 -28.13
C CYS A 1537 -20.84 21.02 -29.36
N VAL A 1538 -20.78 20.37 -30.53
CA VAL A 1538 -21.35 20.95 -31.74
C VAL A 1538 -22.84 21.17 -31.58
N ASP A 1539 -23.54 20.21 -30.95
CA ASP A 1539 -24.97 20.36 -30.72
C ASP A 1539 -25.27 21.37 -29.62
N VAL A 1540 -24.34 21.62 -28.71
CA VAL A 1540 -24.55 22.60 -27.65
C VAL A 1540 -24.21 24.02 -28.12
N LEU A 1541 -23.07 24.17 -28.81
CA LEU A 1541 -22.70 25.49 -29.30
C LEU A 1541 -23.68 26.00 -30.35
N SER A 1542 -24.17 25.11 -31.21
CA SER A 1542 -25.13 25.52 -32.24
C SER A 1542 -26.50 25.79 -31.64
N SER A 1543 -26.85 25.11 -30.54
CA SER A 1543 -28.14 25.35 -29.91
C SER A 1543 -28.22 26.73 -29.28
N ASN A 1544 -27.09 27.26 -28.81
CA ASN A 1544 -27.03 28.58 -28.21
C ASN A 1544 -26.82 29.68 -29.23
N GLY A 1545 -26.75 29.34 -30.52
CA GLY A 1545 -26.57 30.35 -31.55
C GLY A 1545 -25.16 30.91 -31.64
N TRP A 1546 -24.16 30.08 -31.42
CA TRP A 1546 -22.75 30.49 -31.49
C TRP A 1546 -22.13 29.87 -32.74
N LEU A 1547 -21.65 30.73 -33.65
CA LEU A 1547 -21.22 30.28 -34.97
C LEU A 1547 -19.77 29.80 -34.98
N SER A 1548 -18.84 30.69 -34.64
CA SER A 1548 -17.41 30.35 -34.73
C SER A 1548 -17.01 29.17 -33.86
N PRO A 1549 -17.41 29.09 -32.59
CA PRO A 1549 -17.05 27.88 -31.81
C PRO A 1549 -17.66 26.61 -32.36
N ALA A 1550 -18.84 26.69 -32.98
CA ALA A 1550 -19.44 25.49 -33.56
C ALA A 1550 -18.64 24.98 -34.75
N LEU A 1551 -18.20 25.89 -35.62
CA LEU A 1551 -17.40 25.48 -36.78
C LEU A 1551 -15.99 25.06 -36.36
N ALA A 1552 -15.46 25.67 -35.30
CA ALA A 1552 -14.16 25.23 -34.78
C ALA A 1552 -14.27 23.83 -34.20
N ALA A 1553 -15.40 23.50 -33.57
CA ALA A 1553 -15.62 22.15 -33.10
C ALA A 1553 -15.85 21.18 -34.24
N MET A 1554 -16.52 21.64 -35.30
CA MET A 1554 -16.68 20.81 -36.49
C MET A 1554 -15.35 20.54 -37.16
N GLU A 1555 -14.41 21.48 -37.07
CA GLU A 1555 -13.06 21.24 -37.58
C GLU A 1555 -12.25 20.38 -36.61
N LEU A 1556 -12.57 20.44 -35.32
CA LEU A 1556 -11.90 19.56 -34.36
C LEU A 1556 -12.22 18.10 -34.62
N ALA A 1557 -13.38 17.81 -35.22
CA ALA A 1557 -13.73 16.45 -35.55
C ALA A 1557 -12.83 15.91 -36.65
N GLN A 1558 -12.70 16.64 -37.76
CA GLN A 1558 -11.82 16.22 -38.84
C GLN A 1558 -10.35 16.30 -38.45
N MET A 1559 -10.00 17.14 -37.47
CA MET A 1559 -8.63 17.16 -36.98
C MET A 1559 -8.31 15.90 -36.21
N VAL A 1560 -9.24 15.43 -35.38
CA VAL A 1560 -9.02 14.21 -34.61
C VAL A 1560 -9.01 12.99 -35.53
N THR A 1561 -9.87 13.00 -36.55
CA THR A 1561 -9.97 11.85 -37.45
C THR A 1561 -8.67 11.61 -38.21
N GLN A 1562 -7.98 12.68 -38.57
CA GLN A 1562 -6.79 12.58 -39.42
C GLN A 1562 -5.52 13.05 -38.74
N ALA A 1563 -5.58 13.47 -37.49
CA ALA A 1563 -4.39 13.83 -36.70
C ALA A 1563 -3.60 14.95 -37.37
N MET A 1564 -4.25 16.11 -37.49
CA MET A 1564 -3.61 17.29 -38.07
C MET A 1564 -4.00 18.51 -37.24
N TRP A 1565 -3.82 19.69 -37.82
CA TRP A 1565 -4.23 20.96 -37.23
C TRP A 1565 -4.85 21.82 -38.32
N SER A 1566 -5.51 22.90 -37.89
CA SER A 1566 -6.02 23.86 -38.86
C SER A 1566 -4.90 24.66 -39.52
N LYS A 1567 -3.75 24.78 -38.86
CA LYS A 1567 -2.61 25.47 -39.44
C LYS A 1567 -1.79 24.57 -40.36
N ASP A 1568 -1.73 23.29 -40.05
CA ASP A 1568 -0.91 22.36 -40.82
C ASP A 1568 -1.40 22.26 -42.26
N SER A 1569 -0.54 21.68 -43.10
CA SER A 1569 -0.85 21.53 -44.52
C SER A 1569 -1.98 20.52 -44.72
N TYR A 1570 -2.80 20.78 -45.73
CA TYR A 1570 -3.92 19.89 -46.02
C TYR A 1570 -3.51 18.66 -46.81
N LEU A 1571 -2.27 18.59 -47.29
CA LEU A 1571 -1.77 17.42 -47.99
C LEU A 1571 -1.19 16.38 -47.04
N LYS A 1572 -1.28 16.60 -45.73
CA LYS A 1572 -0.82 15.62 -44.75
C LYS A 1572 -1.73 14.41 -44.67
N GLN A 1573 -2.89 14.44 -45.33
CA GLN A 1573 -3.79 13.29 -45.30
C GLN A 1573 -3.33 12.18 -46.24
N LEU A 1574 -2.61 12.53 -47.30
CA LEU A 1574 -2.24 11.54 -48.30
C LEU A 1574 -1.27 10.52 -47.69
N PRO A 1575 -1.47 9.23 -47.96
CA PRO A 1575 -0.58 8.22 -47.39
C PRO A 1575 0.82 8.30 -47.97
N HIS A 1576 1.80 7.91 -47.14
CA HIS A 1576 3.20 7.76 -47.49
C HIS A 1576 3.91 9.09 -47.78
N PHE A 1577 3.24 10.23 -47.64
CA PHE A 1577 3.93 11.51 -47.73
C PHE A 1577 4.85 11.66 -46.52
N THR A 1578 5.98 12.37 -46.69
CA THR A 1578 6.95 12.47 -45.58
C THR A 1578 6.40 13.26 -44.41
N SER A 1579 7.31 13.80 -43.60
CA SER A 1579 6.94 14.84 -42.63
C SER A 1579 6.94 16.20 -43.30
N GLU A 1580 8.10 16.67 -43.73
CA GLU A 1580 8.24 17.96 -44.41
C GLU A 1580 8.30 17.76 -45.93
N HIS A 1581 7.26 17.12 -46.45
CA HIS A 1581 7.08 16.96 -47.90
C HIS A 1581 6.58 18.22 -48.57
N ILE A 1582 5.93 19.11 -47.84
CA ILE A 1582 5.24 20.23 -48.42
C ILE A 1582 6.12 21.48 -48.43
N LYS A 1583 7.42 21.33 -48.18
CA LYS A 1583 8.42 22.33 -48.60
C LYS A 1583 8.93 21.93 -49.98
N ARG A 1584 7.96 21.96 -50.88
CA ARG A 1584 7.93 21.25 -52.15
C ARG A 1584 6.50 21.50 -52.62
N CYS A 1585 6.13 22.78 -52.62
CA CYS A 1585 4.77 23.24 -52.87
C CYS A 1585 4.84 24.72 -53.20
N THR A 1586 5.30 25.53 -52.24
CA THR A 1586 5.64 26.91 -52.56
C THR A 1586 6.81 26.97 -53.53
N ASP A 1587 7.56 25.88 -53.69
CA ASP A 1587 8.52 25.73 -54.76
C ASP A 1587 7.86 25.36 -56.08
N LYS A 1588 6.66 24.76 -56.04
CA LYS A 1588 6.01 24.28 -57.26
C LYS A 1588 4.52 24.57 -57.33
N GLY A 1589 4.00 25.48 -56.51
CA GLY A 1589 2.61 25.88 -56.59
C GLY A 1589 1.60 24.76 -56.38
N VAL A 1590 1.53 24.23 -55.16
CA VAL A 1590 0.57 23.17 -54.82
C VAL A 1590 0.09 23.42 -53.39
N GLU A 1591 -1.23 23.42 -53.20
CA GLU A 1591 -1.79 23.69 -51.88
C GLU A 1591 -2.90 22.72 -51.49
N SER A 1592 -3.80 22.39 -52.41
CA SER A 1592 -4.97 21.57 -52.11
C SER A 1592 -4.74 20.13 -52.56
N VAL A 1593 -5.61 19.24 -52.09
CA VAL A 1593 -5.51 17.83 -52.46
C VAL A 1593 -5.91 17.61 -53.90
N PHE A 1594 -6.82 18.44 -54.43
CA PHE A 1594 -7.26 18.32 -55.81
C PHE A 1594 -6.16 18.63 -56.81
N ASP A 1595 -5.05 19.24 -56.37
CA ASP A 1595 -3.98 19.58 -57.30
C ASP A 1595 -3.26 18.34 -57.81
N ILE A 1596 -3.00 17.37 -56.92
CA ILE A 1596 -2.28 16.16 -57.31
C ILE A 1596 -3.08 15.39 -58.36
N MET A 1597 -4.41 15.37 -58.22
CA MET A 1597 -5.24 14.70 -59.22
C MET A 1597 -5.27 15.43 -60.55
N GLU A 1598 -4.89 16.71 -60.56
CA GLU A 1598 -4.82 17.48 -61.79
C GLU A 1598 -3.39 17.61 -62.33
N MET A 1599 -2.39 17.24 -61.55
CA MET A 1599 -1.03 17.17 -62.06
C MET A 1599 -0.90 16.00 -63.03
N GLU A 1600 -0.20 16.24 -64.14
CA GLU A 1600 -0.15 15.26 -65.22
C GLU A 1600 0.46 13.95 -64.76
N ASP A 1601 -0.18 12.84 -65.17
CA ASP A 1601 0.32 11.52 -64.82
C ASP A 1601 1.71 11.26 -65.40
N GLU A 1602 2.02 11.90 -66.54
CA GLU A 1602 3.32 11.72 -67.17
C GLU A 1602 4.45 12.45 -66.44
N GLU A 1603 4.13 13.35 -65.51
CA GLU A 1603 5.15 14.03 -64.74
C GLU A 1603 4.93 13.96 -63.22
N ARG A 1604 3.75 13.57 -62.76
CA ARG A 1604 3.59 13.23 -61.35
C ARG A 1604 4.20 11.89 -61.01
N ASN A 1605 4.72 11.16 -62.01
CA ASN A 1605 5.53 9.98 -61.73
C ASN A 1605 6.81 10.35 -61.00
N ALA A 1606 7.39 11.50 -61.35
CA ALA A 1606 8.57 12.00 -60.67
C ALA A 1606 8.17 12.74 -59.40
N LEU A 1607 9.06 13.58 -58.89
CA LEU A 1607 8.69 14.52 -57.85
C LEU A 1607 8.40 13.86 -56.51
N LEU A 1608 7.32 13.08 -56.46
CA LEU A 1608 6.87 12.48 -55.21
C LEU A 1608 7.86 11.44 -54.68
N GLN A 1609 8.67 10.85 -55.55
CA GLN A 1609 9.78 9.99 -55.15
C GLN A 1609 9.31 8.80 -54.32
N LEU A 1610 8.34 8.06 -54.86
CA LEU A 1610 7.73 6.96 -54.13
C LEU A 1610 7.88 5.65 -54.91
N THR A 1611 7.14 4.63 -54.45
CA THR A 1611 7.48 3.23 -54.66
C THR A 1611 6.43 2.50 -55.50
N ASP A 1612 5.71 3.21 -56.38
CA ASP A 1612 4.58 2.62 -57.10
C ASP A 1612 3.57 2.06 -56.10
N SER A 1613 4.01 1.11 -55.27
CA SER A 1613 3.28 0.74 -54.07
C SER A 1613 2.71 1.96 -53.35
N GLN A 1614 3.51 3.01 -53.20
CA GLN A 1614 3.08 4.18 -52.43
C GLN A 1614 2.32 5.19 -53.27
N ILE A 1615 2.42 5.12 -54.60
CA ILE A 1615 1.54 5.90 -55.47
C ILE A 1615 0.36 5.08 -55.97
N ALA A 1616 0.27 3.81 -55.60
CA ALA A 1616 -0.98 3.07 -55.76
C ALA A 1616 -1.94 3.33 -54.61
N ASP A 1617 -1.41 3.71 -53.44
CA ASP A 1617 -2.24 4.14 -52.32
C ASP A 1617 -2.51 5.63 -52.32
N VAL A 1618 -1.69 6.42 -53.04
CA VAL A 1618 -1.98 7.84 -53.17
C VAL A 1618 -3.24 8.04 -54.01
N ALA A 1619 -3.54 7.11 -54.92
CA ALA A 1619 -4.76 7.20 -55.70
C ALA A 1619 -5.97 6.77 -54.87
N ARG A 1620 -5.88 5.61 -54.22
CA ARG A 1620 -6.98 5.08 -53.42
C ARG A 1620 -7.51 6.12 -52.45
N PHE A 1621 -6.64 7.01 -51.95
CA PHE A 1621 -7.12 8.12 -51.13
C PHE A 1621 -7.72 9.22 -51.98
N CYS A 1622 -7.09 9.54 -53.11
CA CYS A 1622 -7.59 10.63 -53.96
C CYS A 1622 -8.94 10.28 -54.57
N ASN A 1623 -9.13 9.01 -54.95
CA ASN A 1623 -10.42 8.58 -55.48
C ASN A 1623 -11.52 8.78 -54.46
N ARG A 1624 -11.29 8.35 -53.23
CA ARG A 1624 -12.27 8.39 -52.16
C ARG A 1624 -12.25 9.70 -51.38
N TYR A 1625 -11.37 10.63 -51.75
CA TYR A 1625 -11.37 11.95 -51.14
C TYR A 1625 -12.63 12.69 -51.55
N PRO A 1626 -13.47 13.12 -50.60
CA PRO A 1626 -14.80 13.65 -50.96
C PRO A 1626 -14.72 15.08 -51.50
N ASN A 1627 -15.08 15.24 -52.77
CA ASN A 1627 -15.41 16.54 -53.34
C ASN A 1627 -16.83 16.45 -53.88
N ILE A 1628 -17.69 17.37 -53.44
CA ILE A 1628 -19.12 17.31 -53.73
C ILE A 1628 -19.56 18.63 -54.33
N GLU A 1629 -20.40 18.55 -55.37
CA GLU A 1629 -20.94 19.73 -56.04
C GLU A 1629 -22.19 20.19 -55.31
N LEU A 1630 -22.14 21.38 -54.72
CA LEU A 1630 -23.25 21.91 -53.94
C LEU A 1630 -24.15 22.77 -54.82
N SER A 1631 -25.46 22.56 -54.69
CA SER A 1631 -26.46 23.40 -55.33
C SER A 1631 -27.36 23.96 -54.25
N TYR A 1632 -27.54 25.28 -54.23
CA TYR A 1632 -28.34 25.92 -53.21
C TYR A 1632 -29.24 26.99 -53.83
N GLU A 1633 -30.45 27.09 -53.32
CA GLU A 1633 -31.43 28.08 -53.78
C GLU A 1633 -32.28 28.51 -52.61
N VAL A 1634 -32.72 29.77 -52.65
CA VAL A 1634 -33.58 30.35 -51.62
C VAL A 1634 -35.00 30.35 -52.17
N VAL A 1635 -35.90 29.64 -51.49
CA VAL A 1635 -37.27 29.52 -51.97
C VAL A 1635 -37.99 30.85 -51.77
N ASP A 1636 -38.71 31.28 -52.80
CA ASP A 1636 -39.48 32.53 -52.80
C ASP A 1636 -38.65 33.69 -52.25
N LYS A 1637 -37.71 34.14 -53.10
CA LYS A 1637 -36.81 35.22 -52.69
C LYS A 1637 -37.57 36.52 -52.44
N ASP A 1638 -38.70 36.71 -53.10
CA ASP A 1638 -39.47 37.94 -52.96
C ASP A 1638 -40.48 37.87 -51.82
N SER A 1639 -41.14 36.72 -51.64
CA SER A 1639 -42.21 36.57 -50.66
C SER A 1639 -41.64 36.22 -49.27
N ILE A 1640 -40.75 37.09 -48.80
CA ILE A 1640 -40.08 36.92 -47.52
C ILE A 1640 -40.50 38.07 -46.62
N ARG A 1641 -41.41 37.80 -45.69
CA ARG A 1641 -41.85 38.78 -44.71
C ARG A 1641 -41.08 38.60 -43.42
N SER A 1642 -40.70 39.72 -42.81
CA SER A 1642 -40.00 39.70 -41.53
C SER A 1642 -40.87 39.07 -40.44
N GLY A 1643 -40.49 37.87 -39.99
CA GLY A 1643 -41.30 37.10 -39.08
C GLY A 1643 -41.98 35.91 -39.72
N GLY A 1644 -41.73 35.66 -41.00
CA GLY A 1644 -42.32 34.53 -41.69
C GLY A 1644 -41.28 33.47 -42.02
N PRO A 1645 -41.74 32.35 -42.57
CA PRO A 1645 -40.82 31.24 -42.83
C PRO A 1645 -39.93 31.52 -44.04
N VAL A 1646 -38.66 31.14 -43.92
CA VAL A 1646 -37.71 31.21 -45.02
C VAL A 1646 -36.90 29.92 -45.03
N VAL A 1647 -36.86 29.25 -46.17
CA VAL A 1647 -36.26 27.93 -46.30
C VAL A 1647 -35.20 27.97 -47.38
N VAL A 1648 -34.05 27.37 -47.11
CA VAL A 1648 -32.96 27.25 -48.07
C VAL A 1648 -32.82 25.77 -48.45
N LEU A 1649 -32.90 25.50 -49.75
CA LEU A 1649 -32.79 24.13 -50.26
C LEU A 1649 -31.37 23.90 -50.76
N VAL A 1650 -30.72 22.87 -50.24
CA VAL A 1650 -29.34 22.53 -50.59
C VAL A 1650 -29.32 21.10 -51.10
N GLN A 1651 -28.95 20.91 -52.35
CA GLN A 1651 -28.84 19.59 -52.96
C GLN A 1651 -27.36 19.24 -53.14
N LEU A 1652 -27.01 17.99 -52.82
CA LEU A 1652 -25.63 17.52 -52.91
C LEU A 1652 -25.58 16.29 -53.82
N GLU A 1653 -24.67 16.32 -54.78
CA GLU A 1653 -24.37 15.19 -55.65
C GLU A 1653 -22.89 14.88 -55.51
N ARG A 1654 -22.57 13.67 -55.03
CA ARG A 1654 -21.23 13.37 -54.53
C ARG A 1654 -20.14 13.42 -55.60
N GLU A 1655 -20.44 13.76 -56.86
CA GLU A 1655 -19.43 13.98 -57.90
C GLU A 1655 -18.65 12.71 -58.22
N GLU A 1656 -19.08 11.55 -57.72
CA GLU A 1656 -18.12 10.48 -57.53
C GLU A 1656 -18.85 9.13 -57.51
N GLU A 1657 -18.26 8.13 -56.85
CA GLU A 1657 -18.73 6.75 -56.75
C GLU A 1657 -17.79 5.99 -55.81
N VAL A 1658 -17.99 6.14 -54.49
CA VAL A 1658 -16.99 5.72 -53.50
C VAL A 1658 -17.36 4.38 -52.88
N THR A 1659 -16.32 3.62 -52.57
CA THR A 1659 -16.42 2.34 -51.87
C THR A 1659 -15.87 2.49 -50.45
N GLY A 1660 -16.38 1.65 -49.55
CA GLY A 1660 -15.85 1.55 -48.21
C GLY A 1660 -16.03 2.82 -47.38
N PRO A 1661 -15.36 2.86 -46.22
CA PRO A 1661 -15.51 4.01 -45.32
C PRO A 1661 -14.49 5.10 -45.57
N VAL A 1662 -14.19 5.87 -44.52
CA VAL A 1662 -13.23 6.97 -44.61
C VAL A 1662 -11.82 6.43 -44.40
N ILE A 1663 -10.88 6.94 -45.18
CA ILE A 1663 -9.48 6.52 -45.10
C ILE A 1663 -8.78 7.40 -44.07
N ALA A 1664 -8.52 6.84 -42.88
CA ALA A 1664 -7.78 7.54 -41.84
C ALA A 1664 -7.00 6.51 -41.05
N PRO A 1665 -5.78 6.17 -41.50
CA PRO A 1665 -5.05 5.06 -40.86
C PRO A 1665 -4.69 5.31 -39.42
N LEU A 1666 -4.45 6.56 -39.03
CA LEU A 1666 -4.06 6.90 -37.66
C LEU A 1666 -5.26 7.12 -36.75
N PHE A 1667 -6.40 6.52 -37.07
CA PHE A 1667 -7.58 6.53 -36.21
C PHE A 1667 -8.07 5.10 -36.05
N PRO A 1668 -8.38 4.65 -34.84
CA PRO A 1668 -8.75 3.25 -34.62
C PRO A 1668 -10.03 2.84 -35.33
N GLN A 1669 -11.14 3.48 -34.98
CA GLN A 1669 -12.43 3.10 -35.54
C GLN A 1669 -12.55 3.61 -36.98
N LYS A 1670 -13.07 2.76 -37.86
CA LYS A 1670 -13.37 3.17 -39.22
C LYS A 1670 -14.69 3.94 -39.22
N ARG A 1671 -14.66 5.18 -39.66
CA ARG A 1671 -15.81 6.08 -39.58
C ARG A 1671 -16.44 6.28 -40.94
N GLU A 1672 -17.63 6.85 -40.93
CA GLU A 1672 -18.35 7.24 -42.13
C GLU A 1672 -18.33 8.75 -42.30
N GLU A 1673 -18.65 9.20 -43.51
CA GLU A 1673 -18.59 10.62 -43.83
C GLU A 1673 -19.81 11.33 -43.25
N GLY A 1674 -19.58 12.15 -42.23
CA GLY A 1674 -20.62 13.00 -41.68
C GLY A 1674 -20.46 14.42 -42.18
N TRP A 1675 -21.58 15.10 -42.36
CA TRP A 1675 -21.58 16.44 -42.95
C TRP A 1675 -22.57 17.33 -42.21
N TRP A 1676 -22.22 18.61 -42.14
CA TRP A 1676 -23.08 19.65 -41.59
C TRP A 1676 -23.38 20.69 -42.66
N VAL A 1677 -24.57 21.26 -42.60
CA VAL A 1677 -24.96 22.38 -43.43
C VAL A 1677 -25.38 23.51 -42.50
N VAL A 1678 -24.63 24.61 -42.52
CA VAL A 1678 -24.76 25.67 -41.54
C VAL A 1678 -25.11 26.99 -42.22
N ILE A 1679 -26.06 27.71 -41.64
CA ILE A 1679 -26.42 29.06 -42.07
C ILE A 1679 -26.15 30.01 -40.91
N GLY A 1680 -25.56 31.16 -41.22
CA GLY A 1680 -25.28 32.14 -40.19
C GLY A 1680 -24.66 33.39 -40.79
N ASP A 1681 -24.61 34.43 -39.96
CA ASP A 1681 -23.97 35.69 -40.31
C ASP A 1681 -22.62 35.74 -39.59
N ALA A 1682 -21.53 35.69 -40.37
CA ALA A 1682 -20.21 35.58 -39.79
C ALA A 1682 -19.83 36.82 -39.00
N LYS A 1683 -20.19 38.01 -39.49
CA LYS A 1683 -19.84 39.24 -38.80
C LYS A 1683 -20.59 39.41 -37.49
N SER A 1684 -21.68 38.67 -37.29
CA SER A 1684 -22.43 38.70 -36.05
C SER A 1684 -22.11 37.55 -35.11
N ASN A 1685 -21.46 36.50 -35.61
CA ASN A 1685 -21.18 35.28 -34.84
C ASN A 1685 -22.46 34.72 -34.24
N SER A 1686 -23.33 34.27 -35.15
CA SER A 1686 -24.64 33.76 -34.76
C SER A 1686 -25.05 32.68 -35.76
N LEU A 1687 -25.06 31.43 -35.33
CA LEU A 1687 -25.56 30.36 -36.18
C LEU A 1687 -27.07 30.45 -36.31
N ILE A 1688 -27.55 30.28 -37.54
CA ILE A 1688 -28.97 30.38 -37.85
C ILE A 1688 -29.59 29.00 -38.04
N SER A 1689 -29.02 28.19 -38.94
CA SER A 1689 -29.53 26.86 -39.23
C SER A 1689 -28.38 25.85 -39.22
N ILE A 1690 -28.72 24.61 -38.88
CA ILE A 1690 -27.74 23.53 -38.85
C ILE A 1690 -28.51 22.22 -38.95
N LYS A 1691 -27.91 21.24 -39.63
CA LYS A 1691 -28.57 19.96 -39.83
C LYS A 1691 -27.54 18.89 -40.13
N ARG A 1692 -27.57 17.79 -39.38
CA ARG A 1692 -26.77 16.62 -39.71
C ARG A 1692 -27.32 15.95 -40.96
N LEU A 1693 -26.46 15.19 -41.64
CA LEU A 1693 -26.88 14.42 -42.80
C LEU A 1693 -25.75 13.47 -43.20
N THR A 1694 -26.14 12.36 -43.81
CA THR A 1694 -25.22 11.40 -44.40
C THR A 1694 -25.47 11.39 -45.91
N LEU A 1695 -24.43 11.65 -46.69
CA LEU A 1695 -24.55 11.74 -48.14
C LEU A 1695 -24.03 10.44 -48.76
N GLN A 1696 -24.93 9.70 -49.40
CA GLN A 1696 -24.55 8.56 -50.22
C GLN A 1696 -24.08 9.07 -51.57
N GLN A 1697 -25.02 9.33 -52.47
CA GLN A 1697 -24.76 10.10 -53.69
C GLN A 1697 -25.85 11.11 -54.03
N LYS A 1698 -27.10 10.93 -53.59
CA LYS A 1698 -28.17 11.89 -53.80
C LYS A 1698 -28.83 12.17 -52.46
N ALA A 1699 -28.81 13.43 -52.05
CA ALA A 1699 -29.40 13.88 -50.80
C ALA A 1699 -29.66 15.37 -50.92
N LYS A 1700 -30.82 15.80 -50.43
CA LYS A 1700 -31.18 17.20 -50.44
C LYS A 1700 -31.58 17.62 -49.03
N VAL A 1701 -31.20 18.83 -48.65
CA VAL A 1701 -31.43 19.33 -47.30
C VAL A 1701 -32.26 20.61 -47.38
N LYS A 1702 -33.07 20.83 -46.35
CA LYS A 1702 -33.79 22.08 -46.17
C LYS A 1702 -33.40 22.70 -44.83
N LEU A 1703 -33.22 24.01 -44.82
CA LEU A 1703 -32.85 24.75 -43.62
C LEU A 1703 -33.86 25.87 -43.43
N ASP A 1704 -34.74 25.72 -42.44
CA ASP A 1704 -35.82 26.65 -42.18
C ASP A 1704 -35.50 27.48 -40.94
N PHE A 1705 -35.68 28.79 -41.05
CA PHE A 1705 -35.58 29.69 -39.91
C PHE A 1705 -36.58 30.83 -40.13
N VAL A 1706 -36.54 31.83 -39.26
CA VAL A 1706 -37.42 32.97 -39.36
C VAL A 1706 -36.57 34.23 -39.50
N ALA A 1707 -37.09 35.19 -40.26
CA ALA A 1707 -36.29 36.35 -40.64
C ALA A 1707 -36.35 37.43 -39.55
N PRO A 1708 -35.23 38.13 -39.32
CA PRO A 1708 -35.25 39.25 -38.36
C PRO A 1708 -35.87 40.50 -38.95
N ALA A 1709 -35.25 41.66 -38.71
CA ALA A 1709 -35.75 42.92 -39.25
C ALA A 1709 -35.52 42.97 -40.76
N THR A 1710 -35.98 44.05 -41.38
CA THR A 1710 -35.86 44.18 -42.82
C THR A 1710 -34.55 44.89 -43.18
N GLY A 1711 -34.17 44.77 -44.45
CA GLY A 1711 -32.91 45.28 -44.93
C GLY A 1711 -32.25 44.34 -45.93
N ALA A 1712 -30.97 44.03 -45.71
CA ALA A 1712 -30.20 43.18 -46.62
C ALA A 1712 -29.92 41.81 -46.03
N HIS A 1713 -29.23 41.74 -44.88
CA HIS A 1713 -28.95 40.50 -44.18
C HIS A 1713 -28.22 39.48 -45.06
N ASN A 1714 -26.90 39.59 -45.15
CA ASN A 1714 -26.09 38.66 -45.91
C ASN A 1714 -25.68 37.49 -45.00
N TYR A 1715 -26.00 36.28 -45.43
CA TYR A 1715 -25.75 35.08 -44.64
C TYR A 1715 -24.62 34.25 -45.27
N THR A 1716 -24.15 33.27 -44.50
CA THR A 1716 -23.13 32.34 -44.95
C THR A 1716 -23.72 30.94 -45.02
N LEU A 1717 -23.29 30.16 -46.01
CA LEU A 1717 -23.70 28.77 -46.18
C LEU A 1717 -22.47 27.89 -46.02
N TYR A 1718 -22.29 27.34 -44.82
CA TYR A 1718 -21.18 26.43 -44.55
C TYR A 1718 -21.54 25.01 -44.95
N PHE A 1719 -20.53 24.24 -45.34
CA PHE A 1719 -20.68 22.82 -45.67
C PHE A 1719 -19.46 22.10 -45.09
N MET A 1720 -19.56 21.69 -43.84
CA MET A 1720 -18.43 21.17 -43.09
C MET A 1720 -18.42 19.64 -43.09
N SER A 1721 -17.22 19.08 -43.02
CA SER A 1721 -17.01 17.65 -42.88
C SER A 1721 -16.52 17.33 -41.47
N ASP A 1722 -16.62 16.06 -41.10
CA ASP A 1722 -16.18 15.59 -39.79
C ASP A 1722 -15.01 14.62 -39.87
N ALA A 1723 -14.55 14.27 -41.07
CA ALA A 1723 -13.47 13.30 -41.22
C ALA A 1723 -12.46 13.70 -42.30
N TYR A 1724 -12.56 14.89 -42.87
CA TYR A 1724 -11.64 15.32 -43.92
C TYR A 1724 -11.42 16.82 -43.82
N MET A 1725 -10.16 17.23 -43.88
CA MET A 1725 -9.79 18.64 -43.88
C MET A 1725 -9.54 19.11 -45.31
N GLY A 1726 -10.01 20.31 -45.62
CA GLY A 1726 -9.85 20.88 -46.93
C GLY A 1726 -11.01 20.68 -47.88
N CYS A 1727 -12.20 20.34 -47.38
CA CYS A 1727 -13.38 20.17 -48.21
C CYS A 1727 -14.52 21.10 -47.81
N ASP A 1728 -14.34 21.94 -46.81
CA ASP A 1728 -15.40 22.81 -46.32
C ASP A 1728 -15.61 23.95 -47.30
N GLN A 1729 -16.71 23.89 -48.06
CA GLN A 1729 -17.06 24.96 -48.98
C GLN A 1729 -17.64 26.15 -48.22
N GLU A 1730 -17.85 27.24 -48.95
CA GLU A 1730 -18.40 28.46 -48.34
C GLU A 1730 -19.09 29.27 -49.44
N TYR A 1731 -20.41 29.38 -49.35
CA TYR A 1731 -21.20 30.14 -50.30
C TYR A 1731 -21.88 31.29 -49.58
N LYS A 1732 -21.70 32.51 -50.08
CA LYS A 1732 -22.35 33.69 -49.54
C LYS A 1732 -23.52 34.09 -50.41
N PHE A 1733 -24.54 34.67 -49.78
CA PHE A 1733 -25.73 35.08 -50.51
C PHE A 1733 -26.42 36.20 -49.73
N SER A 1734 -27.42 36.81 -50.37
CA SER A 1734 -28.20 37.87 -49.77
C SER A 1734 -29.68 37.55 -49.90
N VAL A 1735 -30.46 38.02 -48.94
CA VAL A 1735 -31.89 37.74 -48.85
C VAL A 1735 -32.61 39.06 -48.62
N ASP A 1736 -33.22 39.60 -49.67
CA ASP A 1736 -33.98 40.84 -49.53
C ASP A 1736 -35.26 40.56 -48.76
N VAL A 1737 -35.41 41.19 -47.61
CA VAL A 1737 -36.49 40.93 -46.68
C VAL A 1737 -37.44 42.11 -46.68
N LYS A 1738 -38.71 41.83 -46.37
CA LYS A 1738 -39.74 42.86 -46.37
C LYS A 1738 -40.58 42.80 -45.10
N PRO B 2 19.55 -9.23 69.15
CA PRO B 2 20.23 -7.99 69.53
C PRO B 2 20.69 -7.15 68.33
N LEU B 3 20.17 -5.93 68.26
CA LEU B 3 20.63 -4.93 67.31
C LEU B 3 22.07 -4.50 67.56
N GLY B 4 22.74 -5.06 68.57
CA GLY B 4 24.13 -4.75 68.81
C GLY B 4 25.00 -4.90 67.57
N SER B 5 24.70 -5.91 66.74
CA SER B 5 25.24 -5.90 65.38
C SER B 5 24.54 -4.78 64.62
N MET B 6 23.34 -5.05 64.08
CA MET B 6 22.39 -4.06 63.56
C MET B 6 21.19 -4.64 62.82
N THR B 7 20.47 -3.76 62.16
CA THR B 7 19.20 -4.06 61.51
C THR B 7 19.32 -4.16 59.99
N GLN B 8 18.18 -4.16 59.29
CA GLN B 8 18.12 -4.05 57.83
C GLN B 8 17.16 -2.93 57.45
N THR B 9 16.93 -2.77 56.15
CA THR B 9 15.95 -1.84 55.62
C THR B 9 14.75 -2.61 55.07
N PHE B 10 13.70 -1.87 54.72
CA PHE B 10 12.41 -2.47 54.36
C PHE B 10 12.13 -2.29 52.87
N SER B 11 11.49 -3.31 52.29
CA SER B 11 11.02 -3.27 50.91
C SER B 11 9.54 -3.61 50.90
N SER B 12 8.76 -2.83 50.16
CA SER B 12 7.31 -2.99 50.11
C SER B 12 6.90 -3.92 48.98
N LYS B 13 5.93 -4.78 49.25
CA LYS B 13 5.40 -5.72 48.26
C LYS B 13 3.88 -5.70 48.34
N THR B 14 3.24 -5.09 47.35
CA THR B 14 1.79 -5.08 47.30
C THR B 14 1.27 -6.48 46.99
N GLU B 15 0.04 -6.76 47.43
CA GLU B 15 -0.50 -8.12 47.32
C GLU B 15 -1.10 -8.38 45.94
N TRP B 16 -1.54 -7.34 45.22
CA TRP B 16 -2.13 -7.57 43.91
C TRP B 16 -1.11 -8.04 42.89
N ARG B 17 0.19 -7.76 43.12
CA ARG B 17 1.21 -8.18 42.17
C ARG B 17 1.27 -9.70 42.05
N VAL B 18 1.19 -10.40 43.19
CA VAL B 18 1.14 -11.87 43.15
C VAL B 18 -0.18 -12.33 42.55
N ARG B 19 -1.26 -11.62 42.84
CA ARG B 19 -2.56 -11.99 42.27
C ARG B 19 -2.68 -11.59 40.81
N ALA B 20 -1.93 -10.56 40.38
CA ALA B 20 -1.91 -10.20 38.96
C ALA B 20 -1.24 -11.30 38.13
N ILE B 21 -0.11 -11.81 38.62
CA ILE B 21 0.52 -12.96 37.96
C ILE B 21 -0.39 -14.18 38.03
N SER B 22 -1.17 -14.30 39.11
CA SER B 22 -2.12 -15.39 39.22
C SER B 22 -3.24 -15.26 38.20
N ALA B 23 -3.74 -14.04 38.00
CA ALA B 23 -4.84 -13.81 37.07
C ALA B 23 -4.40 -13.96 35.62
N ALA B 24 -3.10 -13.89 35.34
CA ALA B 24 -2.63 -14.01 33.96
C ALA B 24 -2.75 -15.43 33.44
N ASN B 25 -2.96 -16.42 34.31
CA ASN B 25 -3.03 -17.82 33.92
C ASN B 25 -4.41 -18.42 34.16
N LEU B 26 -5.45 -17.58 34.26
CA LEU B 26 -6.80 -18.10 34.43
C LEU B 26 -7.33 -18.79 33.17
N HIS B 27 -6.73 -18.52 32.01
CA HIS B 27 -7.18 -19.15 30.78
C HIS B 27 -6.99 -20.65 30.79
N LEU B 28 -6.03 -21.15 31.58
CA LEU B 28 -5.82 -22.58 31.69
C LEU B 28 -6.99 -23.29 32.37
N ARG B 29 -7.79 -22.57 33.16
CA ARG B 29 -8.94 -23.16 33.82
C ARG B 29 -10.16 -23.25 32.91
N THR B 30 -10.19 -22.49 31.82
CA THR B 30 -11.35 -22.47 30.93
C THR B 30 -11.50 -23.76 30.14
N ASN B 31 -10.50 -24.64 30.15
CA ASN B 31 -10.58 -25.91 29.44
C ASN B 31 -11.01 -27.07 30.35
N HIS B 32 -11.09 -26.85 31.66
CA HIS B 32 -11.50 -27.87 32.62
C HIS B 32 -12.61 -27.30 33.50
N ILE B 33 -13.78 -27.11 32.91
CA ILE B 33 -14.94 -26.56 33.59
C ILE B 33 -15.94 -27.68 33.78
N TYR B 34 -16.22 -28.01 35.04
CA TYR B 34 -17.14 -29.08 35.39
C TYR B 34 -18.40 -28.50 36.02
N VAL B 35 -19.50 -29.24 35.87
CA VAL B 35 -20.78 -28.87 36.47
C VAL B 35 -21.18 -29.97 37.44
N SER B 36 -21.97 -29.59 38.45
CA SER B 36 -22.39 -30.51 39.49
C SER B 36 -23.64 -31.27 39.07
N SER B 37 -23.63 -32.59 39.32
CA SER B 37 -24.79 -33.44 39.07
C SER B 37 -25.26 -34.09 40.37
N ASP B 38 -24.48 -34.99 40.94
CA ASP B 38 -24.68 -35.53 42.31
C ASP B 38 -26.06 -36.18 42.38
N ASP B 39 -26.77 -36.03 43.49
CA ASP B 39 -28.09 -36.62 43.68
C ASP B 39 -29.06 -35.60 44.26
N ILE B 40 -29.01 -34.38 43.72
CA ILE B 40 -29.65 -33.20 44.30
C ILE B 40 -31.07 -33.03 43.81
N LYS B 41 -31.71 -34.15 43.44
CA LYS B 41 -33.02 -34.11 42.80
C LYS B 41 -32.99 -33.14 41.62
N GLU B 42 -33.97 -32.26 41.57
CA GLU B 42 -33.94 -31.02 40.78
C GLU B 42 -35.06 -30.15 41.33
N THR B 43 -35.39 -29.07 40.62
CA THR B 43 -36.53 -28.23 41.00
C THR B 43 -37.40 -27.79 39.85
N GLY B 44 -36.89 -27.71 38.63
CA GLY B 44 -37.66 -27.18 37.51
C GLY B 44 -36.86 -26.06 36.87
N TYR B 45 -37.16 -25.79 35.60
CA TYR B 45 -36.44 -24.81 34.79
C TYR B 45 -34.98 -25.17 34.62
N THR B 46 -34.62 -25.67 33.44
CA THR B 46 -33.23 -26.00 33.14
C THR B 46 -32.52 -24.76 32.60
N TYR B 47 -31.37 -24.45 33.16
CA TYR B 47 -30.61 -23.25 32.81
C TYR B 47 -29.38 -23.66 32.00
N ILE B 48 -29.35 -23.26 30.74
CA ILE B 48 -28.25 -23.55 29.83
C ILE B 48 -27.35 -22.33 29.77
N LEU B 49 -26.06 -22.54 30.04
CA LEU B 49 -25.08 -21.45 30.02
C LEU B 49 -24.13 -21.62 28.85
N PRO B 50 -24.04 -20.65 27.96
CA PRO B 50 -23.09 -20.77 26.84
C PRO B 50 -21.64 -20.68 27.33
N LYS B 51 -20.77 -21.46 26.69
CA LYS B 51 -19.40 -21.58 27.18
C LYS B 51 -18.58 -20.33 26.89
N ASN B 52 -18.91 -19.58 25.84
CA ASN B 52 -18.07 -18.45 25.45
C ASN B 52 -18.09 -17.35 26.50
N VAL B 53 -19.28 -16.98 27.00
CA VAL B 53 -19.36 -15.96 28.03
C VAL B 53 -18.90 -16.49 29.38
N LEU B 54 -18.92 -17.81 29.57
CA LEU B 54 -18.43 -18.39 30.81
C LEU B 54 -16.91 -18.32 30.87
N LYS B 55 -16.23 -18.74 29.80
CA LYS B 55 -14.78 -18.67 29.77
C LYS B 55 -14.30 -17.22 29.83
N LYS B 56 -15.02 -16.31 29.19
CA LYS B 56 -14.67 -14.89 29.27
C LYS B 56 -14.88 -14.36 30.68
N PHE B 57 -15.91 -14.85 31.37
CA PHE B 57 -16.17 -14.41 32.73
C PHE B 57 -15.10 -14.92 33.70
N ILE B 58 -14.45 -16.04 33.37
CA ILE B 58 -13.42 -16.57 34.25
C ILE B 58 -12.09 -15.84 34.06
N CYS B 59 -11.73 -15.54 32.82
CA CYS B 59 -10.45 -14.90 32.54
C CYS B 59 -10.39 -13.46 33.07
N ILE B 60 -11.55 -12.81 33.24
CA ILE B 60 -11.59 -11.44 33.72
C ILE B 60 -11.79 -11.43 35.23
N SER B 61 -11.75 -12.61 35.84
CA SER B 61 -12.02 -12.75 37.26
C SER B 61 -10.75 -12.54 38.08
N ASP B 62 -10.85 -12.80 39.38
CA ASP B 62 -9.70 -12.80 40.28
C ASP B 62 -9.83 -13.97 41.24
N LEU B 63 -8.70 -14.59 41.56
CA LEU B 63 -8.70 -15.83 42.34
C LEU B 63 -9.13 -15.63 43.78
N ARG B 64 -9.27 -14.39 44.26
CA ARG B 64 -9.67 -14.17 45.64
C ARG B 64 -10.79 -13.14 45.73
N ALA B 65 -10.68 -12.04 45.00
CA ALA B 65 -11.72 -11.02 44.97
C ALA B 65 -12.86 -11.49 44.07
N GLN B 66 -14.07 -11.53 44.61
CA GLN B 66 -15.21 -12.00 43.86
C GLN B 66 -15.71 -10.94 42.88
N ILE B 67 -16.14 -11.39 41.70
CA ILE B 67 -16.81 -10.53 40.73
C ILE B 67 -18.15 -11.17 40.39
N ALA B 68 -19.08 -10.33 39.95
CA ALA B 68 -20.45 -10.77 39.69
C ALA B 68 -20.94 -10.25 38.36
N GLY B 69 -21.91 -10.96 37.78
CA GLY B 69 -22.53 -10.56 36.53
C GLY B 69 -23.98 -10.95 36.46
N TYR B 70 -24.85 -10.03 36.03
CA TYR B 70 -26.27 -10.31 35.96
C TYR B 70 -26.59 -11.23 34.80
N LEU B 71 -27.62 -12.06 34.98
CA LEU B 71 -28.02 -13.04 33.99
C LEU B 71 -29.29 -12.55 33.27
N TYR B 72 -29.29 -12.65 31.95
CA TYR B 72 -30.45 -12.32 31.12
C TYR B 72 -30.58 -13.36 30.03
N GLY B 73 -31.77 -13.90 29.85
CA GLY B 73 -31.90 -14.99 28.89
C GLY B 73 -33.33 -15.22 28.45
N VAL B 74 -33.45 -16.18 27.53
CA VAL B 74 -34.70 -16.52 26.86
C VAL B 74 -34.89 -18.03 26.97
N SER B 75 -36.04 -18.50 26.53
CA SER B 75 -36.24 -19.92 26.33
C SER B 75 -36.66 -20.19 24.89
N PRO B 76 -36.40 -21.39 24.37
CA PRO B 76 -36.78 -21.73 22.98
C PRO B 76 -38.25 -21.48 22.72
N PRO B 77 -38.67 -21.39 21.44
CA PRO B 77 -40.03 -20.98 21.11
C PRO B 77 -41.14 -21.63 21.92
N ASP B 78 -41.44 -22.90 21.63
CA ASP B 78 -42.54 -23.60 22.29
C ASP B 78 -42.04 -24.64 23.29
N ASN B 79 -40.86 -24.41 23.87
CA ASN B 79 -40.30 -25.28 24.90
C ASN B 79 -39.95 -24.42 26.12
N PRO B 80 -40.93 -24.11 26.96
CA PRO B 80 -40.69 -23.19 28.08
C PRO B 80 -40.04 -23.84 29.30
N GLN B 81 -39.74 -25.13 29.27
CA GLN B 81 -39.22 -25.80 30.46
C GLN B 81 -37.74 -25.51 30.71
N VAL B 82 -36.98 -25.16 29.68
CA VAL B 82 -35.58 -24.82 29.84
C VAL B 82 -35.42 -23.31 29.79
N LYS B 83 -34.23 -22.82 30.14
CA LYS B 83 -33.94 -21.39 30.17
C LYS B 83 -32.53 -21.18 29.65
N GLU B 84 -32.41 -20.57 28.47
CA GLU B 84 -31.13 -20.33 27.83
C GLU B 84 -30.60 -18.97 28.24
N ILE B 85 -29.49 -18.95 28.98
CA ILE B 85 -28.80 -17.71 29.27
C ILE B 85 -28.18 -17.17 27.99
N ARG B 86 -28.47 -15.90 27.67
CA ARG B 86 -28.02 -15.33 26.42
C ARG B 86 -27.11 -14.12 26.57
N CYS B 87 -26.96 -13.57 27.78
CA CYS B 87 -26.06 -12.43 27.98
C CYS B 87 -25.76 -12.25 29.45
N ILE B 88 -24.52 -11.89 29.75
CA ILE B 88 -24.08 -11.53 31.10
C ILE B 88 -23.75 -10.04 31.09
N VAL B 89 -24.30 -9.29 32.03
CA VAL B 89 -24.12 -7.85 32.12
C VAL B 89 -23.17 -7.56 33.27
N MET B 90 -22.04 -6.92 32.95
CA MET B 90 -21.08 -6.50 33.96
C MET B 90 -21.36 -5.04 34.33
N VAL B 91 -21.53 -4.78 35.61
CA VAL B 91 -21.86 -3.44 36.11
C VAL B 91 -20.78 -3.05 37.11
N PRO B 92 -20.64 -1.75 37.39
CA PRO B 92 -19.63 -1.32 38.37
C PRO B 92 -19.77 -2.05 39.69
N GLN B 93 -18.64 -2.56 40.19
CA GLN B 93 -18.67 -3.44 41.34
C GLN B 93 -17.29 -3.53 41.96
N TRP B 94 -17.26 -3.88 43.25
CA TRP B 94 -16.04 -4.23 43.96
C TRP B 94 -16.38 -5.35 44.93
N GLY B 95 -15.52 -6.36 44.99
CA GLY B 95 -15.81 -7.55 45.76
C GLY B 95 -14.70 -7.88 46.74
N THR B 96 -15.04 -8.76 47.68
CA THR B 96 -14.10 -9.31 48.64
C THR B 96 -14.03 -10.83 48.44
N HIS B 97 -13.47 -11.52 49.44
CA HIS B 97 -13.38 -12.97 49.37
C HIS B 97 -14.69 -13.66 49.73
N GLN B 98 -15.68 -12.92 50.23
CA GLN B 98 -16.96 -13.49 50.64
C GLN B 98 -18.10 -13.09 49.71
N THR B 99 -18.35 -11.79 49.55
CA THR B 99 -19.50 -11.28 48.82
C THR B 99 -19.04 -10.34 47.72
N VAL B 100 -20.01 -9.85 46.94
CA VAL B 100 -19.81 -8.83 45.93
C VAL B 100 -20.72 -7.65 46.26
N HIS B 101 -20.29 -6.46 45.88
CA HIS B 101 -21.03 -5.22 46.13
C HIS B 101 -21.50 -4.65 44.80
N LEU B 102 -22.80 -4.75 44.54
CA LEU B 102 -23.42 -4.24 43.33
C LEU B 102 -24.27 -3.02 43.63
N PRO B 103 -24.48 -2.13 42.67
CA PRO B 103 -25.34 -0.97 42.90
C PRO B 103 -26.80 -1.39 43.04
N GLY B 104 -27.60 -0.47 43.55
CA GLY B 104 -29.02 -0.73 43.70
C GLY B 104 -29.76 -0.80 42.38
N GLN B 105 -29.27 -0.08 41.36
CA GLN B 105 -29.90 -0.08 40.06
C GLN B 105 -29.57 -1.35 39.29
N LEU B 106 -30.58 -1.93 38.65
CA LEU B 106 -30.42 -3.10 37.82
C LEU B 106 -30.10 -2.68 36.38
N PRO B 107 -29.54 -3.58 35.58
CA PRO B 107 -29.26 -3.24 34.18
C PRO B 107 -30.54 -2.89 33.42
N GLN B 108 -30.55 -1.72 32.79
CA GLN B 108 -31.67 -1.26 31.98
C GLN B 108 -31.14 -0.88 30.61
N HIS B 109 -31.54 -1.61 29.58
CA HIS B 109 -31.11 -1.33 28.22
C HIS B 109 -32.15 -1.85 27.24
N GLU B 110 -32.08 -1.35 26.01
CA GLU B 110 -33.03 -1.75 24.98
C GLU B 110 -32.79 -3.19 24.51
N TYR B 111 -31.52 -3.62 24.48
CA TYR B 111 -31.22 -4.98 24.01
C TYR B 111 -31.80 -6.04 24.92
N LEU B 112 -31.86 -5.76 26.23
CA LEU B 112 -32.40 -6.70 27.20
C LEU B 112 -33.90 -6.52 27.42
N LYS B 113 -34.56 -5.68 26.61
CA LYS B 113 -35.99 -5.43 26.80
C LYS B 113 -36.80 -6.69 26.55
N GLU B 114 -36.44 -7.46 25.53
CA GLU B 114 -37.16 -8.68 25.18
C GLU B 114 -36.63 -9.92 25.89
N MET B 115 -35.78 -9.75 26.90
CA MET B 115 -35.24 -10.86 27.67
C MET B 115 -35.71 -10.74 29.11
N GLU B 116 -35.68 -11.86 29.82
CA GLU B 116 -36.08 -11.88 31.22
C GLU B 116 -34.87 -12.15 32.11
N PRO B 117 -34.79 -11.51 33.28
CA PRO B 117 -33.65 -11.75 34.18
C PRO B 117 -33.70 -13.14 34.78
N LEU B 118 -32.55 -13.80 34.82
CA LEU B 118 -32.42 -15.15 35.36
C LEU B 118 -31.57 -15.20 36.61
N GLY B 119 -31.25 -14.05 37.21
CA GLY B 119 -30.45 -14.02 38.42
C GLY B 119 -29.09 -13.39 38.23
N TRP B 120 -28.05 -14.05 38.75
CA TRP B 120 -26.70 -13.52 38.68
C TRP B 120 -25.71 -14.64 38.91
N ILE B 121 -24.49 -14.45 38.41
CA ILE B 121 -23.41 -15.41 38.54
C ILE B 121 -22.21 -14.70 39.16
N HIS B 122 -21.54 -15.36 40.10
CA HIS B 122 -20.39 -14.78 40.77
C HIS B 122 -19.36 -15.86 41.06
N THR B 123 -18.09 -15.46 41.04
CA THR B 123 -17.00 -16.38 41.35
C THR B 123 -16.87 -16.56 42.86
N GLN B 124 -16.28 -17.68 43.25
CA GLN B 124 -16.08 -18.00 44.65
C GLN B 124 -14.67 -18.57 44.82
N PRO B 125 -13.92 -18.11 45.82
CA PRO B 125 -12.54 -18.62 45.98
C PRO B 125 -12.48 -20.10 46.30
N ASN B 126 -13.29 -20.55 47.26
CA ASN B 126 -13.30 -21.95 47.68
C ASN B 126 -14.66 -22.57 47.38
N GLU B 127 -14.63 -23.85 47.02
CA GLU B 127 -15.87 -24.58 46.71
C GLU B 127 -16.55 -24.97 48.01
N SER B 128 -17.75 -24.42 48.23
CA SER B 128 -18.52 -24.75 49.43
C SER B 128 -19.62 -25.74 49.11
N PRO B 129 -19.87 -26.72 49.98
CA PRO B 129 -20.96 -27.66 49.74
C PRO B 129 -22.34 -27.03 49.81
N GLN B 130 -22.45 -25.83 50.38
CA GLN B 130 -23.72 -25.14 50.53
C GLN B 130 -23.59 -23.73 49.96
N LEU B 131 -24.73 -23.16 49.58
CA LEU B 131 -24.74 -21.77 49.12
C LEU B 131 -24.42 -20.84 50.28
N SER B 132 -23.62 -19.81 50.00
CA SER B 132 -23.14 -18.93 51.04
C SER B 132 -24.31 -18.18 51.69
N PRO B 133 -24.32 -18.03 53.02
CA PRO B 133 -25.41 -17.29 53.65
C PRO B 133 -25.50 -15.84 53.21
N GLN B 134 -24.37 -15.24 52.81
CA GLN B 134 -24.40 -13.88 52.29
C GLN B 134 -25.03 -13.82 50.91
N ASP B 135 -24.99 -14.93 50.17
CA ASP B 135 -25.63 -14.96 48.85
C ASP B 135 -27.15 -14.97 48.97
N VAL B 136 -27.69 -15.58 50.02
CA VAL B 136 -29.13 -15.48 50.27
C VAL B 136 -29.52 -14.04 50.56
N THR B 137 -28.73 -13.36 51.39
CA THR B 137 -29.03 -11.97 51.73
C THR B 137 -28.99 -11.09 50.49
N THR B 138 -28.00 -11.30 49.62
CA THR B 138 -27.90 -10.48 48.41
C THR B 138 -29.05 -10.78 47.46
N HIS B 139 -29.34 -12.07 47.22
CA HIS B 139 -30.39 -12.42 46.27
C HIS B 139 -31.76 -12.00 46.77
N ALA B 140 -32.01 -12.14 48.07
CA ALA B 140 -33.33 -11.79 48.60
C ALA B 140 -33.53 -10.27 48.63
N LYS B 141 -32.47 -9.52 48.93
CA LYS B 141 -32.58 -8.06 48.95
C LYS B 141 -32.81 -7.49 47.55
N ILE B 142 -32.27 -8.15 46.52
CA ILE B 142 -32.53 -7.72 45.15
C ILE B 142 -33.99 -7.98 44.79
N MET B 143 -34.53 -9.12 45.24
CA MET B 143 -35.94 -9.41 44.97
C MET B 143 -36.86 -8.44 45.68
N ALA B 144 -36.47 -7.95 46.86
CA ALA B 144 -37.32 -7.03 47.60
C ALA B 144 -37.38 -5.66 46.93
N ASP B 145 -36.33 -5.26 46.23
CA ASP B 145 -36.29 -3.97 45.57
C ASP B 145 -36.72 -4.03 44.11
N ASN B 146 -36.74 -5.23 43.51
CA ASN B 146 -37.11 -5.38 42.11
C ASN B 146 -38.07 -6.55 41.95
N PRO B 147 -39.36 -6.30 41.68
CA PRO B 147 -40.31 -7.41 41.52
C PRO B 147 -40.11 -8.22 40.26
N SER B 148 -39.28 -7.74 39.32
CA SER B 148 -39.02 -8.49 38.10
C SER B 148 -38.22 -9.76 38.35
N TRP B 149 -37.61 -9.90 39.52
CA TRP B 149 -36.85 -11.09 39.88
C TRP B 149 -37.78 -12.06 40.59
N ASP B 150 -38.24 -13.08 39.85
CA ASP B 150 -39.11 -14.10 40.43
C ASP B 150 -38.29 -15.06 41.29
N GLY B 151 -38.94 -15.64 42.29
CA GLY B 151 -38.26 -16.57 43.16
C GLY B 151 -37.96 -17.90 42.50
N GLU B 152 -38.81 -18.34 41.59
CA GLU B 152 -38.64 -19.61 40.89
C GLU B 152 -38.00 -19.43 39.51
N LYS B 153 -37.45 -18.25 39.21
CA LYS B 153 -36.88 -18.00 37.90
C LYS B 153 -35.45 -17.49 38.00
N THR B 154 -35.14 -16.74 39.06
CA THR B 154 -33.81 -16.20 39.26
C THR B 154 -32.98 -17.15 40.10
N ILE B 155 -31.72 -17.35 39.68
CA ILE B 155 -30.81 -18.30 40.30
C ILE B 155 -29.50 -17.62 40.63
N ILE B 156 -28.65 -18.34 41.35
CA ILE B 156 -27.31 -17.87 41.71
C ILE B 156 -26.33 -18.96 41.28
N ILE B 157 -25.50 -18.64 40.29
CA ILE B 157 -24.49 -19.57 39.80
C ILE B 157 -23.15 -19.20 40.45
N THR B 158 -22.55 -20.16 41.13
CA THR B 158 -21.27 -19.96 41.81
C THR B 158 -20.16 -20.67 41.02
N CYS B 159 -19.21 -19.89 40.52
CA CYS B 159 -18.05 -20.43 39.81
C CYS B 159 -16.92 -20.56 40.83
N SER B 160 -16.86 -21.70 41.49
CA SER B 160 -15.88 -21.92 42.54
C SER B 160 -14.51 -22.26 41.94
N PHE B 161 -13.47 -21.66 42.51
CA PHE B 161 -12.09 -21.85 42.04
C PHE B 161 -11.52 -23.10 42.70
N THR B 162 -11.79 -24.24 42.10
CA THR B 162 -11.12 -25.43 42.59
C THR B 162 -9.79 -25.63 41.86
N PRO B 163 -8.70 -25.96 42.59
CA PRO B 163 -7.35 -26.01 41.99
C PRO B 163 -7.26 -26.61 40.59
N GLY B 164 -6.66 -25.86 39.66
CA GLY B 164 -6.53 -26.26 38.28
C GLY B 164 -7.83 -26.48 37.54
N SER B 165 -8.98 -26.29 38.18
CA SER B 165 -10.26 -26.63 37.60
C SER B 165 -11.21 -25.43 37.64
N CYS B 166 -12.50 -25.70 37.43
CA CYS B 166 -13.53 -24.66 37.54
C CYS B 166 -14.88 -25.38 37.61
N THR B 167 -15.38 -25.58 38.82
CA THR B 167 -16.65 -26.27 39.02
C THR B 167 -17.77 -25.27 39.22
N LEU B 168 -18.91 -25.54 38.59
CA LEU B 168 -20.06 -24.65 38.60
C LEU B 168 -21.20 -25.29 39.37
N THR B 169 -21.75 -24.54 40.33
CA THR B 169 -22.94 -24.93 41.06
C THR B 169 -23.96 -23.81 40.98
N ALA B 170 -25.22 -24.18 40.75
CA ALA B 170 -26.30 -23.21 40.60
C ALA B 170 -27.42 -23.54 41.57
N TYR B 171 -27.88 -22.54 42.31
CA TYR B 171 -28.92 -22.69 43.30
C TYR B 171 -30.07 -21.73 42.99
N LYS B 172 -31.19 -21.95 43.69
CA LYS B 172 -32.32 -21.02 43.64
C LYS B 172 -32.88 -20.88 45.05
N LEU B 173 -33.51 -19.74 45.31
CA LEU B 173 -34.01 -19.43 46.64
C LEU B 173 -35.41 -20.00 46.84
N THR B 174 -35.74 -20.27 48.10
CA THR B 174 -37.04 -20.75 48.52
C THR B 174 -37.81 -19.62 49.20
N PRO B 175 -39.13 -19.77 49.37
CA PRO B 175 -39.87 -18.79 50.19
C PRO B 175 -39.28 -18.63 51.59
N SER B 176 -38.76 -19.70 52.19
CA SER B 176 -38.07 -19.57 53.45
C SER B 176 -36.79 -18.75 53.30
N GLY B 177 -36.10 -18.91 52.17
CA GLY B 177 -34.86 -18.20 51.93
C GLY B 177 -35.06 -16.75 51.53
N TYR B 178 -36.03 -16.50 50.66
CA TYR B 178 -36.31 -15.11 50.26
C TYR B 178 -36.73 -14.29 51.47
N GLU B 179 -37.48 -14.88 52.39
CA GLU B 179 -37.85 -14.18 53.61
C GLU B 179 -36.59 -13.83 54.40
N TRP B 180 -36.06 -14.78 55.18
CA TRP B 180 -34.91 -14.54 56.04
C TRP B 180 -33.80 -13.74 55.36
N GLY B 181 -33.65 -13.90 54.05
CA GLY B 181 -32.57 -13.23 53.35
C GLY B 181 -32.64 -11.72 53.46
N ARG B 182 -33.83 -11.15 53.25
CA ARG B 182 -33.98 -9.70 53.36
C ARG B 182 -34.03 -9.23 54.81
N GLN B 183 -34.31 -10.12 55.75
CA GLN B 183 -34.23 -9.77 57.17
C GLN B 183 -32.79 -9.68 57.66
N ASN B 184 -31.85 -10.26 56.93
CA ASN B 184 -30.49 -10.45 57.43
C ASN B 184 -29.74 -9.13 57.50
N THR B 185 -29.31 -8.77 58.71
CA THR B 185 -28.40 -7.65 58.93
C THR B 185 -27.01 -8.11 59.34
N ASP B 186 -26.78 -9.42 59.39
CA ASP B 186 -25.51 -9.98 59.83
C ASP B 186 -24.70 -10.43 58.61
N LYS B 187 -23.55 -9.79 58.41
CA LYS B 187 -22.65 -10.15 57.32
C LYS B 187 -21.80 -11.38 57.64
N GLY B 188 -22.24 -12.21 58.58
CA GLY B 188 -21.44 -13.33 59.02
C GLY B 188 -21.53 -14.54 58.11
N ASN B 189 -20.67 -15.51 58.39
CA ASN B 189 -20.69 -16.80 57.71
C ASN B 189 -21.62 -17.79 58.38
N ASN B 190 -21.92 -17.61 59.66
CA ASN B 190 -22.93 -18.37 60.38
C ASN B 190 -23.91 -17.39 61.01
N PRO B 191 -24.72 -16.71 60.19
CA PRO B 191 -25.70 -15.76 60.74
C PRO B 191 -26.85 -16.49 61.41
N LYS B 192 -27.91 -15.80 61.78
CA LYS B 192 -29.02 -16.47 62.48
C LYS B 192 -30.30 -16.42 61.67
N GLY B 193 -31.06 -17.51 61.76
CA GLY B 193 -32.12 -17.81 60.83
C GLY B 193 -31.65 -18.51 59.57
N TYR B 194 -30.34 -18.56 59.32
CA TYR B 194 -29.80 -19.20 58.13
C TYR B 194 -29.85 -20.72 58.30
N LEU B 195 -30.57 -21.38 57.40
CA LEU B 195 -30.71 -22.82 57.42
C LEU B 195 -30.55 -23.33 55.99
N PRO B 196 -30.18 -24.61 55.82
CA PRO B 196 -30.17 -25.19 54.47
C PRO B 196 -31.54 -25.23 53.81
N SER B 197 -32.61 -24.93 54.55
CA SER B 197 -33.97 -24.82 54.02
C SER B 197 -34.19 -23.54 53.23
N HIS B 198 -33.13 -22.79 52.94
CA HIS B 198 -33.24 -21.49 52.27
C HIS B 198 -32.89 -21.54 50.79
N TYR B 199 -32.45 -22.70 50.28
CA TYR B 199 -32.02 -22.77 48.89
C TYR B 199 -32.11 -24.21 48.42
N GLU B 200 -32.16 -24.37 47.10
CA GLU B 200 -32.19 -25.68 46.46
C GLU B 200 -31.50 -25.58 45.12
N ARG B 201 -30.81 -26.66 44.73
CA ARG B 201 -29.98 -26.64 43.53
C ARG B 201 -30.84 -26.77 42.27
N VAL B 202 -30.50 -25.99 41.26
CA VAL B 202 -31.11 -26.10 39.95
C VAL B 202 -30.19 -26.91 39.06
N GLN B 203 -30.70 -27.29 37.88
CA GLN B 203 -29.89 -28.00 36.90
C GLN B 203 -29.30 -27.00 35.91
N MET B 204 -27.99 -27.09 35.70
CA MET B 204 -27.26 -26.21 34.80
C MET B 204 -26.46 -27.04 33.82
N LEU B 205 -26.55 -26.71 32.54
CA LEU B 205 -25.89 -27.46 31.48
C LEU B 205 -25.11 -26.51 30.59
N LEU B 206 -23.80 -26.68 30.54
CA LEU B 206 -22.98 -25.95 29.58
C LEU B 206 -23.16 -26.54 28.19
N SER B 207 -23.08 -25.68 27.17
CA SER B 207 -23.33 -26.13 25.82
C SER B 207 -22.67 -25.17 24.84
N ASP B 208 -22.49 -25.67 23.61
CA ASP B 208 -21.95 -24.87 22.51
C ASP B 208 -22.97 -24.73 21.37
N ARG B 209 -24.26 -24.91 21.66
CA ARG B 209 -25.27 -24.82 20.61
C ARG B 209 -25.44 -23.39 20.13
N PHE B 210 -25.44 -22.43 21.05
CA PHE B 210 -25.55 -21.02 20.72
C PHE B 210 -24.39 -20.27 21.36
N LEU B 211 -24.40 -18.94 21.19
CA LEU B 211 -23.37 -18.08 21.75
C LEU B 211 -24.03 -16.88 22.42
N GLY B 212 -23.52 -16.53 23.60
CA GLY B 212 -23.97 -15.35 24.30
C GLY B 212 -23.09 -14.15 24.04
N PHE B 213 -23.52 -13.01 24.58
CA PHE B 213 -22.79 -11.76 24.46
C PHE B 213 -22.69 -11.10 25.83
N PHE B 214 -21.94 -10.00 25.87
CA PHE B 214 -21.71 -9.26 27.10
C PHE B 214 -22.25 -7.84 26.98
N MET B 215 -22.47 -7.21 28.12
CA MET B 215 -22.88 -5.82 28.18
C MET B 215 -22.10 -5.15 29.30
N VAL B 216 -21.36 -4.09 28.96
CA VAL B 216 -20.51 -3.39 29.92
C VAL B 216 -21.02 -1.96 30.01
N PRO B 217 -20.62 -1.21 31.05
CA PRO B 217 -21.06 0.18 31.16
C PRO B 217 -20.58 1.02 30.00
N ALA B 218 -21.29 2.12 29.76
CA ALA B 218 -21.00 3.01 28.63
C ALA B 218 -19.70 3.77 28.84
N GLN B 219 -19.74 4.80 29.67
CA GLN B 219 -18.56 5.63 29.95
C GLN B 219 -17.95 5.26 31.29
N SER B 220 -17.76 3.96 31.52
CA SER B 220 -17.30 3.48 32.81
C SER B 220 -16.48 2.19 32.65
N SER B 221 -16.46 1.37 33.68
CA SER B 221 -15.89 0.03 33.62
C SER B 221 -16.49 -0.77 34.77
N TRP B 222 -16.36 -2.10 34.68
CA TRP B 222 -17.01 -2.94 35.67
C TRP B 222 -16.18 -3.11 36.94
N ASN B 223 -14.85 -3.11 36.81
CA ASN B 223 -13.97 -3.35 37.95
C ASN B 223 -13.72 -2.05 38.70
N TYR B 224 -14.14 -2.01 39.97
CA TYR B 224 -13.91 -0.87 40.84
C TYR B 224 -13.12 -1.25 42.10
N ASN B 225 -12.41 -2.38 42.05
CA ASN B 225 -11.71 -2.85 43.24
C ASN B 225 -10.53 -1.94 43.61
N PHE B 226 -9.91 -1.31 42.63
CA PHE B 226 -8.81 -0.38 42.88
C PHE B 226 -9.28 1.06 42.99
N MET B 227 -10.59 1.29 43.05
CA MET B 227 -11.13 2.63 43.22
C MET B 227 -12.45 2.54 43.98
N GLY B 228 -12.44 1.80 45.08
CA GLY B 228 -13.65 1.60 45.88
C GLY B 228 -14.22 2.87 46.46
N VAL B 229 -13.40 3.89 46.65
CA VAL B 229 -13.91 5.18 47.12
C VAL B 229 -14.83 5.79 46.09
N ARG B 230 -14.57 5.55 44.80
CA ARG B 230 -15.46 6.01 43.74
C ARG B 230 -16.76 5.23 43.68
N HIS B 231 -16.84 4.09 44.36
CA HIS B 231 -18.05 3.27 44.35
C HIS B 231 -19.03 3.76 45.41
N ASP B 232 -20.32 3.72 45.07
CA ASP B 232 -21.39 4.15 45.94
C ASP B 232 -22.63 3.35 45.57
N PRO B 233 -23.36 2.79 46.55
CA PRO B 233 -24.47 1.88 46.22
C PRO B 233 -25.62 2.53 45.46
N ASN B 234 -25.73 3.86 45.43
CA ASN B 234 -26.77 4.54 44.66
C ASN B 234 -26.23 5.17 43.38
N MET B 235 -25.20 4.58 42.79
CA MET B 235 -24.70 5.06 41.51
C MET B 235 -25.61 4.58 40.38
N LYS B 236 -25.72 5.40 39.34
CA LYS B 236 -26.45 5.06 38.14
C LYS B 236 -25.48 4.85 36.98
N TYR B 237 -25.90 4.07 36.00
CA TYR B 237 -25.02 3.72 34.90
C TYR B 237 -25.84 3.31 33.68
N GLU B 238 -25.34 3.65 32.51
CA GLU B 238 -25.86 3.13 31.25
C GLU B 238 -24.94 2.03 30.75
N LEU B 239 -25.39 1.34 29.70
CA LEU B 239 -24.69 0.15 29.21
C LEU B 239 -24.42 0.28 27.72
N GLN B 240 -23.43 -0.50 27.27
CA GLN B 240 -23.08 -0.58 25.86
C GLN B 240 -22.86 -2.04 25.49
N LEU B 241 -22.87 -2.30 24.19
CA LEU B 241 -22.70 -3.65 23.66
C LEU B 241 -21.21 -3.88 23.37
N ALA B 242 -20.50 -4.42 24.35
CA ALA B 242 -19.07 -4.67 24.20
C ALA B 242 -18.65 -5.71 25.23
N ASN B 243 -17.47 -6.31 24.98
CA ASN B 243 -16.90 -7.32 25.87
C ASN B 243 -16.09 -6.66 26.97
N PRO B 244 -16.09 -7.22 28.17
CA PRO B 244 -15.37 -6.60 29.29
C PRO B 244 -13.86 -6.81 29.20
N LYS B 245 -13.15 -5.95 29.90
CA LYS B 245 -11.70 -6.03 29.99
C LYS B 245 -11.29 -6.91 31.16
N GLU B 246 -10.03 -7.35 31.13
CA GLU B 246 -9.52 -8.21 32.18
C GLU B 246 -9.51 -7.49 33.52
N PHE B 247 -9.36 -8.27 34.60
CA PHE B 247 -9.41 -7.71 35.94
C PHE B 247 -8.32 -6.66 36.14
N TYR B 248 -7.07 -7.02 35.86
CA TYR B 248 -5.94 -6.12 36.05
C TYR B 248 -5.60 -5.33 34.80
N HIS B 249 -6.60 -4.95 34.01
CA HIS B 249 -6.37 -4.09 32.87
C HIS B 249 -5.89 -2.72 33.34
N GLU B 250 -5.25 -1.98 32.42
CA GLU B 250 -4.64 -0.71 32.77
C GLU B 250 -5.68 0.30 33.25
N VAL B 251 -6.84 0.35 32.59
CA VAL B 251 -7.86 1.33 32.96
C VAL B 251 -8.55 1.01 34.27
N HIS B 252 -8.27 -0.15 34.86
CA HIS B 252 -8.88 -0.54 36.13
C HIS B 252 -8.05 -0.11 37.33
N ARG B 253 -6.81 0.30 37.14
CA ARG B 253 -5.91 0.69 38.23
C ARG B 253 -5.01 1.83 37.77
N PRO B 254 -5.58 3.01 37.56
CA PRO B 254 -4.75 4.14 37.11
C PRO B 254 -3.77 4.63 38.16
N SER B 255 -4.08 4.44 39.44
CA SER B 255 -3.18 4.90 40.50
C SER B 255 -1.83 4.20 40.44
N HIS B 256 -1.81 2.93 40.02
CA HIS B 256 -0.54 2.22 39.91
C HIS B 256 0.33 2.82 38.81
N PHE B 257 -0.28 3.43 37.80
CA PHE B 257 0.47 4.05 36.71
C PHE B 257 0.75 5.53 36.97
N LEU B 258 -0.22 6.24 37.56
CA LEU B 258 -0.03 7.67 37.81
C LEU B 258 0.97 7.93 38.93
N ASN B 259 0.89 7.14 40.01
CA ASN B 259 1.80 7.34 41.13
C ASN B 259 3.22 6.91 40.79
N PHE B 260 3.37 5.98 39.85
CA PHE B 260 4.69 5.57 39.38
C PHE B 260 5.32 6.57 38.42
N ALA B 261 4.60 7.62 38.05
CA ALA B 261 5.12 8.62 37.12
C ALA B 261 5.93 9.72 37.81
N LEU B 262 6.06 9.68 39.13
CA LEU B 262 6.86 10.68 39.85
C LEU B 262 7.59 9.99 40.99
N LEU B 263 8.87 9.73 40.79
CA LEU B 263 9.74 9.19 41.82
C LEU B 263 11.10 9.88 41.78
#